data_4EVE
# 
_entry.id   4EVE 
# 
_audit_conform.dict_name       mmcif_pdbx.dic 
_audit_conform.dict_version    5.381 
_audit_conform.dict_location   http://mmcif.pdb.org/dictionaries/ascii/mmcif_pdbx.dic 
# 
loop_
_database_2.database_id 
_database_2.database_code 
_database_2.pdbx_database_accession 
_database_2.pdbx_DOI 
PDB   4EVE         pdb_00004eve 10.2210/pdb4eve/pdb 
RCSB  RCSB072116   ?            ?                   
WWPDB D_1000072116 ?            ?                   
# 
loop_
_pdbx_database_related.db_name 
_pdbx_database_related.db_id 
_pdbx_database_related.details 
_pdbx_database_related.content_type 
PDB 3TA8 'The same protein from different species in iron-loaded form.' unspecified 
PDB 3T9J 'The same protein from different species in apo form.'         unspecified 
PDB 4EVB .                                                              unspecified 
PDB 4EVC .                                                              unspecified 
PDB 4EVD .                                                              unspecified 
# 
_pdbx_database_status.entry_id                        4EVE 
_pdbx_database_status.status_code                     REL 
_pdbx_database_status.methods_development_category    ? 
_pdbx_database_status.deposit_site                    RCSB 
_pdbx_database_status.process_site                    PDBJ 
_pdbx_database_status.recvd_initial_deposition_date   2012-04-26 
_pdbx_database_status.status_code_sf                  REL 
_pdbx_database_status.status_code_mr                  ? 
_pdbx_database_status.SG_entry                        ? 
_pdbx_database_status.status_code_cs                  ? 
_pdbx_database_status.pdb_format_compatible           Y 
_pdbx_database_status.status_code_nmr_data            ? 
# 
loop_
_audit_author.name 
_audit_author.pdbx_ordinal 
'Yokoyama, H.' 1 
'Tsuruta, O.'  2 
'Akao, N.'     3 
'Fujii, S.'    4 
# 
loop_
_citation.id 
_citation.title 
_citation.journal_abbrev 
_citation.journal_volume 
_citation.page_first 
_citation.page_last 
_citation.year 
_citation.journal_id_ASTM 
_citation.country 
_citation.journal_id_ISSN 
_citation.journal_id_CSD 
_citation.book_publisher 
_citation.pdbx_database_id_PubMed 
_citation.pdbx_database_id_DOI 
primary 
;Crystal structure of Helicobacter pylori neutrophil-activating protein with a di-nuclear ferroxidase center in a zinc or cadmium-bound form
;
Biochem.Biophys.Res.Commun. 422 745 750 2012 BBRCA9 US 0006-291X 0146 ? 22618234 10.1016/j.bbrc.2012.05.073 
1       'A new crystal lattice structure of Helicobacter pylori neutrophil-activating protein (HP-NAP)' 'Acta Crystallogr.,Sect.F' 
68  134 140 2012 ?      DK 1744-3091 ?    ? 22297984 10.1107/S1744309111052675  
# 
loop_
_citation_author.citation_id 
_citation_author.name 
_citation_author.ordinal 
_citation_author.identifier_ORCID 
primary 'Yokoyama, H.' 1 ? 
primary 'Tsuruta, O.'  2 ? 
primary 'Akao, N.'     3 ? 
primary 'Fujii, S.'    4 ? 
1       'Tsuruta, O.'  5 ? 
1       'Yokoyama, H.' 6 ? 
1       'Fujii, S.'    7 ? 
# 
_cell.length_a           187.790 
_cell.length_b           187.790 
_cell.length_c           187.790 
_cell.angle_alpha        90.000 
_cell.angle_beta         90.000 
_cell.angle_gamma        90.000 
_cell.entry_id           4EVE 
_cell.pdbx_unique_axis   ? 
_cell.Z_PDB              96 
_cell.length_a_esd       ? 
_cell.length_b_esd       ? 
_cell.length_c_esd       ? 
_cell.angle_alpha_esd    ? 
_cell.angle_beta_esd     ? 
_cell.angle_gamma_esd    ? 
# 
_symmetry.space_group_name_H-M             'F 4 3 2' 
_symmetry.entry_id                         4EVE 
_symmetry.pdbx_full_space_group_name_H-M   ? 
_symmetry.Int_Tables_number                209 
_symmetry.cell_setting                     ? 
_symmetry.space_group_name_Hall            ? 
# 
loop_
_entity.id 
_entity.type 
_entity.src_method 
_entity.pdbx_description 
_entity.formula_weight 
_entity.pdbx_number_of_molecules 
_entity.pdbx_ec 
_entity.pdbx_mutation 
_entity.pdbx_fragment 
_entity.details 
1 polymer     man 'Neutrophil-activating protein' 19106.736 1   ? ? ? ? 
2 non-polymer syn 'SULFATE ION'                   96.063    2   ? ? ? ? 
3 water       nat water                           18.015    122 ? ? ? ? 
# 
_entity_poly.entity_id                      1 
_entity_poly.type                           'polypeptide(L)' 
_entity_poly.nstd_linkage                   no 
_entity_poly.nstd_monomer                   no 
_entity_poly.pdbx_seq_one_letter_code       
;MGSSHHHHHHSSGLVPRGSHMKTFEILKHLQADAIVLFMKVHNFHWNVKGTDFFNVHKATEEIYEEFADMFDDLAERIVQ
LGHHPLVTLSEAIKLTRVKEETKTSFHSKDIFKEILEDYKHLEKEFKELSNTAEKEGDKVTVTYADDQLAKLQKSIWMLQ
AHLA
;
_entity_poly.pdbx_seq_one_letter_code_can   
;MGSSHHHHHHSSGLVPRGSHMKTFEILKHLQADAIVLFMKVHNFHWNVKGTDFFNVHKATEEIYEEFADMFDDLAERIVQ
LGHHPLVTLSEAIKLTRVKEETKTSFHSKDIFKEILEDYKHLEKEFKELSNTAEKEGDKVTVTYADDQLAKLQKSIWMLQ
AHLA
;
_entity_poly.pdbx_strand_id                 A 
_entity_poly.pdbx_target_identifier         ? 
# 
loop_
_entity_poly_seq.entity_id 
_entity_poly_seq.num 
_entity_poly_seq.mon_id 
_entity_poly_seq.hetero 
1 1   MET n 
1 2   GLY n 
1 3   SER n 
1 4   SER n 
1 5   HIS n 
1 6   HIS n 
1 7   HIS n 
1 8   HIS n 
1 9   HIS n 
1 10  HIS n 
1 11  SER n 
1 12  SER n 
1 13  GLY n 
1 14  LEU n 
1 15  VAL n 
1 16  PRO n 
1 17  ARG n 
1 18  GLY n 
1 19  SER n 
1 20  HIS n 
1 21  MET n 
1 22  LYS n 
1 23  THR n 
1 24  PHE n 
1 25  GLU n 
1 26  ILE n 
1 27  LEU n 
1 28  LYS n 
1 29  HIS n 
1 30  LEU n 
1 31  GLN n 
1 32  ALA n 
1 33  ASP n 
1 34  ALA n 
1 35  ILE n 
1 36  VAL n 
1 37  LEU n 
1 38  PHE n 
1 39  MET n 
1 40  LYS n 
1 41  VAL n 
1 42  HIS n 
1 43  ASN n 
1 44  PHE n 
1 45  HIS n 
1 46  TRP n 
1 47  ASN n 
1 48  VAL n 
1 49  LYS n 
1 50  GLY n 
1 51  THR n 
1 52  ASP n 
1 53  PHE n 
1 54  PHE n 
1 55  ASN n 
1 56  VAL n 
1 57  HIS n 
1 58  LYS n 
1 59  ALA n 
1 60  THR n 
1 61  GLU n 
1 62  GLU n 
1 63  ILE n 
1 64  TYR n 
1 65  GLU n 
1 66  GLU n 
1 67  PHE n 
1 68  ALA n 
1 69  ASP n 
1 70  MET n 
1 71  PHE n 
1 72  ASP n 
1 73  ASP n 
1 74  LEU n 
1 75  ALA n 
1 76  GLU n 
1 77  ARG n 
1 78  ILE n 
1 79  VAL n 
1 80  GLN n 
1 81  LEU n 
1 82  GLY n 
1 83  HIS n 
1 84  HIS n 
1 85  PRO n 
1 86  LEU n 
1 87  VAL n 
1 88  THR n 
1 89  LEU n 
1 90  SER n 
1 91  GLU n 
1 92  ALA n 
1 93  ILE n 
1 94  LYS n 
1 95  LEU n 
1 96  THR n 
1 97  ARG n 
1 98  VAL n 
1 99  LYS n 
1 100 GLU n 
1 101 GLU n 
1 102 THR n 
1 103 LYS n 
1 104 THR n 
1 105 SER n 
1 106 PHE n 
1 107 HIS n 
1 108 SER n 
1 109 LYS n 
1 110 ASP n 
1 111 ILE n 
1 112 PHE n 
1 113 LYS n 
1 114 GLU n 
1 115 ILE n 
1 116 LEU n 
1 117 GLU n 
1 118 ASP n 
1 119 TYR n 
1 120 LYS n 
1 121 HIS n 
1 122 LEU n 
1 123 GLU n 
1 124 LYS n 
1 125 GLU n 
1 126 PHE n 
1 127 LYS n 
1 128 GLU n 
1 129 LEU n 
1 130 SER n 
1 131 ASN n 
1 132 THR n 
1 133 ALA n 
1 134 GLU n 
1 135 LYS n 
1 136 GLU n 
1 137 GLY n 
1 138 ASP n 
1 139 LYS n 
1 140 VAL n 
1 141 THR n 
1 142 VAL n 
1 143 THR n 
1 144 TYR n 
1 145 ALA n 
1 146 ASP n 
1 147 ASP n 
1 148 GLN n 
1 149 LEU n 
1 150 ALA n 
1 151 LYS n 
1 152 LEU n 
1 153 GLN n 
1 154 LYS n 
1 155 SER n 
1 156 ILE n 
1 157 TRP n 
1 158 MET n 
1 159 LEU n 
1 160 GLN n 
1 161 ALA n 
1 162 HIS n 
1 163 LEU n 
1 164 ALA n 
# 
_entity_src_gen.entity_id                          1 
_entity_src_gen.pdbx_src_id                        1 
_entity_src_gen.pdbx_alt_source_flag               sample 
_entity_src_gen.pdbx_seq_type                      ? 
_entity_src_gen.pdbx_beg_seq_num                   ? 
_entity_src_gen.pdbx_end_seq_num                   ? 
_entity_src_gen.gene_src_common_name               ? 
_entity_src_gen.gene_src_genus                     ? 
_entity_src_gen.pdbx_gene_src_gene                 napA 
_entity_src_gen.gene_src_species                   ? 
_entity_src_gen.gene_src_strain                    YS29 
_entity_src_gen.gene_src_tissue                    ? 
_entity_src_gen.gene_src_tissue_fraction           ? 
_entity_src_gen.gene_src_details                   ? 
_entity_src_gen.pdbx_gene_src_fragment             ? 
_entity_src_gen.pdbx_gene_src_scientific_name      'Helicobacter pylori' 
_entity_src_gen.pdbx_gene_src_ncbi_taxonomy_id     210 
_entity_src_gen.pdbx_gene_src_variant              ? 
_entity_src_gen.pdbx_gene_src_cell_line            ? 
_entity_src_gen.pdbx_gene_src_atcc                 ? 
_entity_src_gen.pdbx_gene_src_organ                ? 
_entity_src_gen.pdbx_gene_src_organelle            ? 
_entity_src_gen.pdbx_gene_src_cell                 ? 
_entity_src_gen.pdbx_gene_src_cellular_location    ? 
_entity_src_gen.host_org_common_name               ? 
_entity_src_gen.pdbx_host_org_scientific_name      'Escherichia coli' 
_entity_src_gen.pdbx_host_org_ncbi_taxonomy_id     562 
_entity_src_gen.host_org_genus                     ? 
_entity_src_gen.pdbx_host_org_gene                 ? 
_entity_src_gen.pdbx_host_org_organ                ? 
_entity_src_gen.host_org_species                   ? 
_entity_src_gen.pdbx_host_org_tissue               ? 
_entity_src_gen.pdbx_host_org_tissue_fraction      ? 
_entity_src_gen.pdbx_host_org_strain               'BL21(DE3)' 
_entity_src_gen.pdbx_host_org_variant              ? 
_entity_src_gen.pdbx_host_org_cell_line            ? 
_entity_src_gen.pdbx_host_org_atcc                 ? 
_entity_src_gen.pdbx_host_org_culture_collection   ? 
_entity_src_gen.pdbx_host_org_cell                 ? 
_entity_src_gen.pdbx_host_org_organelle            ? 
_entity_src_gen.pdbx_host_org_cellular_location    ? 
_entity_src_gen.pdbx_host_org_vector_type          plasmid 
_entity_src_gen.pdbx_host_org_vector               ? 
_entity_src_gen.host_org_details                   ? 
_entity_src_gen.expression_system_id               ? 
_entity_src_gen.plasmid_name                       pET15b 
_entity_src_gen.plasmid_details                    ? 
_entity_src_gen.pdbx_description                   ? 
# 
_struct_ref.id                         1 
_struct_ref.db_name                    UNP 
_struct_ref.db_code                    G1UIZ2_HELPX 
_struct_ref.pdbx_db_accession          G1UIZ2 
_struct_ref.entity_id                  1 
_struct_ref.pdbx_seq_one_letter_code   
;MKTFEILKHLQADAIVLFMKVHNFHWNVKGTDFFNVHKATEEIYEEFADMFDDLAERIVQLGHHPLVTLSEAIKLTRVKE
ETKTSFHSKDIFKEILEDYKHLEKEFKELSNTAEKEGDKVTVTYADDQLAKLQKSIWMLQAHLA
;
_struct_ref.pdbx_align_begin           1 
_struct_ref.pdbx_db_isoform            ? 
# 
_struct_ref_seq.align_id                      1 
_struct_ref_seq.ref_id                        1 
_struct_ref_seq.pdbx_PDB_id_code              4EVE 
_struct_ref_seq.pdbx_strand_id                A 
_struct_ref_seq.seq_align_beg                 21 
_struct_ref_seq.pdbx_seq_align_beg_ins_code   ? 
_struct_ref_seq.seq_align_end                 164 
_struct_ref_seq.pdbx_seq_align_end_ins_code   ? 
_struct_ref_seq.pdbx_db_accession             G1UIZ2 
_struct_ref_seq.db_align_beg                  1 
_struct_ref_seq.pdbx_db_align_beg_ins_code    ? 
_struct_ref_seq.db_align_end                  144 
_struct_ref_seq.pdbx_db_align_end_ins_code    ? 
_struct_ref_seq.pdbx_auth_seq_align_beg       1 
_struct_ref_seq.pdbx_auth_seq_align_end       144 
# 
loop_
_struct_ref_seq_dif.align_id 
_struct_ref_seq_dif.pdbx_pdb_id_code 
_struct_ref_seq_dif.mon_id 
_struct_ref_seq_dif.pdbx_pdb_strand_id 
_struct_ref_seq_dif.seq_num 
_struct_ref_seq_dif.pdbx_pdb_ins_code 
_struct_ref_seq_dif.pdbx_seq_db_name 
_struct_ref_seq_dif.pdbx_seq_db_accession_code 
_struct_ref_seq_dif.db_mon_id 
_struct_ref_seq_dif.pdbx_seq_db_seq_num 
_struct_ref_seq_dif.details 
_struct_ref_seq_dif.pdbx_auth_seq_num 
_struct_ref_seq_dif.pdbx_ordinal 
1 4EVE MET A 1  ? UNP G1UIZ2 ? ? 'expression tag' -19 1  
1 4EVE GLY A 2  ? UNP G1UIZ2 ? ? 'expression tag' -18 2  
1 4EVE SER A 3  ? UNP G1UIZ2 ? ? 'expression tag' -17 3  
1 4EVE SER A 4  ? UNP G1UIZ2 ? ? 'expression tag' -16 4  
1 4EVE HIS A 5  ? UNP G1UIZ2 ? ? 'expression tag' -15 5  
1 4EVE HIS A 6  ? UNP G1UIZ2 ? ? 'expression tag' -14 6  
1 4EVE HIS A 7  ? UNP G1UIZ2 ? ? 'expression tag' -13 7  
1 4EVE HIS A 8  ? UNP G1UIZ2 ? ? 'expression tag' -12 8  
1 4EVE HIS A 9  ? UNP G1UIZ2 ? ? 'expression tag' -11 9  
1 4EVE HIS A 10 ? UNP G1UIZ2 ? ? 'expression tag' -10 10 
1 4EVE SER A 11 ? UNP G1UIZ2 ? ? 'expression tag' -9  11 
1 4EVE SER A 12 ? UNP G1UIZ2 ? ? 'expression tag' -8  12 
1 4EVE GLY A 13 ? UNP G1UIZ2 ? ? 'expression tag' -7  13 
1 4EVE LEU A 14 ? UNP G1UIZ2 ? ? 'expression tag' -6  14 
1 4EVE VAL A 15 ? UNP G1UIZ2 ? ? 'expression tag' -5  15 
1 4EVE PRO A 16 ? UNP G1UIZ2 ? ? 'expression tag' -4  16 
1 4EVE ARG A 17 ? UNP G1UIZ2 ? ? 'expression tag' -3  17 
1 4EVE GLY A 18 ? UNP G1UIZ2 ? ? 'expression tag' -2  18 
1 4EVE SER A 19 ? UNP G1UIZ2 ? ? 'expression tag' -1  19 
1 4EVE HIS A 20 ? UNP G1UIZ2 ? ? 'expression tag' 0   20 
# 
loop_
_chem_comp.id 
_chem_comp.type 
_chem_comp.mon_nstd_flag 
_chem_comp.name 
_chem_comp.pdbx_synonyms 
_chem_comp.formula 
_chem_comp.formula_weight 
ALA 'L-peptide linking' y ALANINE         ? 'C3 H7 N O2'     89.093  
ARG 'L-peptide linking' y ARGININE        ? 'C6 H15 N4 O2 1' 175.209 
ASN 'L-peptide linking' y ASPARAGINE      ? 'C4 H8 N2 O3'    132.118 
ASP 'L-peptide linking' y 'ASPARTIC ACID' ? 'C4 H7 N O4'     133.103 
GLN 'L-peptide linking' y GLUTAMINE       ? 'C5 H10 N2 O3'   146.144 
GLU 'L-peptide linking' y 'GLUTAMIC ACID' ? 'C5 H9 N O4'     147.129 
GLY 'peptide linking'   y GLYCINE         ? 'C2 H5 N O2'     75.067  
HIS 'L-peptide linking' y HISTIDINE       ? 'C6 H10 N3 O2 1' 156.162 
HOH non-polymer         . WATER           ? 'H2 O'           18.015  
ILE 'L-peptide linking' y ISOLEUCINE      ? 'C6 H13 N O2'    131.173 
LEU 'L-peptide linking' y LEUCINE         ? 'C6 H13 N O2'    131.173 
LYS 'L-peptide linking' y LYSINE          ? 'C6 H15 N2 O2 1' 147.195 
MET 'L-peptide linking' y METHIONINE      ? 'C5 H11 N O2 S'  149.211 
PHE 'L-peptide linking' y PHENYLALANINE   ? 'C9 H11 N O2'    165.189 
PRO 'L-peptide linking' y PROLINE         ? 'C5 H9 N O2'     115.130 
SER 'L-peptide linking' y SERINE          ? 'C3 H7 N O3'     105.093 
SO4 non-polymer         . 'SULFATE ION'   ? 'O4 S -2'        96.063  
THR 'L-peptide linking' y THREONINE       ? 'C4 H9 N O3'     119.119 
TRP 'L-peptide linking' y TRYPTOPHAN      ? 'C11 H12 N2 O2'  204.225 
TYR 'L-peptide linking' y TYROSINE        ? 'C9 H11 N O3'    181.189 
VAL 'L-peptide linking' y VALINE          ? 'C5 H11 N O2'    117.146 
# 
_exptl.crystals_number   1 
_exptl.entry_id          4EVE 
_exptl.method            'X-RAY DIFFRACTION' 
# 
_exptl_crystal.id                    1 
_exptl_crystal.pdbx_mosaicity        ? 
_exptl_crystal.pdbx_mosaicity_esd    ? 
_exptl_crystal.density_Matthews      3.61 
_exptl_crystal.density_diffrn        ? 
_exptl_crystal.density_meas          ? 
_exptl_crystal.density_meas_temp     ? 
_exptl_crystal.density_percent_sol   65.93 
_exptl_crystal.size_max              ? 
_exptl_crystal.size_mid              ? 
_exptl_crystal.size_min              ? 
_exptl_crystal.size_rad              ? 
_exptl_crystal.description           ? 
_exptl_crystal.F_000                 ? 
_exptl_crystal.preparation           ? 
# 
_exptl_crystal_grow.crystal_id      1 
_exptl_crystal_grow.method          'VAPOR DIFFUSION, SITTING DROP' 
_exptl_crystal_grow.pH              7.5 
_exptl_crystal_grow.temp            293 
_exptl_crystal_grow.pdbx_details    
'2.0M ammonium sulfate, 0.1M Tris-HCl, 0.1M L-Arginine, pH 7.5, VAPOR DIFFUSION, SITTING DROP, temperature 293K' 
_exptl_crystal_grow.temp_details    ? 
_exptl_crystal_grow.pdbx_pH_range   . 
# 
_diffrn.id                     1 
_diffrn.ambient_temp           95 
_diffrn.ambient_temp_details   ? 
_diffrn.crystal_id             1 
# 
_diffrn_detector.diffrn_id              1 
_diffrn_detector.detector               CCD 
_diffrn_detector.type                   'ADSC QUANTUM 4r' 
_diffrn_detector.pdbx_collection_date   2007-11-08 
_diffrn_detector.details                mirrors 
# 
_diffrn_radiation.diffrn_id                        1 
_diffrn_radiation.pdbx_diffrn_protocol             'SINGLE WAVELENGTH' 
_diffrn_radiation.monochromator                    'SI(111)' 
_diffrn_radiation.wavelength_id                    1 
_diffrn_radiation.pdbx_monochromatic_or_laue_m_l   M 
_diffrn_radiation.pdbx_scattering_type             x-ray 
# 
_diffrn_radiation_wavelength.id           1 
_diffrn_radiation_wavelength.wavelength   0.9780 
_diffrn_radiation_wavelength.wt           1.0 
# 
_diffrn_source.diffrn_id                   1 
_diffrn_source.source                      SYNCHROTRON 
_diffrn_source.type                        'PHOTON FACTORY BEAMLINE BL-6A' 
_diffrn_source.pdbx_wavelength_list        0.9780 
_diffrn_source.pdbx_wavelength             ? 
_diffrn_source.pdbx_synchrotron_site       'Photon Factory' 
_diffrn_source.pdbx_synchrotron_beamline   BL-6A 
# 
_reflns.entry_id                     4EVE 
_reflns.observed_criterion_sigma_F   ? 
_reflns.observed_criterion_sigma_I   ? 
_reflns.d_resolution_high            2.1 
_reflns.d_resolution_low             20 
_reflns.number_all                   ? 
_reflns.number_obs                   16933 
_reflns.percent_possible_obs         98.7 
_reflns.pdbx_Rmerge_I_obs            0.054 
_reflns.pdbx_Rsym_value              ? 
_reflns.pdbx_netI_over_sigmaI        44.1 
_reflns.B_iso_Wilson_estimate        25.1 
_reflns.pdbx_redundancy              9.7 
_reflns.R_free_details               ? 
_reflns.limit_h_max                  ? 
_reflns.limit_h_min                  ? 
_reflns.limit_k_max                  ? 
_reflns.limit_k_min                  ? 
_reflns.limit_l_max                  ? 
_reflns.limit_l_min                  ? 
_reflns.observed_criterion_F_max     ? 
_reflns.observed_criterion_F_min     ? 
_reflns.pdbx_chi_squared             ? 
_reflns.pdbx_scaling_rejects         ? 
_reflns.pdbx_ordinal                 1 
_reflns.pdbx_diffrn_id               1 
# 
_reflns_shell.d_res_high                  2.10 
_reflns_shell.d_res_low                   2.17 
_reflns_shell.percent_possible_obs        ? 
_reflns_shell.percent_possible_all        97.4 
_reflns_shell.Rmerge_I_obs                0.301 
_reflns_shell.meanI_over_sigI_obs         9.2 
_reflns_shell.pdbx_Rsym_value             ? 
_reflns_shell.pdbx_redundancy             ? 
_reflns_shell.number_unique_all           ? 
_reflns_shell.number_measured_all         ? 
_reflns_shell.number_measured_obs         ? 
_reflns_shell.number_unique_obs           ? 
_reflns_shell.pdbx_chi_squared            ? 
_reflns_shell.pdbx_rejects                ? 
_reflns_shell.pdbx_netI_over_sigmaI_obs   ? 
_reflns_shell.number_possible             ? 
_reflns_shell.Rmerge_F_all                ? 
_reflns_shell.Rmerge_F_obs                ? 
_reflns_shell.Rmerge_I_all                ? 
_reflns_shell.meanI_over_sigI_all         ? 
_reflns_shell.pdbx_Rrim_I_all             ? 
_reflns_shell.pdbx_Rpim_I_all             ? 
_reflns_shell.pdbx_ordinal                1 
_reflns_shell.pdbx_diffrn_id              1 
# 
_refine.entry_id                                 4EVE 
_refine.ls_d_res_high                            2.1000 
_refine.ls_d_res_low                             19.6900 
_refine.pdbx_ls_sigma_F                          0.000 
_refine.pdbx_data_cutoff_high_absF               ? 
_refine.pdbx_data_cutoff_low_absF                ? 
_refine.ls_percent_reflns_obs                    98.1700 
_refine.ls_number_reflns_obs                     16825 
_refine.ls_number_reflns_all                     ? 
_refine.pdbx_ls_cross_valid_method               THROUGHOUT 
_refine.pdbx_R_Free_selection_details            RANDOM 
_refine.details                                  'HYDROGENS HAVE BEEN ADDED IN THE RIDING POSITIONS U VALUES: REFINED INDIVIDUALLY' 
_refine.ls_R_factor_all                          ? 
_refine.ls_R_factor_obs                          0.2196 
_refine.ls_R_factor_R_work                       0.2160 
_refine.ls_wR_factor_R_work                      ? 
_refine.ls_R_factor_R_free                       0.2518 
_refine.ls_wR_factor_R_free                      ? 
_refine.ls_percent_reflns_R_free                 10.1000 
_refine.ls_number_reflns_R_free                  1704 
_refine.ls_R_factor_R_free_error                 ? 
_refine.B_iso_mean                               23.1644 
_refine.solvent_model_param_bsol                 ? 
_refine.solvent_model_param_ksol                 ? 
_refine.pdbx_isotropic_thermal_model             ? 
_refine.aniso_B[1][1]                            ? 
_refine.aniso_B[2][2]                            ? 
_refine.aniso_B[3][3]                            ? 
_refine.aniso_B[1][2]                            ? 
_refine.aniso_B[1][3]                            ? 
_refine.aniso_B[2][3]                            ? 
_refine.correlation_coeff_Fo_to_Fc               0.9350 
_refine.correlation_coeff_Fo_to_Fc_free          0.9130 
_refine.overall_SU_R_Cruickshank_DPI             ? 
_refine.overall_SU_R_free                        ? 
_refine.pdbx_overall_ESU_R                       0.1740 
_refine.pdbx_overall_ESU_R_Free                  0.1630 
_refine.overall_SU_ML                            0.0960 
_refine.overall_SU_B                             3.5670 
_refine.solvent_model_details                    MASK 
_refine.pdbx_solvent_vdw_probe_radii             1.4000 
_refine.pdbx_solvent_ion_probe_radii             0.8000 
_refine.pdbx_solvent_shrinkage_radii             0.8000 
_refine.ls_number_parameters                     ? 
_refine.ls_number_restraints                     ? 
_refine.pdbx_starting_model                      'PDB ENTRY 3TA8' 
_refine.pdbx_method_to_determine_struct          'MOLECULAR REPLACEMENT' 
_refine.pdbx_stereochemistry_target_values       'MAXIMUM LIKELIHOOD' 
_refine.pdbx_stereochem_target_val_spec_case     ? 
_refine.overall_FOM_work_R_set                   ? 
_refine.B_iso_max                                53.980 
_refine.B_iso_min                                13.120 
_refine.pdbx_overall_phase_error                 ? 
_refine.occupancy_max                            1.000 
_refine.occupancy_min                            0.250 
_refine.pdbx_ls_sigma_I                          ? 
_refine.ls_redundancy_reflns_obs                 ? 
_refine.ls_R_factor_R_free_error_details         ? 
_refine.pdbx_data_cutoff_high_rms_absF           ? 
_refine.overall_FOM_free_R_set                   ? 
_refine.pdbx_diffrn_id                           1 
_refine.pdbx_refine_id                           'X-RAY DIFFRACTION' 
_refine.pdbx_TLS_residual_ADP_flag               ? 
_refine.pdbx_overall_SU_R_free_Cruickshank_DPI   ? 
_refine.pdbx_overall_SU_R_Blow_DPI               ? 
_refine.pdbx_overall_SU_R_free_Blow_DPI          ? 
# 
_refine_analyze.entry_id                        4EVE 
_refine_analyze.Luzzati_coordinate_error_obs    0.26 
_refine_analyze.Luzzati_sigma_a_obs             0.17 
_refine_analyze.Luzzati_d_res_low_obs           5.0 
_refine_analyze.Luzzati_coordinate_error_free   0.27 
_refine_analyze.Luzzati_sigma_a_free            0.19 
_refine_analyze.Luzzati_d_res_low_free          ? 
_refine_analyze.number_disordered_residues      ? 
_refine_analyze.occupancy_sum_non_hydrogen      ? 
_refine_analyze.occupancy_sum_hydrogen          ? 
_refine_analyze.pdbx_Luzzati_d_res_high_obs     ? 
_refine_analyze.pdbx_refine_id                  'X-RAY DIFFRACTION' 
# 
_refine_hist.pdbx_refine_id                   'X-RAY DIFFRACTION' 
_refine_hist.cycle_id                         LAST 
_refine_hist.pdbx_number_atoms_protein        1194 
_refine_hist.pdbx_number_atoms_nucleic_acid   0 
_refine_hist.pdbx_number_atoms_ligand         10 
_refine_hist.number_atoms_solvent             122 
_refine_hist.number_atoms_total               1326 
_refine_hist.d_res_high                       2.1000 
_refine_hist.d_res_low                        19.6900 
# 
loop_
_refine_ls_restr.type 
_refine_ls_restr.number 
_refine_ls_restr.dev_ideal 
_refine_ls_restr.dev_ideal_target 
_refine_ls_restr.weight 
_refine_ls_restr.pdbx_restraint_function 
_refine_ls_restr.pdbx_refine_id 
r_bond_refined_d       1228 0.006  0.022  ? ? 'X-RAY DIFFRACTION' 
r_angle_refined_deg    1654 0.947  1.946  ? ? 'X-RAY DIFFRACTION' 
r_dihedral_angle_1_deg 143  4.443  5.000  ? ? 'X-RAY DIFFRACTION' 
r_dihedral_angle_2_deg 61   32.193 25.410 ? ? 'X-RAY DIFFRACTION' 
r_dihedral_angle_3_deg 236  16.906 15.000 ? ? 'X-RAY DIFFRACTION' 
r_dihedral_angle_4_deg 2    14.158 15.000 ? ? 'X-RAY DIFFRACTION' 
r_chiral_restr         183  0.077  0.200  ? ? 'X-RAY DIFFRACTION' 
r_gen_planes_refined   898  0.003  0.020  ? ? 'X-RAY DIFFRACTION' 
r_mcbond_it            718  0.455  1.500  ? ? 'X-RAY DIFFRACTION' 
r_mcangle_it           1161 0.899  2.000  ? ? 'X-RAY DIFFRACTION' 
r_scbond_it            510  1.287  3.000  ? ? 'X-RAY DIFFRACTION' 
r_scangle_it           493  2.225  4.500  ? ? 'X-RAY DIFFRACTION' 
# 
_refine_ls_shell.d_res_high                       2.0990 
_refine_ls_shell.d_res_low                        2.1530 
_refine_ls_shell.pdbx_total_number_of_bins_used   20 
_refine_ls_shell.percent_reflns_obs               97.1400 
_refine_ls_shell.number_reflns_R_work             1075 
_refine_ls_shell.R_factor_all                     ? 
_refine_ls_shell.R_factor_R_work                  0.2430 
_refine_ls_shell.R_factor_R_free                  0.2870 
_refine_ls_shell.percent_reflns_R_free            ? 
_refine_ls_shell.number_reflns_R_free             114 
_refine_ls_shell.R_factor_R_free_error            ? 
_refine_ls_shell.number_reflns_all                1189 
_refine_ls_shell.number_reflns_obs                ? 
_refine_ls_shell.pdbx_refine_id                   'X-RAY DIFFRACTION' 
_refine_ls_shell.redundancy_reflns_obs            ? 
# 
_struct.entry_id                  4EVE 
_struct.title                     'Crystal Structure HP-NAP from strain YS29 in apo form' 
_struct.pdbx_model_details        ? 
_struct.pdbx_CASP_flag            ? 
_struct.pdbx_model_type_details   ? 
# 
_struct_keywords.entry_id        4EVE 
_struct_keywords.text            'dodecamer, four-helix bundle, metal transport' 
_struct_keywords.pdbx_keywords   'METAL TRANSPORT' 
# 
loop_
_struct_asym.id 
_struct_asym.pdbx_blank_PDB_chainid_flag 
_struct_asym.pdbx_modified 
_struct_asym.entity_id 
_struct_asym.details 
A N N 1 ? 
B N N 2 ? 
C N N 2 ? 
D N N 3 ? 
# 
_struct_biol.id        1 
_struct_biol.details   ? 
# 
loop_
_struct_conf.conf_type_id 
_struct_conf.id 
_struct_conf.pdbx_PDB_helix_id 
_struct_conf.beg_label_comp_id 
_struct_conf.beg_label_asym_id 
_struct_conf.beg_label_seq_id 
_struct_conf.pdbx_beg_PDB_ins_code 
_struct_conf.end_label_comp_id 
_struct_conf.end_label_asym_id 
_struct_conf.end_label_seq_id 
_struct_conf.pdbx_end_PDB_ins_code 
_struct_conf.beg_auth_comp_id 
_struct_conf.beg_auth_asym_id 
_struct_conf.beg_auth_seq_id 
_struct_conf.end_auth_comp_id 
_struct_conf.end_auth_asym_id 
_struct_conf.end_auth_seq_id 
_struct_conf.pdbx_PDB_helix_class 
_struct_conf.details 
_struct_conf.pdbx_PDB_helix_length 
HELX_P HELX_P1 1 LYS A 22  ? VAL A 48  ? LYS A 2   VAL A 28  1 ? 27 
HELX_P HELX_P2 2 ASP A 52  ? LEU A 81  ? ASP A 32  LEU A 61  1 ? 30 
HELX_P HELX_P3 3 THR A 88  ? THR A 96  ? THR A 68  THR A 76  1 ? 9  
HELX_P HELX_P4 4 HIS A 107 ? GLU A 136 ? HIS A 87  GLU A 116 1 ? 30 
HELX_P HELX_P5 5 ASP A 138 ? ALA A 164 ? ASP A 118 ALA A 144 1 ? 27 
# 
_struct_conf_type.id          HELX_P 
_struct_conf_type.criteria    ? 
_struct_conf_type.reference   ? 
# 
loop_
_struct_site.id 
_struct_site.pdbx_evidence_code 
_struct_site.pdbx_auth_asym_id 
_struct_site.pdbx_auth_comp_id 
_struct_site.pdbx_auth_seq_id 
_struct_site.pdbx_auth_ins_code 
_struct_site.pdbx_num_residues 
_struct_site.details 
AC1 Software A SO4 201 ? 3 'BINDING SITE FOR RESIDUE SO4 A 201' 
AC2 Software A SO4 202 ? 8 'BINDING SITE FOR RESIDUE SO4 A 202' 
# 
loop_
_struct_site_gen.id 
_struct_site_gen.site_id 
_struct_site_gen.pdbx_num_res 
_struct_site_gen.label_comp_id 
_struct_site_gen.label_asym_id 
_struct_site_gen.label_seq_id 
_struct_site_gen.pdbx_auth_ins_code 
_struct_site_gen.auth_comp_id 
_struct_site_gen.auth_asym_id 
_struct_site_gen.auth_seq_id 
_struct_site_gen.label_atom_id 
_struct_site_gen.label_alt_id 
_struct_site_gen.symmetry 
_struct_site_gen.details 
1  AC1 3 LYS A 28 ? LYS A 8   . ? 1_555  ? 
2  AC1 3 HIS A 83 ? HIS A 63  . ? 1_555  ? 
3  AC1 3 HIS A 84 ? HIS A 64  . ? 1_555  ? 
4  AC2 8 SER A 90 ? SER A 70  . ? 86_555 ? 
5  AC2 8 SER A 90 ? SER A 70  . ? 13_555 ? 
6  AC2 8 SER A 90 ? SER A 70  . ? 74_555 ? 
7  AC2 8 SER A 90 ? SER A 70  . ? 1_555  ? 
8  AC2 8 HOH D .  ? HOH A 380 . ? 1_555  ? 
9  AC2 8 HOH D .  ? HOH A 380 . ? 13_555 ? 
10 AC2 8 HOH D .  ? HOH A 380 . ? 74_555 ? 
11 AC2 8 HOH D .  ? HOH A 380 . ? 86_555 ? 
# 
_atom_sites.entry_id                    4EVE 
_atom_sites.fract_transf_matrix[1][1]   -0.00218445 
_atom_sites.fract_transf_matrix[1][2]   0.00265905 
_atom_sites.fract_transf_matrix[1][3]   -0.00406365 
_atom_sites.fract_transf_matrix[2][1]   -0.00123867 
_atom_sites.fract_transf_matrix[2][2]   -0.00461353 
_atom_sites.fract_transf_matrix[2][3]   -0.00235301 
_atom_sites.fract_transf_matrix[3][1]   -0.00469569 
_atom_sites.fract_transf_matrix[3][2]   -0.00002000 
_atom_sites.fract_transf_matrix[3][3]   0.00251112 
_atom_sites.fract_transf_vector[1]      0.186298 
_atom_sites.fract_transf_vector[2]      0.235707 
_atom_sites.fract_transf_vector[3]      0.086170 
# 
loop_
_atom_type.symbol 
C 
N 
O 
S 
# 
loop_
_atom_site.group_PDB 
_atom_site.id 
_atom_site.type_symbol 
_atom_site.label_atom_id 
_atom_site.label_alt_id 
_atom_site.label_comp_id 
_atom_site.label_asym_id 
_atom_site.label_entity_id 
_atom_site.label_seq_id 
_atom_site.pdbx_PDB_ins_code 
_atom_site.Cartn_x 
_atom_site.Cartn_y 
_atom_site.Cartn_z 
_atom_site.occupancy 
_atom_site.B_iso_or_equiv 
_atom_site.pdbx_formal_charge 
_atom_site.auth_seq_id 
_atom_site.auth_comp_id 
_atom_site.auth_asym_id 
_atom_site.auth_atom_id 
_atom_site.pdbx_PDB_model_num 
ATOM   1    N N   . MET A 1 21  ? 12.971  10.979  3.077   1.00 35.21 ? 1   MET A N   1 
ATOM   2    C CA  . MET A 1 21  ? 13.470  11.356  4.436   1.00 35.11 ? 1   MET A CA  1 
ATOM   3    C C   . MET A 1 21  ? 12.662  12.479  5.099   1.00 34.23 ? 1   MET A C   1 
ATOM   4    O O   . MET A 1 21  ? 12.336  12.382  6.280   1.00 34.44 ? 1   MET A O   1 
ATOM   5    C CB  . MET A 1 21  ? 14.970  11.682  4.401   1.00 35.84 ? 1   MET A CB  1 
ATOM   6    C CG  . MET A 1 21  ? 15.848  10.606  5.056   1.00 37.91 ? 1   MET A CG  1 
ATOM   7    S SD  . MET A 1 21  ? 17.439  10.275  4.241   1.00 43.17 ? 1   MET A SD  1 
ATOM   8    C CE  . MET A 1 21  ? 18.192  11.907  4.173   1.00 42.16 ? 1   MET A CE  1 
ATOM   9    N N   . LYS A 1 22  ? 12.350  13.536  4.349   1.00 33.05 ? 2   LYS A N   1 
ATOM   10   C CA  . LYS A 1 22  ? 11.379  14.546  4.787   1.00 31.79 ? 2   LYS A CA  1 
ATOM   11   C C   . LYS A 1 22  ? 9.963   13.970  4.693   1.00 30.62 ? 2   LYS A C   1 
ATOM   12   O O   . LYS A 1 22  ? 9.717   13.057  3.909   1.00 30.28 ? 2   LYS A O   1 
ATOM   13   C CB  . LYS A 1 22  ? 11.461  15.786  3.906   1.00 32.06 ? 2   LYS A CB  1 
ATOM   14   C CG  . LYS A 1 22  ? 12.413  16.867  4.398   1.00 33.07 ? 2   LYS A CG  1 
ATOM   15   C CD  . LYS A 1 22  ? 12.371  18.102  3.482   1.00 34.16 ? 2   LYS A CD  1 
ATOM   16   C CE  . LYS A 1 22  ? 10.964  18.706  3.355   1.00 34.91 ? 2   LYS A CE  1 
ATOM   17   N NZ  . LYS A 1 22  ? 10.264  18.906  4.663   1.00 35.85 ? 2   LYS A NZ  1 
ATOM   18   N N   . THR A 1 23  ? 9.036   14.526  5.470   1.00 29.21 ? 3   THR A N   1 
ATOM   19   C CA  . THR A 1 23  ? 7.665   14.023  5.508   1.00 28.16 ? 3   THR A CA  1 
ATOM   20   C C   . THR A 1 23  ? 7.013   13.949  4.121   1.00 27.39 ? 3   THR A C   1 
ATOM   21   O O   . THR A 1 23  ? 6.453   12.911  3.763   1.00 26.83 ? 3   THR A O   1 
ATOM   22   C CB  . THR A 1 23  ? 6.789   14.819  6.504   1.00 28.13 ? 3   THR A CB  1 
ATOM   23   O OG1 . THR A 1 23  ? 7.332   14.676  7.822   1.00 28.22 ? 3   THR A OG1 1 
ATOM   24   C CG2 . THR A 1 23  ? 5.354   14.305  6.513   1.00 27.91 ? 3   THR A CG2 1 
ATOM   25   N N   . PHE A 1 24  ? 7.111   15.022  3.337   1.00 26.57 ? 4   PHE A N   1 
ATOM   26   C CA  . PHE A 1 24  ? 6.464   15.048  2.024   1.00 26.04 ? 4   PHE A CA  1 
ATOM   27   C C   . PHE A 1 24  ? 7.072   14.024  1.055   1.00 25.20 ? 4   PHE A C   1 
ATOM   28   O O   . PHE A 1 24  ? 6.373   13.478  0.208   1.00 24.92 ? 4   PHE A O   1 
ATOM   29   C CB  . PHE A 1 24  ? 6.421   16.469  1.431   1.00 26.35 ? 4   PHE A CB  1 
ATOM   30   C CG  . PHE A 1 24  ? 7.538   16.775  0.473   1.00 27.61 ? 4   PHE A CG  1 
ATOM   31   C CD1 . PHE A 1 24  ? 8.711   17.368  0.920   1.00 29.32 ? 4   PHE A CD1 1 
ATOM   32   C CD2 . PHE A 1 24  ? 7.409   16.483  -0.884  1.00 29.09 ? 4   PHE A CD2 1 
ATOM   33   C CE1 . PHE A 1 24  ? 9.751   17.658  0.031   1.00 30.58 ? 4   PHE A CE1 1 
ATOM   34   C CE2 . PHE A 1 24  ? 8.439   16.765  -1.779  1.00 29.81 ? 4   PHE A CE2 1 
ATOM   35   C CZ  . PHE A 1 24  ? 9.609   17.357  -1.321  1.00 30.03 ? 4   PHE A CZ  1 
ATOM   36   N N   . GLU A 1 25  ? 8.368   13.768  1.205   1.00 24.40 ? 5   GLU A N   1 
ATOM   37   C CA  . GLU A 1 25  ? 9.063   12.754  0.416   1.00 23.84 ? 5   GLU A CA  1 
ATOM   38   C C   . GLU A 1 25  ? 8.610   11.333  0.768   1.00 22.76 ? 5   GLU A C   1 
ATOM   39   O O   . GLU A 1 25  ? 8.393   10.517  -0.126  1.00 22.53 ? 5   GLU A O   1 
ATOM   40   C CB  . GLU A 1 25  ? 10.577  12.899  0.572   1.00 24.31 ? 5   GLU A CB  1 
ATOM   41   C CG  . GLU A 1 25  ? 11.132  14.200  -0.022  1.00 26.42 ? 5   GLU A CG  1 
ATOM   42   C CD  . GLU A 1 25  ? 12.580  14.465  0.366   1.00 29.39 ? 5   GLU A CD  1 
ATOM   43   O OE1 . GLU A 1 25  ? 13.275  15.163  -0.404  1.00 31.50 ? 5   GLU A OE1 1 
ATOM   44   O OE2 . GLU A 1 25  ? 13.027  13.980  1.430   1.00 30.22 ? 5   GLU A OE2 1 
ATOM   45   N N   . ILE A 1 26  ? 8.459   11.042  2.061   1.00 21.18 ? 6   ILE A N   1 
ATOM   46   C CA  . ILE A 1 26  ? 7.911   9.752   2.483   1.00 19.98 ? 6   ILE A CA  1 
ATOM   47   C C   . ILE A 1 26  ? 6.507   9.571   1.904   1.00 19.08 ? 6   ILE A C   1 
ATOM   48   O O   . ILE A 1 26  ? 6.201   8.525   1.327   1.00 18.63 ? 6   ILE A O   1 
ATOM   49   C CB  . ILE A 1 26  ? 7.896   9.583   4.029   1.00 20.12 ? 6   ILE A CB  1 
ATOM   50   C CG1 . ILE A 1 26  ? 9.321   9.636   4.590   1.00 20.03 ? 6   ILE A CG1 1 
ATOM   51   C CG2 . ILE A 1 26  ? 7.229   8.263   4.428   1.00 19.69 ? 6   ILE A CG2 1 
ATOM   52   C CD1 . ILE A 1 26  ? 9.389   9.824   6.106   1.00 19.89 ? 6   ILE A CD1 1 
ATOM   53   N N   . LEU A 1 27  ? 5.677   10.607  2.036   1.00 18.06 ? 7   LEU A N   1 
ATOM   54   C CA  . LEU A 1 27  ? 4.313   10.598  1.510   1.00 17.68 ? 7   LEU A CA  1 
ATOM   55   C C   . LEU A 1 27  ? 4.260   10.327  0.010   1.00 17.52 ? 7   LEU A C   1 
ATOM   56   O O   . LEU A 1 27  ? 3.458   9.513   -0.444  1.00 17.53 ? 7   LEU A O   1 
ATOM   57   C CB  . LEU A 1 27  ? 3.592   11.911  1.831   1.00 17.24 ? 7   LEU A CB  1 
ATOM   58   C CG  . LEU A 1 27  ? 3.172   12.188  3.279   1.00 17.13 ? 7   LEU A CG  1 
ATOM   59   C CD1 . LEU A 1 27  ? 2.692   13.629  3.419   1.00 16.25 ? 7   LEU A CD1 1 
ATOM   60   C CD2 . LEU A 1 27  ? 2.087   11.223  3.739   1.00 15.40 ? 7   LEU A CD2 1 
ATOM   61   N N   . LYS A 1 28  ? 5.124   10.996  -0.748  1.00 17.64 ? 8   LYS A N   1 
ATOM   62   C CA  . LYS A 1 28  ? 5.141   10.861  -2.205  1.00 17.99 ? 8   LYS A CA  1 
ATOM   63   C C   . LYS A 1 28  ? 5.569   9.464   -2.655  1.00 17.68 ? 8   LYS A C   1 
ATOM   64   O O   . LYS A 1 28  ? 4.986   8.903   -3.585  1.00 17.38 ? 8   LYS A O   1 
ATOM   65   C CB  . LYS A 1 28  ? 6.044   11.923  -2.830  1.00 18.25 ? 8   LYS A CB  1 
ATOM   66   C CG  . LYS A 1 28  ? 5.778   12.175  -4.304  1.00 20.02 ? 8   LYS A CG  1 
ATOM   67   C CD  . LYS A 1 28  ? 6.588   13.359  -4.774  1.00 22.83 ? 8   LYS A CD  1 
ATOM   68   C CE  . LYS A 1 28  ? 6.003   13.962  -6.020  1.00 24.76 ? 8   LYS A CE  1 
ATOM   69   N NZ  . LYS A 1 28  ? 6.279   15.440  -6.054  1.00 26.18 ? 8   LYS A NZ  1 
ATOM   70   N N   . HIS A 1 29  ? 6.579   8.909   -1.988  1.00 17.38 ? 9   HIS A N   1 
ATOM   71   C CA  . HIS A 1 29  ? 7.020   7.542   -2.258  1.00 17.64 ? 9   HIS A CA  1 
ATOM   72   C C   . HIS A 1 29  ? 5.950   6.513   -1.877  1.00 17.18 ? 9   HIS A C   1 
ATOM   73   O O   . HIS A 1 29  ? 5.799   5.492   -2.548  1.00 17.15 ? 9   HIS A O   1 
ATOM   74   C CB  . HIS A 1 29  ? 8.341   7.248   -1.537  1.00 17.86 ? 9   HIS A CB  1 
ATOM   75   C CG  . HIS A 1 29  ? 9.530   7.910   -2.165  1.00 19.29 ? 9   HIS A CG  1 
ATOM   76   N ND1 . HIS A 1 29  ? 10.316  7.287   -3.111  1.00 20.72 ? 9   HIS A ND1 1 
ATOM   77   C CD2 . HIS A 1 29  ? 10.064  9.142   -1.987  1.00 20.65 ? 9   HIS A CD2 1 
ATOM   78   C CE1 . HIS A 1 29  ? 11.288  8.101   -3.481  1.00 20.81 ? 9   HIS A CE1 1 
ATOM   79   N NE2 . HIS A 1 29  ? 11.158  9.233   -2.815  1.00 21.17 ? 9   HIS A NE2 1 
ATOM   80   N N   . LEU A 1 30  ? 5.206   6.794   -0.805  1.00 16.69 ? 10  LEU A N   1 
ATOM   81   C CA  . LEU A 1 30  ? 4.075   5.951   -0.403  1.00 16.08 ? 10  LEU A CA  1 
ATOM   82   C C   . LEU A 1 30  ? 2.920   6.041   -1.396  1.00 15.84 ? 10  LEU A C   1 
ATOM   83   O O   . LEU A 1 30  ? 2.225   5.055   -1.631  1.00 15.80 ? 10  LEU A O   1 
ATOM   84   C CB  . LEU A 1 30  ? 3.594   6.319   1.006   1.00 15.83 ? 10  LEU A CB  1 
ATOM   85   C CG  . LEU A 1 30  ? 4.316   5.687   2.202   1.00 15.43 ? 10  LEU A CG  1 
ATOM   86   C CD1 . LEU A 1 30  ? 3.911   6.376   3.500   1.00 15.44 ? 10  LEU A CD1 1 
ATOM   87   C CD2 . LEU A 1 30  ? 4.039   4.190   2.290   1.00 13.94 ? 10  LEU A CD2 1 
ATOM   88   N N   . GLN A 1 31  ? 2.709   7.225   -1.968  1.00 15.71 ? 11  GLN A N   1 
ATOM   89   C CA  . GLN A 1 31  ? 1.667   7.400   -2.978  1.00 15.57 ? 11  GLN A CA  1 
ATOM   90   C C   . GLN A 1 31  ? 2.008   6.582   -4.220  1.00 15.35 ? 11  GLN A C   1 
ATOM   91   O O   . GLN A 1 31  ? 1.124   6.003   -4.859  1.00 15.10 ? 11  GLN A O   1 
ATOM   92   C CB  . GLN A 1 31  ? 1.464   8.878   -3.332  1.00 15.48 ? 11  GLN A CB  1 
ATOM   93   C CG  . GLN A 1 31  ? 0.112   9.153   -3.987  1.00 15.80 ? 11  GLN A CG  1 
ATOM   94   C CD  . GLN A 1 31  ? 0.067   10.433  -4.805  1.00 15.97 ? 11  GLN A CD  1 
ATOM   95   O OE1 . GLN A 1 31  ? 0.965   11.273  -4.732  1.00 16.21 ? 11  GLN A OE1 1 
ATOM   96   N NE2 . GLN A 1 31  ? -0.990  10.586  -5.589  1.00 16.30 ? 11  GLN A NE2 1 
ATOM   97   N N   . ALA A 1 32  ? 3.300   6.532   -4.540  1.00 15.21 ? 12  ALA A N   1 
ATOM   98   C CA  . ALA A 1 32  ? 3.801   5.730   -5.650  1.00 15.23 ? 12  ALA A CA  1 
ATOM   99   C C   . ALA A 1 32  ? 3.579   4.242   -5.377  1.00 15.19 ? 12  ALA A C   1 
ATOM   100  O O   . ALA A 1 32  ? 3.061   3.523   -6.233  1.00 15.20 ? 12  ALA A O   1 
ATOM   101  C CB  . ALA A 1 32  ? 5.278   6.023   -5.893  1.00 15.07 ? 12  ALA A CB  1 
ATOM   102  N N   . ASP A 1 33  ? 3.956   3.793   -4.176  1.00 15.03 ? 13  ASP A N   1 
ATOM   103  C CA  . ASP A 1 33  ? 3.718   2.412   -3.750  1.00 15.07 ? 13  ASP A CA  1 
ATOM   104  C C   . ASP A 1 33  ? 2.235   2.048   -3.813  1.00 14.68 ? 13  ASP A C   1 
ATOM   105  O O   . ASP A 1 33  ? 1.886   0.961   -4.246  1.00 14.87 ? 13  ASP A O   1 
ATOM   106  C CB  . ASP A 1 33  ? 4.229   2.182   -2.326  1.00 14.96 ? 13  ASP A CB  1 
ATOM   107  C CG  . ASP A 1 33  ? 5.743   2.251   -2.219  1.00 15.77 ? 13  ASP A CG  1 
ATOM   108  O OD1 . ASP A 1 33  ? 6.446   2.147   -3.253  1.00 15.85 ? 13  ASP A OD1 1 
ATOM   109  O OD2 . ASP A 1 33  ? 6.229   2.411   -1.080  1.00 15.25 ? 13  ASP A OD2 1 
ATOM   110  N N   . ALA A 1 34  ? 1.378   2.971   -3.379  1.00 14.35 ? 14  ALA A N   1 
ATOM   111  C CA  . ALA A 1 34  ? -0.066  2.747   -3.320  1.00 14.09 ? 14  ALA A CA  1 
ATOM   112  C C   . ALA A 1 34  ? -0.667  2.368   -4.674  1.00 13.94 ? 14  ALA A C   1 
ATOM   113  O O   . ALA A 1 34  ? -1.410  1.394   -4.771  1.00 13.80 ? 14  ALA A O   1 
ATOM   114  C CB  . ALA A 1 34  ? -0.770  3.975   -2.747  1.00 13.85 ? 14  ALA A CB  1 
ATOM   115  N N   . ILE A 1 35  ? -0.341  3.127   -5.716  1.00 13.94 ? 15  ILE A N   1 
ATOM   116  C CA  . ILE A 1 35  ? -0.910  2.852   -7.034  1.00 14.11 ? 15  ILE A CA  1 
ATOM   117  C C   . ILE A 1 35  ? -0.257  1.636   -7.700  1.00 14.32 ? 15  ILE A C   1 
ATOM   118  O O   . ILE A 1 35  ? -0.932  0.883   -8.404  1.00 14.47 ? 15  ILE A O   1 
ATOM   119  C CB  . ILE A 1 35  ? -0.913  4.098   -7.964  1.00 14.32 ? 15  ILE A CB  1 
ATOM   120  C CG1 . ILE A 1 35  ? -1.795  3.835   -9.198  1.00 14.71 ? 15  ILE A CG1 1 
ATOM   121  C CG2 . ILE A 1 35  ? 0.516   4.524   -8.320  1.00 13.57 ? 15  ILE A CG2 1 
ATOM   122  C CD1 . ILE A 1 35  ? -2.212  5.068   -9.964  1.00 17.27 ? 15  ILE A CD1 1 
ATOM   123  N N   . VAL A 1 36  ? 1.041   1.445   -7.459  1.00 14.41 ? 16  VAL A N   1 
ATOM   124  C CA  . VAL A 1 36  ? 1.763   0.270   -7.953  1.00 14.67 ? 16  VAL A CA  1 
ATOM   125  C C   . VAL A 1 36  ? 1.179   -0.997  -7.323  1.00 15.04 ? 16  VAL A C   1 
ATOM   126  O O   . VAL A 1 36  ? 0.990   -2.005  -8.008  1.00 15.11 ? 16  VAL A O   1 
ATOM   127  C CB  . VAL A 1 36  ? 3.298   0.381   -7.704  1.00 14.63 ? 16  VAL A CB  1 
ATOM   128  C CG1 . VAL A 1 36  ? 4.002   -0.950  -7.934  1.00 13.83 ? 16  VAL A CG1 1 
ATOM   129  C CG2 . VAL A 1 36  ? 3.906   1.448   -8.604  1.00 14.38 ? 16  VAL A CG2 1 
ATOM   130  N N   . LEU A 1 37  ? 0.876   -0.919  -6.026  1.00 15.48 ? 17  LEU A N   1 
ATOM   131  C CA  . LEU A 1 37  ? 0.260   -2.028  -5.288  1.00 15.81 ? 17  LEU A CA  1 
ATOM   132  C C   . LEU A 1 37  ? -1.180  -2.262  -5.712  1.00 16.06 ? 17  LEU A C   1 
ATOM   133  O O   . LEU A 1 37  ? -1.628  -3.406  -5.768  1.00 16.23 ? 17  LEU A O   1 
ATOM   134  C CB  . LEU A 1 37  ? 0.331   -1.792  -3.777  1.00 15.59 ? 17  LEU A CB  1 
ATOM   135  C CG  . LEU A 1 37  ? 1.718   -2.016  -3.161  1.00 16.06 ? 17  LEU A CG  1 
ATOM   136  C CD1 . LEU A 1 37  ? 1.785   -1.490  -1.738  1.00 14.66 ? 17  LEU A CD1 1 
ATOM   137  C CD2 . LEU A 1 37  ? 2.080   -3.494  -3.218  1.00 16.06 ? 17  LEU A CD2 1 
ATOM   138  N N   . PHE A 1 38  ? -1.900  -1.175  -5.991  1.00 16.30 ? 18  PHE A N   1 
ATOM   139  C CA  . PHE A 1 38  ? -3.237  -1.262  -6.574  1.00 16.62 ? 18  PHE A CA  1 
ATOM   140  C C   . PHE A 1 38  ? -3.201  -2.123  -7.841  1.00 16.66 ? 18  PHE A C   1 
ATOM   141  O O   . PHE A 1 38  ? -4.040  -3.014  -8.029  1.00 16.06 ? 18  PHE A O   1 
ATOM   142  C CB  . PHE A 1 38  ? -3.773  0.141   -6.894  1.00 16.71 ? 18  PHE A CB  1 
ATOM   143  C CG  . PHE A 1 38  ? -4.841  0.161   -7.957  1.00 17.88 ? 18  PHE A CG  1 
ATOM   144  C CD1 . PHE A 1 38  ? -4.512  0.409   -9.289  1.00 18.14 ? 18  PHE A CD1 1 
ATOM   145  C CD2 . PHE A 1 38  ? -6.178  -0.069  -7.626  1.00 18.83 ? 18  PHE A CD2 1 
ATOM   146  C CE1 . PHE A 1 38  ? -5.496  0.419   -10.280 1.00 20.03 ? 18  PHE A CE1 1 
ATOM   147  C CE2 . PHE A 1 38  ? -7.172  -0.059  -8.607  1.00 19.37 ? 18  PHE A CE2 1 
ATOM   148  C CZ  . PHE A 1 38  ? -6.830  0.187   -9.939  1.00 19.91 ? 18  PHE A CZ  1 
ATOM   149  N N   . MET A 1 39  ? -2.220  -1.836  -8.696  1.00 16.63 ? 19  MET A N   1 
ATOM   150  C CA  . MET A 1 39  ? -2.056  -2.509  -9.977  1.00 16.79 ? 19  MET A CA  1 
ATOM   151  C C   . MET A 1 39  ? -1.648  -3.966  -9.791  1.00 16.57 ? 19  MET A C   1 
ATOM   152  O O   . MET A 1 39  ? -2.172  -4.857  -10.470 1.00 16.41 ? 19  MET A O   1 
ATOM   153  C CB  . MET A 1 39  ? -1.019  -1.765  -10.826 1.00 17.04 ? 19  MET A CB  1 
ATOM   154  C CG  . MET A 1 39  ? -0.812  -2.306  -12.235 1.00 18.48 ? 19  MET A CG  1 
ATOM   155  S SD  . MET A 1 39  ? -2.228  -2.067  -13.331 1.00 23.63 ? 19  MET A SD  1 
ATOM   156  C CE  . MET A 1 39  ? -2.924  -3.709  -13.394 1.00 21.14 ? 19  MET A CE  1 
ATOM   157  N N   . LYS A 1 40  ? -0.717  -4.199  -8.868  1.00 16.44 ? 20  LYS A N   1 
ATOM   158  C CA  . LYS A 1 40  ? -0.247  -5.548  -8.562  1.00 16.17 ? 20  LYS A CA  1 
ATOM   159  C C   . LYS A 1 40  ? -1.402  -6.438  -8.097  1.00 16.15 ? 20  LYS A C   1 
ATOM   160  O O   . LYS A 1 40  ? -1.552  -7.568  -8.555  1.00 15.67 ? 20  LYS A O   1 
ATOM   161  C CB  . LYS A 1 40  ? 0.838   -5.491  -7.487  1.00 16.45 ? 20  LYS A CB  1 
ATOM   162  C CG  . LYS A 1 40  ? 1.443   -6.835  -7.113  1.00 16.38 ? 20  LYS A CG  1 
ATOM   163  C CD  . LYS A 1 40  ? 2.575   -6.635  -6.114  1.00 17.78 ? 20  LYS A CD  1 
ATOM   164  C CE  . LYS A 1 40  ? 3.125   -7.949  -5.601  1.00 18.35 ? 20  LYS A CE  1 
ATOM   165  N NZ  . LYS A 1 40  ? 4.178   -7.709  -4.568  1.00 18.65 ? 20  LYS A NZ  1 
ATOM   166  N N   . VAL A 1 41  ? -2.217  -5.914  -7.189  1.00 16.23 ? 21  VAL A N   1 
ATOM   167  C CA  . VAL A 1 41  ? -3.339  -6.672  -6.651  1.00 16.33 ? 21  VAL A CA  1 
ATOM   168  C C   . VAL A 1 41  ? -4.479  -6.781  -7.673  1.00 16.44 ? 21  VAL A C   1 
ATOM   169  O O   . VAL A 1 41  ? -5.190  -7.782  -7.691  1.00 16.46 ? 21  VAL A O   1 
ATOM   170  C CB  . VAL A 1 41  ? -3.809  -6.108  -5.274  1.00 16.56 ? 21  VAL A CB  1 
ATOM   171  C CG1 . VAL A 1 41  ? -5.052  -6.839  -4.779  1.00 15.77 ? 21  VAL A CG1 1 
ATOM   172  C CG2 . VAL A 1 41  ? -2.689  -6.234  -4.242  1.00 15.86 ? 21  VAL A CG2 1 
ATOM   173  N N   . HIS A 1 42  ? -4.626  -5.775  -8.537  1.00 16.70 ? 22  HIS A N   1 
ATOM   174  C CA  . HIS A 1 42  ? -5.574  -5.844  -9.660  1.00 17.34 ? 22  HIS A CA  1 
ATOM   175  C C   . HIS A 1 42  ? -5.214  -7.033  -10.567 1.00 17.69 ? 22  HIS A C   1 
ATOM   176  O O   . HIS A 1 42  ? -6.089  -7.786  -10.999 1.00 17.74 ? 22  HIS A O   1 
ATOM   177  C CB  . HIS A 1 42  ? -5.565  -4.533  -10.457 1.00 17.43 ? 22  HIS A CB  1 
ATOM   178  C CG  . HIS A 1 42  ? -6.836  -4.257  -11.197 1.00 17.90 ? 22  HIS A CG  1 
ATOM   179  N ND1 . HIS A 1 42  ? -7.017  -4.604  -12.518 1.00 19.00 ? 22  HIS A ND1 1 
ATOM   180  C CD2 . HIS A 1 42  ? -7.988  -3.665  -10.802 1.00 18.18 ? 22  HIS A CD2 1 
ATOM   181  C CE1 . HIS A 1 42  ? -8.227  -4.242  -12.906 1.00 19.03 ? 22  HIS A CE1 1 
ATOM   182  N NE2 . HIS A 1 42  ? -8.837  -3.669  -11.884 1.00 18.54 ? 22  HIS A NE2 1 
ATOM   183  N N   . ASN A 1 43  ? -3.916  -7.187  -10.835 1.00 18.05 ? 23  ASN A N   1 
ATOM   184  C CA  . ASN A 1 43  ? -3.367  -8.325  -11.570 1.00 18.76 ? 23  ASN A CA  1 
ATOM   185  C C   . ASN A 1 43  ? -3.743  -9.650  -10.888 1.00 18.71 ? 23  ASN A C   1 
ATOM   186  O O   . ASN A 1 43  ? -4.307  -10.537 -11.531 1.00 18.52 ? 23  ASN A O   1 
ATOM   187  C CB  . ASN A 1 43  ? -1.840  -8.148  -11.722 1.00 19.19 ? 23  ASN A CB  1 
ATOM   188  C CG  . ASN A 1 43  ? -1.107  -9.423  -12.163 1.00 21.21 ? 23  ASN A CG  1 
ATOM   189  O OD1 . ASN A 1 43  ? -1.656  -10.521 -12.165 1.00 24.31 ? 23  ASN A OD1 1 
ATOM   190  N ND2 . ASN A 1 43  ? 0.163   -9.268  -12.514 1.00 22.91 ? 23  ASN A ND2 1 
ATOM   191  N N   . PHE A 1 44  ? -3.457  -9.765  -9.589  1.00 18.59 ? 24  PHE A N   1 
ATOM   192  C CA  . PHE A 1 44  ? -3.820  -10.957 -8.812  1.00 18.75 ? 24  PHE A CA  1 
ATOM   193  C C   . PHE A 1 44  ? -5.312  -11.265 -8.922  1.00 18.58 ? 24  PHE A C   1 
ATOM   194  O O   . PHE A 1 44  ? -5.703  -12.414 -9.158  1.00 18.46 ? 24  PHE A O   1 
ATOM   195  C CB  . PHE A 1 44  ? -3.458  -10.793 -7.329  1.00 18.96 ? 24  PHE A CB  1 
ATOM   196  C CG  . PHE A 1 44  ? -1.977  -10.733 -7.047  1.00 19.43 ? 24  PHE A CG  1 
ATOM   197  C CD1 . PHE A 1 44  ? -1.053  -11.372 -7.872  1.00 20.02 ? 24  PHE A CD1 1 
ATOM   198  C CD2 . PHE A 1 44  ? -1.515  -10.071 -5.917  1.00 19.80 ? 24  PHE A CD2 1 
ATOM   199  C CE1 . PHE A 1 44  ? 0.317   -11.323 -7.583  1.00 20.12 ? 24  PHE A CE1 1 
ATOM   200  C CE2 . PHE A 1 44  ? -0.152  -10.019 -5.621  1.00 19.96 ? 24  PHE A CE2 1 
ATOM   201  C CZ  . PHE A 1 44  ? 0.763   -10.646 -6.454  1.00 19.44 ? 24  PHE A CZ  1 
ATOM   202  N N   . HIS A 1 45  ? -6.123  -10.225 -8.750  1.00 18.31 ? 25  HIS A N   1 
ATOM   203  C CA  . HIS A 1 45  ? -7.585  -10.317 -8.766  1.00 18.54 ? 25  HIS A CA  1 
ATOM   204  C C   . HIS A 1 45  ? -8.123  -11.039 -9.998  1.00 18.70 ? 25  HIS A C   1 
ATOM   205  O O   . HIS A 1 45  ? -8.942  -11.953 -9.879  1.00 18.78 ? 25  HIS A O   1 
ATOM   206  C CB  . HIS A 1 45  ? -8.187  -8.910  -8.651  1.00 18.19 ? 25  HIS A CB  1 
ATOM   207  C CG  . HIS A 1 45  ? -9.680  -8.866  -8.758  1.00 18.01 ? 25  HIS A CG  1 
ATOM   208  N ND1 . HIS A 1 45  ? -10.516 -9.226  -7.721  1.00 17.51 ? 25  HIS A ND1 1 
ATOM   209  C CD2 . HIS A 1 45  ? -10.487 -8.468  -9.770  1.00 16.97 ? 25  HIS A CD2 1 
ATOM   210  C CE1 . HIS A 1 45  ? -11.773 -9.060  -8.096  1.00 18.01 ? 25  HIS A CE1 1 
ATOM   211  N NE2 . HIS A 1 45  ? -11.783 -8.602  -9.335  1.00 16.41 ? 25  HIS A NE2 1 
ATOM   212  N N   . TRP A 1 46  ? -7.639  -10.646 -11.169 1.00 19.27 ? 26  TRP A N   1 
ATOM   213  C CA  . TRP A 1 46  ? -8.145  -11.179 -12.432 1.00 19.92 ? 26  TRP A CA  1 
ATOM   214  C C   . TRP A 1 46  ? -7.495  -12.497 -12.849 1.00 20.76 ? 26  TRP A C   1 
ATOM   215  O O   . TRP A 1 46  ? -8.060  -13.249 -13.651 1.00 20.75 ? 26  TRP A O   1 
ATOM   216  C CB  . TRP A 1 46  ? -8.025  -10.126 -13.543 1.00 19.52 ? 26  TRP A CB  1 
ATOM   217  C CG  . TRP A 1 46  ? -9.035  -9.023  -13.391 1.00 19.36 ? 26  TRP A CG  1 
ATOM   218  C CD1 . TRP A 1 46  ? -8.786  -7.709  -13.104 1.00 19.07 ? 26  TRP A CD1 1 
ATOM   219  C CD2 . TRP A 1 46  ? -10.460 -9.151  -13.481 1.00 19.44 ? 26  TRP A CD2 1 
ATOM   220  N NE1 . TRP A 1 46  ? -9.970  -7.011  -13.020 1.00 19.11 ? 26  TRP A NE1 1 
ATOM   221  C CE2 . TRP A 1 46  ? -11.011 -7.870  -13.252 1.00 18.87 ? 26  TRP A CE2 1 
ATOM   222  C CE3 . TRP A 1 46  ? -11.328 -10.227 -13.742 1.00 19.42 ? 26  TRP A CE3 1 
ATOM   223  C CZ2 . TRP A 1 46  ? -12.388 -7.633  -13.273 1.00 18.96 ? 26  TRP A CZ2 1 
ATOM   224  C CZ3 . TRP A 1 46  ? -12.698 -9.989  -13.767 1.00 19.19 ? 26  TRP A CZ3 1 
ATOM   225  C CH2 . TRP A 1 46  ? -13.216 -8.703  -13.529 1.00 18.97 ? 26  TRP A CH2 1 
ATOM   226  N N   . ASN A 1 47  ? -6.318  -12.778 -12.294 1.00 21.55 ? 27  ASN A N   1 
ATOM   227  C CA  . ASN A 1 47  ? -5.528  -13.939 -12.711 1.00 22.47 ? 27  ASN A CA  1 
ATOM   228  C C   . ASN A 1 47  ? -5.505  -15.120 -11.740 1.00 22.98 ? 27  ASN A C   1 
ATOM   229  O O   . ASN A 1 47  ? -4.916  -16.160 -12.043 1.00 22.98 ? 27  ASN A O   1 
ATOM   230  C CB  . ASN A 1 47  ? -4.107  -13.504 -13.063 1.00 22.35 ? 27  ASN A CB  1 
ATOM   231  C CG  . ASN A 1 47  ? -4.061  -12.676 -14.326 1.00 23.11 ? 27  ASN A CG  1 
ATOM   232  O OD1 . ASN A 1 47  ? -4.564  -13.093 -15.367 1.00 24.22 ? 27  ASN A OD1 1 
ATOM   233  N ND2 . ASN A 1 47  ? -3.466  -11.489 -14.240 1.00 23.26 ? 27  ASN A ND2 1 
ATOM   234  N N   . VAL A 1 48  ? -6.149  -14.960 -10.587 1.00 23.76 ? 28  VAL A N   1 
ATOM   235  C CA  . VAL A 1 48  ? -6.235  -16.040 -9.607  1.00 24.74 ? 28  VAL A CA  1 
ATOM   236  C C   . VAL A 1 48  ? -7.090  -17.194 -10.149 1.00 25.45 ? 28  VAL A C   1 
ATOM   237  O O   . VAL A 1 48  ? -8.132  -16.973 -10.772 1.00 25.13 ? 28  VAL A O   1 
ATOM   238  C CB  . VAL A 1 48  ? -6.749  -15.546 -8.224  1.00 24.57 ? 28  VAL A CB  1 
ATOM   239  C CG1 . VAL A 1 48  ? -8.151  -14.948 -8.325  1.00 24.61 ? 28  VAL A CG1 1 
ATOM   240  C CG2 . VAL A 1 48  ? -6.712  -16.675 -7.192  1.00 25.11 ? 28  VAL A CG2 1 
ATOM   241  N N   . LYS A 1 49  ? -6.608  -18.415 -9.924  1.00 26.54 ? 29  LYS A N   1 
ATOM   242  C CA  . LYS A 1 49  ? -7.262  -19.645 -10.371 1.00 27.76 ? 29  LYS A CA  1 
ATOM   243  C C   . LYS A 1 49  ? -7.296  -20.636 -9.207  1.00 28.31 ? 29  LYS A C   1 
ATOM   244  O O   . LYS A 1 49  ? -6.547  -20.488 -8.240  1.00 28.22 ? 29  LYS A O   1 
ATOM   245  C CB  . LYS A 1 49  ? -6.482  -20.277 -11.532 1.00 28.08 ? 29  LYS A CB  1 
ATOM   246  C CG  . LYS A 1 49  ? -6.038  -19.327 -12.653 1.00 28.90 ? 29  LYS A CG  1 
ATOM   247  C CD  . LYS A 1 49  ? -7.008  -19.315 -13.820 1.00 30.98 ? 29  LYS A CD  1 
ATOM   248  C CE  . LYS A 1 49  ? -6.323  -18.871 -15.114 1.00 31.49 ? 29  LYS A CE  1 
ATOM   249  N NZ  . LYS A 1 49  ? -5.979  -17.413 -15.106 1.00 32.26 ? 29  LYS A NZ  1 
ATOM   250  N N   . GLY A 1 50  ? -8.156  -21.649 -9.304  1.00 29.03 ? 30  GLY A N   1 
ATOM   251  C CA  . GLY A 1 50  ? -8.161  -22.749 -8.339  1.00 29.81 ? 30  GLY A CA  1 
ATOM   252  C C   . GLY A 1 50  ? -9.308  -22.690 -7.351  1.00 30.47 ? 30  GLY A C   1 
ATOM   253  O O   . GLY A 1 50  ? -10.096 -21.747 -7.366  1.00 30.36 ? 30  GLY A O   1 
ATOM   254  N N   . THR A 1 51  ? -9.386  -23.695 -6.479  1.00 31.19 ? 31  THR A N   1 
ATOM   255  C CA  . THR A 1 51  ? -10.527 -23.858 -5.564  1.00 32.01 ? 31  THR A CA  1 
ATOM   256  C C   . THR A 1 51  ? -10.713 -22.709 -4.582  1.00 32.26 ? 31  THR A C   1 
ATOM   257  O O   . THR A 1 51  ? -11.785 -22.566 -3.980  1.00 32.44 ? 31  THR A O   1 
ATOM   258  C CB  . THR A 1 51  ? -10.484 -25.209 -4.788  1.00 32.17 ? 31  THR A CB  1 
ATOM   259  O OG1 . THR A 1 51  ? -9.132  -25.524 -4.432  1.00 33.16 ? 31  THR A OG1 1 
ATOM   260  C CG2 . THR A 1 51  ? -11.063 -26.340 -5.639  1.00 32.00 ? 31  THR A CG2 1 
ATOM   261  N N   . ASP A 1 52  ? -9.680  -21.888 -4.427  1.00 32.46 ? 32  ASP A N   1 
ATOM   262  C CA  . ASP A 1 52  ? -9.786  -20.707 -3.584  1.00 32.76 ? 32  ASP A CA  1 
ATOM   263  C C   . ASP A 1 52  ? -10.256 -19.467 -4.352  1.00 32.30 ? 32  ASP A C   1 
ATOM   264  O O   . ASP A 1 52  ? -10.427 -18.399 -3.759  1.00 32.46 ? 32  ASP A O   1 
ATOM   265  C CB  . ASP A 1 52  ? -8.464  -20.431 -2.864  1.00 33.03 ? 32  ASP A CB  1 
ATOM   266  C CG  . ASP A 1 52  ? -8.675  -19.949 -1.440  1.00 34.66 ? 32  ASP A CG  1 
ATOM   267  O OD1 . ASP A 1 52  ? -9.798  -20.125 -0.911  1.00 36.26 ? 32  ASP A OD1 1 
ATOM   268  O OD2 . ASP A 1 52  ? -7.726  -19.393 -0.844  1.00 36.40 ? 32  ASP A OD2 1 
ATOM   269  N N   . PHE A 1 53  ? -10.494 -19.621 -5.656  1.00 31.81 ? 33  PHE A N   1 
ATOM   270  C CA  . PHE A 1 53  ? -10.817 -18.488 -6.529  1.00 31.15 ? 33  PHE A CA  1 
ATOM   271  C C   . PHE A 1 53  ? -11.797 -17.485 -5.927  1.00 31.31 ? 33  PHE A C   1 
ATOM   272  O O   . PHE A 1 53  ? -11.488 -16.298 -5.838  1.00 31.08 ? 33  PHE A O   1 
ATOM   273  C CB  . PHE A 1 53  ? -11.331 -18.937 -7.905  1.00 30.80 ? 33  PHE A CB  1 
ATOM   274  C CG  . PHE A 1 53  ? -11.903 -17.808 -8.722  1.00 29.34 ? 33  PHE A CG  1 
ATOM   275  C CD1 . PHE A 1 53  ? -11.068 -16.952 -9.430  1.00 27.94 ? 33  PHE A CD1 1 
ATOM   276  C CD2 . PHE A 1 53  ? -13.275 -17.579 -8.752  1.00 27.90 ? 33  PHE A CD2 1 
ATOM   277  C CE1 . PHE A 1 53  ? -11.592 -15.893 -10.172 1.00 27.37 ? 33  PHE A CE1 1 
ATOM   278  C CE2 . PHE A 1 53  ? -13.803 -16.527 -9.486  1.00 27.52 ? 33  PHE A CE2 1 
ATOM   279  C CZ  . PHE A 1 53  ? -12.961 -15.679 -10.194 1.00 26.63 ? 33  PHE A CZ  1 
ATOM   280  N N   . PHE A 1 54  ? -12.975 -17.963 -5.524  1.00 31.35 ? 34  PHE A N   1 
ATOM   281  C CA  . PHE A 1 54  ? -14.069 -17.077 -5.119  1.00 31.46 ? 34  PHE A CA  1 
ATOM   282  C C   . PHE A 1 54  ? -13.739 -16.186 -3.923  1.00 31.33 ? 34  PHE A C   1 
ATOM   283  O O   . PHE A 1 54  ? -14.100 -15.009 -3.909  1.00 31.61 ? 34  PHE A O   1 
ATOM   284  C CB  . PHE A 1 54  ? -15.362 -17.868 -4.883  1.00 31.56 ? 34  PHE A CB  1 
ATOM   285  C CG  . PHE A 1 54  ? -16.006 -18.362 -6.150  1.00 32.37 ? 34  PHE A CG  1 
ATOM   286  C CD1 . PHE A 1 54  ? -16.716 -17.489 -6.972  1.00 32.77 ? 34  PHE A CD1 1 
ATOM   287  C CD2 . PHE A 1 54  ? -15.897 -19.700 -6.526  1.00 33.14 ? 34  PHE A CD2 1 
ATOM   288  C CE1 . PHE A 1 54  ? -17.311 -17.937 -8.153  1.00 33.74 ? 34  PHE A CE1 1 
ATOM   289  C CE2 . PHE A 1 54  ? -16.489 -20.160 -7.705  1.00 33.82 ? 34  PHE A CE2 1 
ATOM   290  C CZ  . PHE A 1 54  ? -17.198 -19.274 -8.520  1.00 33.81 ? 34  PHE A CZ  1 
ATOM   291  N N   . ASN A 1 55  ? -13.048 -16.748 -2.935  1.00 31.13 ? 35  ASN A N   1 
ATOM   292  C CA  . ASN A 1 55  ? -12.600 -15.992 -1.764  1.00 30.89 ? 35  ASN A CA  1 
ATOM   293  C C   . ASN A 1 55  ? -11.476 -14.993 -2.081  1.00 29.78 ? 35  ASN A C   1 
ATOM   294  O O   . ASN A 1 55  ? -11.500 -13.858 -1.603  1.00 29.88 ? 35  ASN A O   1 
ATOM   295  C CB  . ASN A 1 55  ? -12.214 -16.962 -0.634  1.00 31.46 ? 35  ASN A CB  1 
ATOM   296  C CG  . ASN A 1 55  ? -10.970 -16.526 0.130   1.00 33.85 ? 35  ASN A CG  1 
ATOM   297  O OD1 . ASN A 1 55  ? -11.000 -15.581 0.928   1.00 36.72 ? 35  ASN A OD1 1 
ATOM   298  N ND2 . ASN A 1 55  ? -9.866  -17.235 -0.099  1.00 36.48 ? 35  ASN A ND2 1 
ATOM   299  N N   . VAL A 1 56  ? -10.510 -15.418 -2.890  1.00 28.47 ? 36  VAL A N   1 
ATOM   300  C CA  . VAL A 1 56  ? -9.368  -14.582 -3.248  1.00 27.38 ? 36  VAL A CA  1 
ATOM   301  C C   . VAL A 1 56  ? -9.786  -13.472 -4.217  1.00 26.77 ? 36  VAL A C   1 
ATOM   302  O O   . VAL A 1 56  ? -9.324  -12.338 -4.096  1.00 26.40 ? 36  VAL A O   1 
ATOM   303  C CB  . VAL A 1 56  ? -8.198  -15.417 -3.830  1.00 27.36 ? 36  VAL A CB  1 
ATOM   304  C CG1 . VAL A 1 56  ? -7.012  -14.532 -4.157  1.00 27.30 ? 36  VAL A CG1 1 
ATOM   305  C CG2 . VAL A 1 56  ? -7.777  -16.505 -2.849  1.00 27.60 ? 36  VAL A CG2 1 
ATOM   306  N N   . HIS A 1 57  ? -10.662 -13.807 -5.166  1.00 26.02 ? 37  HIS A N   1 
ATOM   307  C CA  . HIS A 1 57  ? -11.207 -12.839 -6.118  1.00 25.39 ? 37  HIS A CA  1 
ATOM   308  C C   . HIS A 1 57  ? -11.869 -11.691 -5.356  1.00 25.24 ? 37  HIS A C   1 
ATOM   309  O O   . HIS A 1 57  ? -11.621 -10.524 -5.650  1.00 25.05 ? 37  HIS A O   1 
ATOM   310  C CB  . HIS A 1 57  ? -12.199 -13.522 -7.075  1.00 24.98 ? 37  HIS A CB  1 
ATOM   311  C CG  . HIS A 1 57  ? -12.584 -12.694 -8.266  1.00 24.35 ? 37  HIS A CG  1 
ATOM   312  N ND1 . HIS A 1 57  ? -11.686 -12.328 -9.247  1.00 23.28 ? 37  HIS A ND1 1 
ATOM   313  C CD2 . HIS A 1 57  ? -13.784 -12.196 -8.651  1.00 23.39 ? 37  HIS A CD2 1 
ATOM   314  C CE1 . HIS A 1 57  ? -12.312 -11.625 -10.175 1.00 23.59 ? 37  HIS A CE1 1 
ATOM   315  N NE2 . HIS A 1 57  ? -13.586 -11.530 -9.837  1.00 23.62 ? 37  HIS A NE2 1 
ATOM   316  N N   . LYS A 1 58  ? -12.676 -12.031 -4.352  1.00 25.28 ? 38  LYS A N   1 
ATOM   317  C CA  . LYS A 1 58  ? -13.367 -11.024 -3.538  1.00 25.41 ? 38  LYS A CA  1 
ATOM   318  C C   . LYS A 1 58  ? -12.405 -10.236 -2.648  1.00 24.76 ? 38  LYS A C   1 
ATOM   319  O O   . LYS A 1 58  ? -12.474 -9.006  -2.598  1.00 24.55 ? 38  LYS A O   1 
ATOM   320  C CB  . LYS A 1 58  ? -14.466 -11.659 -2.680  1.00 25.84 ? 38  LYS A CB  1 
ATOM   321  C CG  . LYS A 1 58  ? -15.371 -10.640 -1.986  1.00 27.42 ? 38  LYS A CG  1 
ATOM   322  C CD  . LYS A 1 58  ? -16.346 -11.324 -1.033  1.00 31.01 ? 38  LYS A CD  1 
ATOM   323  C CE  . LYS A 1 58  ? -17.286 -10.318 -0.378  1.00 32.56 ? 38  LYS A CE  1 
ATOM   324  N NZ  . LYS A 1 58  ? -18.306 -10.997 0.482   1.00 34.08 ? 38  LYS A NZ  1 
ATOM   325  N N   . ALA A 1 59  ? -11.520 -10.948 -1.950  1.00 24.26 ? 39  ALA A N   1 
ATOM   326  C CA  . ALA A 1 59  ? -10.563 -10.321 -1.040  1.00 23.53 ? 39  ALA A CA  1 
ATOM   327  C C   . ALA A 1 59  ? -9.649  -9.333  -1.772  1.00 23.17 ? 39  ALA A C   1 
ATOM   328  O O   . ALA A 1 59  ? -9.427  -8.218  -1.296  1.00 23.15 ? 39  ALA A O   1 
ATOM   329  C CB  . ALA A 1 59  ? -9.743  -11.379 -0.298  1.00 23.46 ? 39  ALA A CB  1 
ATOM   330  N N   . THR A 1 60  ? -9.140  -9.741  -2.934  1.00 22.51 ? 40  THR A N   1 
ATOM   331  C CA  . THR A 1 60  ? -8.247  -8.891  -3.721  1.00 21.93 ? 40  THR A CA  1 
ATOM   332  C C   . THR A 1 60  ? -8.931  -7.623  -4.243  1.00 22.00 ? 40  THR A C   1 
ATOM   333  O O   . THR A 1 60  ? -8.285  -6.583  -4.365  1.00 21.52 ? 40  THR A O   1 
ATOM   334  C CB  . THR A 1 60  ? -7.582  -9.655  -4.889  1.00 21.85 ? 40  THR A CB  1 
ATOM   335  O OG1 . THR A 1 60  ? -8.575  -10.373 -5.626  1.00 20.92 ? 40  THR A OG1 1 
ATOM   336  C CG2 . THR A 1 60  ? -6.534  -10.630 -4.369  1.00 21.32 ? 40  THR A CG2 1 
ATOM   337  N N   . GLU A 1 61  ? -10.229 -7.702  -4.546  1.00 22.01 ? 41  GLU A N   1 
ATOM   338  C CA  . GLU A 1 61  ? -10.970 -6.507  -4.954  1.00 22.40 ? 41  GLU A CA  1 
ATOM   339  C C   . GLU A 1 61  ? -11.024 -5.495  -3.810  1.00 22.20 ? 41  GLU A C   1 
ATOM   340  O O   . GLU A 1 61  ? -10.842 -4.298  -4.028  1.00 21.99 ? 41  GLU A O   1 
ATOM   341  C CB  . GLU A 1 61  ? -12.383 -6.828  -5.451  1.00 22.67 ? 41  GLU A CB  1 
ATOM   342  C CG  . GLU A 1 61  ? -13.098 -5.601  -6.032  1.00 25.10 ? 41  GLU A CG  1 
ATOM   343  C CD  . GLU A 1 61  ? -14.516 -5.871  -6.505  1.00 28.14 ? 41  GLU A CD  1 
ATOM   344  O OE1 . GLU A 1 61  ? -14.772 -6.924  -7.123  1.00 30.35 ? 41  GLU A OE1 1 
ATOM   345  O OE2 . GLU A 1 61  ? -15.380 -5.003  -6.279  1.00 30.91 ? 41  GLU A OE2 1 
ATOM   346  N N   . GLU A 1 62  ? -11.267 -5.985  -2.597  1.00 22.04 ? 42  GLU A N   1 
ATOM   347  C CA  . GLU A 1 62  ? -11.261 -5.131  -1.417  1.00 22.36 ? 42  GLU A CA  1 
ATOM   348  C C   . GLU A 1 62  ? -9.877  -4.538  -1.182  1.00 21.44 ? 42  GLU A C   1 
ATOM   349  O O   . GLU A 1 62  ? -9.757  -3.352  -0.891  1.00 21.44 ? 42  GLU A O   1 
ATOM   350  C CB  . GLU A 1 62  ? -11.716 -5.908  -0.181  1.00 22.87 ? 42  GLU A CB  1 
ATOM   351  C CG  . GLU A 1 62  ? -13.178 -6.325  -0.230  1.00 25.95 ? 42  GLU A CG  1 
ATOM   352  C CD  . GLU A 1 62  ? -13.540 -7.338  0.840   1.00 29.54 ? 42  GLU A CD  1 
ATOM   353  O OE1 . GLU A 1 62  ? -12.647 -7.743  1.623   1.00 31.27 ? 42  GLU A OE1 1 
ATOM   354  O OE2 . GLU A 1 62  ? -14.725 -7.730  0.899   1.00 31.25 ? 42  GLU A OE2 1 
ATOM   355  N N   . ILE A 1 63  ? -8.847  -5.373  -1.324  1.00 20.70 ? 43  ILE A N   1 
ATOM   356  C CA  . ILE A 1 63  ? -7.459  -4.953  -1.122  1.00 19.92 ? 43  ILE A CA  1 
ATOM   357  C C   . ILE A 1 63  ? -7.022  -3.882  -2.129  1.00 19.83 ? 43  ILE A C   1 
ATOM   358  O O   . ILE A 1 63  ? -6.430  -2.872  -1.740  1.00 19.53 ? 43  ILE A O   1 
ATOM   359  C CB  . ILE A 1 63  ? -6.477  -6.161  -1.114  1.00 19.87 ? 43  ILE A CB  1 
ATOM   360  C CG1 . ILE A 1 63  ? -6.718  -7.033  0.130   1.00 19.31 ? 43  ILE A CG1 1 
ATOM   361  C CG2 . ILE A 1 63  ? -5.022  -5.684  -1.154  1.00 19.14 ? 43  ILE A CG2 1 
ATOM   362  C CD1 . ILE A 1 63  ? -6.044  -8.399  0.095   1.00 18.69 ? 43  ILE A CD1 1 
ATOM   363  N N   . TYR A 1 64  ? -7.322  -4.076  -3.412  1.00 19.43 ? 44  TYR A N   1 
ATOM   364  C CA  . TYR A 1 64  ? -6.901  -3.068  -4.385  1.00 19.63 ? 44  TYR A CA  1 
ATOM   365  C C   . TYR A 1 64  ? -7.664  -1.742  -4.265  1.00 19.69 ? 44  TYR A C   1 
ATOM   366  O O   . TYR A 1 64  ? -7.093  -0.686  -4.530  1.00 19.81 ? 44  TYR A O   1 
ATOM   367  C CB  . TYR A 1 64  ? -6.791  -3.597  -5.832  1.00 19.36 ? 44  TYR A CB  1 
ATOM   368  C CG  . TYR A 1 64  ? -8.069  -3.764  -6.634  1.00 19.60 ? 44  TYR A CG  1 
ATOM   369  C CD1 . TYR A 1 64  ? -8.403  -5.003  -7.176  1.00 20.04 ? 44  TYR A CD1 1 
ATOM   370  C CD2 . TYR A 1 64  ? -8.909  -2.682  -6.905  1.00 19.71 ? 44  TYR A CD2 1 
ATOM   371  C CE1 . TYR A 1 64  ? -9.554  -5.173  -7.932  1.00 20.15 ? 44  TYR A CE1 1 
ATOM   372  C CE2 . TYR A 1 64  ? -10.074 -2.843  -7.655  1.00 20.31 ? 44  TYR A CE2 1 
ATOM   373  C CZ  . TYR A 1 64  ? -10.384 -4.093  -8.165  1.00 20.42 ? 44  TYR A CZ  1 
ATOM   374  O OH  . TYR A 1 64  ? -11.522 -4.273  -8.915  1.00 22.50 ? 44  TYR A OH  1 
ATOM   375  N N   . GLU A 1 65  ? -8.927  -1.799  -3.833  1.00 19.92 ? 45  GLU A N   1 
ATOM   376  C CA  . GLU A 1 65  ? -9.713  -0.578  -3.591  1.00 20.40 ? 45  GLU A CA  1 
ATOM   377  C C   . GLU A 1 65  ? -9.198  0.196   -2.378  1.00 20.10 ? 45  GLU A C   1 
ATOM   378  O O   . GLU A 1 65  ? -9.300  1.420   -2.334  1.00 19.84 ? 45  GLU A O   1 
ATOM   379  C CB  . GLU A 1 65  ? -11.206 -0.886  -3.417  1.00 20.65 ? 45  GLU A CB  1 
ATOM   380  C CG  . GLU A 1 65  ? -11.923 -1.384  -4.676  1.00 23.13 ? 45  GLU A CG  1 
ATOM   381  C CD  . GLU A 1 65  ? -12.207 -0.295  -5.708  1.00 26.61 ? 45  GLU A CD  1 
ATOM   382  O OE1 . GLU A 1 65  ? -11.581 0.790   -5.663  1.00 28.76 ? 45  GLU A OE1 1 
ATOM   383  O OE2 . GLU A 1 65  ? -13.069 -0.533  -6.585  1.00 27.79 ? 45  GLU A OE2 1 
ATOM   384  N N   . GLU A 1 66  ? -8.662  -0.528  -1.395  1.00 19.99 ? 46  GLU A N   1 
ATOM   385  C CA  . GLU A 1 66  ? -8.000  0.084   -0.242  1.00 20.47 ? 46  GLU A CA  1 
ATOM   386  C C   . GLU A 1 66  ? -6.735  0.829   -0.666  1.00 20.05 ? 46  GLU A C   1 
ATOM   387  O O   . GLU A 1 66  ? -6.464  1.921   -0.169  1.00 20.10 ? 46  GLU A O   1 
ATOM   388  C CB  . GLU A 1 66  ? -7.660  -0.964  0.828   1.00 20.57 ? 46  GLU A CB  1 
ATOM   389  C CG  . GLU A 1 66  ? -8.861  -1.445  1.630   1.00 22.86 ? 46  GLU A CG  1 
ATOM   390  C CD  . GLU A 1 66  ? -8.554  -2.629  2.543   1.00 26.41 ? 46  GLU A CD  1 
ATOM   391  O OE1 . GLU A 1 66  ? -7.417  -3.155  2.521   1.00 27.77 ? 46  GLU A OE1 1 
ATOM   392  O OE2 . GLU A 1 66  ? -9.461  -3.039  3.299   1.00 28.57 ? 46  GLU A OE2 1 
ATOM   393  N N   . PHE A 1 67  ? -5.973  0.239   -1.588  1.00 19.66 ? 47  PHE A N   1 
ATOM   394  C CA  . PHE A 1 67  ? -4.781  0.895   -2.118  1.00 19.41 ? 47  PHE A CA  1 
ATOM   395  C C   . PHE A 1 67  ? -5.136  2.107   -2.970  1.00 19.16 ? 47  PHE A C   1 
ATOM   396  O O   . PHE A 1 67  ? -4.406  3.098   -2.972  1.00 19.20 ? 47  PHE A O   1 
ATOM   397  C CB  . PHE A 1 67  ? -3.896  -0.079  -2.901  1.00 19.49 ? 47  PHE A CB  1 
ATOM   398  C CG  . PHE A 1 67  ? -3.207  -1.097  -2.042  1.00 19.30 ? 47  PHE A CG  1 
ATOM   399  C CD1 . PHE A 1 67  ? -2.558  -0.720  -0.871  1.00 20.15 ? 47  PHE A CD1 1 
ATOM   400  C CD2 . PHE A 1 67  ? -3.181  -2.431  -2.417  1.00 19.60 ? 47  PHE A CD2 1 
ATOM   401  C CE1 . PHE A 1 67  ? -1.917  -1.665  -0.075  1.00 20.13 ? 47  PHE A CE1 1 
ATOM   402  C CE2 . PHE A 1 67  ? -2.535  -3.377  -1.633  1.00 19.97 ? 47  PHE A CE2 1 
ATOM   403  C CZ  . PHE A 1 67  ? -1.905  -2.991  -0.460  1.00 20.12 ? 47  PHE A CZ  1 
ATOM   404  N N   . ALA A 1 68  ? -6.262  2.025   -3.679  1.00 18.69 ? 48  ALA A N   1 
ATOM   405  C CA  . ALA A 1 68  ? -6.775  3.165   -4.434  1.00 18.35 ? 48  ALA A CA  1 
ATOM   406  C C   . ALA A 1 68  ? -7.163  4.305   -3.493  1.00 18.06 ? 48  ALA A C   1 
ATOM   407  O O   . ALA A 1 68  ? -6.885  5.467   -3.778  1.00 17.63 ? 48  ALA A O   1 
ATOM   408  C CB  . ALA A 1 68  ? -7.961  2.757   -5.315  1.00 18.25 ? 48  ALA A CB  1 
ATOM   409  N N   . ASP A 1 69  ? -7.786  3.966   -2.365  1.00 17.87 ? 49  ASP A N   1 
ATOM   410  C CA  . ASP A 1 69  ? -8.158  4.965   -1.361  1.00 17.83 ? 49  ASP A CA  1 
ATOM   411  C C   . ASP A 1 69  ? -6.927  5.594   -0.713  1.00 17.56 ? 49  ASP A C   1 
ATOM   412  O O   . ASP A 1 69  ? -6.896  6.800   -0.462  1.00 17.46 ? 49  ASP A O   1 
ATOM   413  C CB  . ASP A 1 69  ? -9.054  4.342   -0.286  1.00 18.22 ? 49  ASP A CB  1 
ATOM   414  C CG  . ASP A 1 69  ? -10.439 3.989   -0.803  1.00 19.23 ? 49  ASP A CG  1 
ATOM   415  O OD1 . ASP A 1 69  ? -10.865 4.538   -1.842  1.00 19.88 ? 49  ASP A OD1 1 
ATOM   416  O OD2 . ASP A 1 69  ? -11.108 3.157   -0.164  1.00 21.46 ? 49  ASP A OD2 1 
ATOM   417  N N   . MET A 1 70  ? -5.921  4.762   -0.442  1.00 17.24 ? 50  MET A N   1 
ATOM   418  C CA  . MET A 1 70  ? -4.654  5.211   0.139   1.00 16.79 ? 50  MET A CA  1 
ATOM   419  C C   . MET A 1 70  ? -3.954  6.211   -0.779  1.00 16.24 ? 50  MET A C   1 
ATOM   420  O O   . MET A 1 70  ? -3.435  7.225   -0.318  1.00 16.13 ? 50  MET A O   1 
ATOM   421  C CB  . MET A 1 70  ? -3.738  4.013   0.401   1.00 16.67 ? 50  MET A CB  1 
ATOM   422  C CG  . MET A 1 70  ? -2.432  4.373   1.091   1.00 17.84 ? 50  MET A CG  1 
ATOM   423  S SD  . MET A 1 70  ? -1.315  2.966   1.245   1.00 19.29 ? 50  MET A SD  1 
ATOM   424  C CE  . MET A 1 70  ? -2.091  2.051   2.578   1.00 19.12 ? 50  MET A CE  1 
ATOM   425  N N   . PHE A 1 71  ? -3.942  5.898   -2.072  1.00 15.82 ? 51  PHE A N   1 
ATOM   426  C CA  . PHE A 1 71  ? -3.428  6.783   -3.115  1.00 15.67 ? 51  PHE A CA  1 
ATOM   427  C C   . PHE A 1 71  ? -4.047  8.178   -2.990  1.00 15.69 ? 51  PHE A C   1 
ATOM   428  O O   . PHE A 1 71  ? -3.322  9.176   -2.960  1.00 15.86 ? 51  PHE A O   1 
ATOM   429  C CB  . PHE A 1 71  ? -3.718  6.164   -4.488  1.00 15.36 ? 51  PHE A CB  1 
ATOM   430  C CG  . PHE A 1 71  ? -3.236  6.982   -5.664  1.00 15.02 ? 51  PHE A CG  1 
ATOM   431  C CD1 . PHE A 1 71  ? -1.901  6.935   -6.068  1.00 14.65 ? 51  PHE A CD1 1 
ATOM   432  C CD2 . PHE A 1 71  ? -4.128  7.760   -6.395  1.00 14.79 ? 51  PHE A CD2 1 
ATOM   433  C CE1 . PHE A 1 71  ? -1.454  7.672   -7.169  1.00 14.52 ? 51  PHE A CE1 1 
ATOM   434  C CE2 . PHE A 1 71  ? -3.696  8.498   -7.501  1.00 15.73 ? 51  PHE A CE2 1 
ATOM   435  C CZ  . PHE A 1 71  ? -2.353  8.453   -7.889  1.00 14.94 ? 51  PHE A CZ  1 
ATOM   436  N N   . ASP A 1 72  ? -5.378  8.233   -2.904  1.00 15.69 ? 52  ASP A N   1 
ATOM   437  C CA  . ASP A 1 72  ? -6.111  9.492   -2.713  1.00 16.28 ? 52  ASP A CA  1 
ATOM   438  C C   . ASP A 1 72  ? -5.758  10.203  -1.402  1.00 15.82 ? 52  ASP A C   1 
ATOM   439  O O   . ASP A 1 72  ? -5.516  11.410  -1.396  1.00 15.92 ? 52  ASP A O   1 
ATOM   440  C CB  . ASP A 1 72  ? -7.628  9.258   -2.760  1.00 16.71 ? 52  ASP A CB  1 
ATOM   441  C CG  . ASP A 1 72  ? -8.139  8.919   -4.151  1.00 18.54 ? 52  ASP A CG  1 
ATOM   442  O OD1 . ASP A 1 72  ? -9.336  8.579   -4.266  1.00 21.45 ? 52  ASP A OD1 1 
ATOM   443  O OD2 . ASP A 1 72  ? -7.363  8.986   -5.130  1.00 20.73 ? 52  ASP A OD2 1 
ATOM   444  N N   . ASP A 1 73  ? -5.735  9.455   -0.297  1.00 15.76 ? 53  ASP A N   1 
ATOM   445  C CA  . ASP A 1 73  ? -5.429  10.012  1.027   1.00 15.43 ? 53  ASP A CA  1 
ATOM   446  C C   . ASP A 1 73  ? -4.055  10.662  1.055   1.00 15.03 ? 53  ASP A C   1 
ATOM   447  O O   . ASP A 1 73  ? -3.879  11.738  1.625   1.00 15.19 ? 53  ASP A O   1 
ATOM   448  C CB  . ASP A 1 73  ? -5.467  8.924   2.104   1.00 15.72 ? 53  ASP A CB  1 
ATOM   449  C CG  . ASP A 1 73  ? -6.873  8.419   2.398   1.00 16.70 ? 53  ASP A CG  1 
ATOM   450  O OD1 . ASP A 1 73  ? -7.859  9.057   1.976   1.00 17.67 ? 53  ASP A OD1 1 
ATOM   451  O OD2 . ASP A 1 73  ? -6.979  7.372   3.071   1.00 17.91 ? 53  ASP A OD2 1 
ATOM   452  N N   . LEU A 1 74  ? -3.081  9.990   0.446   1.00 14.60 ? 54  LEU A N   1 
ATOM   453  C CA  . LEU A 1 74  ? -1.698  10.449  0.444   1.00 14.32 ? 54  LEU A CA  1 
ATOM   454  C C   . LEU A 1 74  ? -1.542  11.724  -0.379  1.00 14.49 ? 54  LEU A C   1 
ATOM   455  O O   . LEU A 1 74  ? -0.783  12.617  -0.004  1.00 13.83 ? 54  LEU A O   1 
ATOM   456  C CB  . LEU A 1 74  ? -0.761  9.344   -0.067  1.00 14.00 ? 54  LEU A CB  1 
ATOM   457  C CG  . LEU A 1 74  ? -0.514  8.156   0.874   1.00 14.13 ? 54  LEU A CG  1 
ATOM   458  C CD1 . LEU A 1 74  ? -0.055  6.929   0.106   1.00 13.12 ? 54  LEU A CD1 1 
ATOM   459  C CD2 . LEU A 1 74  ? 0.494   8.508   1.966   1.00 13.69 ? 54  LEU A CD2 1 
ATOM   460  N N   . ALA A 1 75  ? -2.267  11.803  -1.495  1.00 14.95 ? 55  ALA A N   1 
ATOM   461  C CA  . ALA A 1 75  ? -2.285  13.014  -2.315  1.00 15.80 ? 55  ALA A CA  1 
ATOM   462  C C   . ALA A 1 75  ? -2.776  14.211  -1.500  1.00 16.48 ? 55  ALA A C   1 
ATOM   463  O O   . ALA A 1 75  ? -2.202  15.299  -1.576  1.00 16.57 ? 55  ALA A O   1 
ATOM   464  C CB  . ALA A 1 75  ? -3.150  12.817  -3.551  1.00 15.38 ? 55  ALA A CB  1 
ATOM   465  N N   . GLU A 1 76  ? -3.833  13.994  -0.718  1.00 17.27 ? 56  GLU A N   1 
ATOM   466  C CA  . GLU A 1 76  ? -4.389  15.023  0.158   1.00 18.11 ? 56  GLU A CA  1 
ATOM   467  C C   . GLU A 1 76  ? -3.363  15.480  1.198   1.00 18.34 ? 56  GLU A C   1 
ATOM   468  O O   . GLU A 1 76  ? -3.233  16.681  1.454   1.00 18.42 ? 56  GLU A O   1 
ATOM   469  C CB  . GLU A 1 76  ? -5.658  14.515  0.844   1.00 18.19 ? 56  GLU A CB  1 
ATOM   470  C CG  . GLU A 1 76  ? -6.357  15.546  1.723   1.00 19.53 ? 56  GLU A CG  1 
ATOM   471  C CD  . GLU A 1 76  ? -7.596  14.991  2.396   1.00 21.28 ? 56  GLU A CD  1 
ATOM   472  O OE1 . GLU A 1 76  ? -7.493  13.954  3.079   1.00 22.00 ? 56  GLU A OE1 1 
ATOM   473  O OE2 . GLU A 1 76  ? -8.675  15.599  2.247   1.00 23.26 ? 56  GLU A OE2 1 
ATOM   474  N N   . ARG A 1 77  ? -2.638  14.527  1.786   1.00 18.49 ? 57  ARG A N   1 
ATOM   475  C CA  . ARG A 1 77  ? -1.581  14.839  2.755   1.00 18.72 ? 57  ARG A CA  1 
ATOM   476  C C   . ARG A 1 77  ? -0.462  15.672  2.127   1.00 18.50 ? 57  ARG A C   1 
ATOM   477  O O   . ARG A 1 77  ? 0.105   16.554  2.778   1.00 18.09 ? 57  ARG A O   1 
ATOM   478  C CB  . ARG A 1 77  ? -0.996  13.562  3.386   1.00 18.95 ? 57  ARG A CB  1 
ATOM   479  C CG  . ARG A 1 77  ? -2.034  12.533  3.878   1.00 20.39 ? 57  ARG A CG  1 
ATOM   480  C CD  . ARG A 1 77  ? -2.690  12.888  5.216   1.00 22.17 ? 57  ARG A CD  1 
ATOM   481  N NE  . ARG A 1 77  ? -2.474  14.270  5.608   1.00 24.66 ? 57  ARG A NE  1 
ATOM   482  C CZ  . ARG A 1 77  ? -3.395  15.229  5.635   1.00 24.37 ? 57  ARG A CZ  1 
ATOM   483  N NH1 . ARG A 1 77  ? -4.663  14.987  5.314   1.00 24.21 ? 57  ARG A NH1 1 
ATOM   484  N NH2 . ARG A 1 77  ? -3.030  16.445  5.998   1.00 23.02 ? 57  ARG A NH2 1 
ATOM   485  N N   . ILE A 1 78  ? -0.154  15.389  0.863   1.00 18.09 ? 58  ILE A N   1 
ATOM   486  C CA  . ILE A 1 78  ? 0.929   16.079  0.169   1.00 17.97 ? 58  ILE A CA  1 
ATOM   487  C C   . ILE A 1 78  ? 0.597   17.550  -0.110  1.00 18.15 ? 58  ILE A C   1 
ATOM   488  O O   . ILE A 1 78  ? 1.432   18.423  0.129   1.00 17.81 ? 58  ILE A O   1 
ATOM   489  C CB  . ILE A 1 78  ? 1.373   15.332  -1.126  1.00 17.98 ? 58  ILE A CB  1 
ATOM   490  C CG1 . ILE A 1 78  ? 1.990   13.975  -0.761  1.00 17.55 ? 58  ILE A CG1 1 
ATOM   491  C CG2 . ILE A 1 78  ? 2.407   16.159  -1.892  1.00 17.33 ? 58  ILE A CG2 1 
ATOM   492  C CD1 . ILE A 1 78  ? 2.036   12.975  -1.901  1.00 17.58 ? 58  ILE A CD1 1 
ATOM   493  N N   . VAL A 1 79  ? -0.613  17.822  -0.601  1.00 18.44 ? 59  VAL A N   1 
ATOM   494  C CA  . VAL A 1 79  ? -0.994  19.200  -0.939  1.00 19.06 ? 59  VAL A CA  1 
ATOM   495  C C   . VAL A 1 79  ? -1.063  20.095  0.296   1.00 19.55 ? 59  VAL A C   1 
ATOM   496  O O   . VAL A 1 79  ? -0.735  21.278  0.217   1.00 19.31 ? 59  VAL A O   1 
ATOM   497  C CB  . VAL A 1 79  ? -2.311  19.312  -1.772  1.00 19.01 ? 59  VAL A CB  1 
ATOM   498  C CG1 . VAL A 1 79  ? -2.187  18.574  -3.102  1.00 18.69 ? 59  VAL A CG1 1 
ATOM   499  C CG2 . VAL A 1 79  ? -3.532  18.839  -0.981  1.00 18.69 ? 59  VAL A CG2 1 
ATOM   500  N N   . GLN A 1 80  ? -1.476  19.521  1.428   1.00 19.98 ? 60  GLN A N   1 
ATOM   501  C CA  . GLN A 1 80  ? -1.575  20.268  2.685   1.00 20.70 ? 60  GLN A CA  1 
ATOM   502  C C   . GLN A 1 80  ? -0.204  20.640  3.242   1.00 21.20 ? 60  GLN A C   1 
ATOM   503  O O   . GLN A 1 80  ? -0.087  21.544  4.071   1.00 21.53 ? 60  GLN A O   1 
ATOM   504  C CB  . GLN A 1 80  ? -2.425  19.519  3.719   1.00 20.54 ? 60  GLN A CB  1 
ATOM   505  C CG  . GLN A 1 80  ? -3.929  19.568  3.404   1.00 19.71 ? 60  GLN A CG  1 
ATOM   506  C CD  . GLN A 1 80  ? -4.790  18.757  4.369   1.00 19.06 ? 60  GLN A CD  1 
ATOM   507  O OE1 . GLN A 1 80  ? -4.406  18.506  5.509   1.00 18.57 ? 60  GLN A OE1 1 
ATOM   508  N NE2 . GLN A 1 80  ? -5.970  18.356  3.908   1.00 18.62 ? 60  GLN A NE2 1 
ATOM   509  N N   . LEU A 1 81  ? 0.830   19.952  2.765   1.00 21.50 ? 61  LEU A N   1 
ATOM   510  C CA  . LEU A 1 81  ? 2.211   20.323  3.062   1.00 21.90 ? 61  LEU A CA  1 
ATOM   511  C C   . LEU A 1 81  ? 2.789   21.313  2.042   1.00 21.99 ? 61  LEU A C   1 
ATOM   512  O O   . LEU A 1 81  ? 3.957   21.687  2.131   1.00 22.31 ? 61  LEU A O   1 
ATOM   513  C CB  . LEU A 1 81  ? 3.080   19.068  3.138   1.00 21.96 ? 61  LEU A CB  1 
ATOM   514  C CG  . LEU A 1 81  ? 3.405   18.452  4.503   1.00 22.65 ? 61  LEU A CG  1 
ATOM   515  C CD1 . LEU A 1 81  ? 2.384   18.781  5.596   1.00 22.81 ? 61  LEU A CD1 1 
ATOM   516  C CD2 . LEU A 1 81  ? 3.579   16.950  4.353   1.00 22.55 ? 61  LEU A CD2 1 
ATOM   517  N N   . GLY A 1 82  ? 1.971   21.726  1.074   1.00 21.93 ? 62  GLY A N   1 
ATOM   518  C CA  . GLY A 1 82  ? 2.383   22.698  0.056   1.00 21.92 ? 62  GLY A CA  1 
ATOM   519  C C   . GLY A 1 82  ? 3.177   22.115  -1.103  1.00 21.93 ? 62  GLY A C   1 
ATOM   520  O O   . GLY A 1 82  ? 3.913   22.835  -1.776  1.00 21.92 ? 62  GLY A O   1 
ATOM   521  N N   . HIS A 1 83  ? 3.030   20.813  -1.336  1.00 21.80 ? 63  HIS A N   1 
ATOM   522  C CA  . HIS A 1 83  ? 3.737   20.137  -2.418  1.00 21.73 ? 63  HIS A CA  1 
ATOM   523  C C   . HIS A 1 83  ? 2.769   19.511  -3.409  1.00 21.59 ? 63  HIS A C   1 
ATOM   524  O O   . HIS A 1 83  ? 1.567   19.424  -3.150  1.00 21.61 ? 63  HIS A O   1 
ATOM   525  C CB  . HIS A 1 83  ? 4.689   19.079  -1.855  1.00 21.98 ? 63  HIS A CB  1 
ATOM   526  C CG  . HIS A 1 83  ? 5.786   19.655  -1.020  1.00 22.78 ? 63  HIS A CG  1 
ATOM   527  N ND1 . HIS A 1 83  ? 7.004   20.026  -1.547  1.00 22.97 ? 63  HIS A ND1 1 
ATOM   528  C CD2 . HIS A 1 83  ? 5.838   19.957  0.299   1.00 23.05 ? 63  HIS A CD2 1 
ATOM   529  C CE1 . HIS A 1 83  ? 7.764   20.522  -0.587  1.00 24.20 ? 63  HIS A CE1 1 
ATOM   530  N NE2 . HIS A 1 83  ? 7.080   20.491  0.543   1.00 24.50 ? 63  HIS A NE2 1 
ATOM   531  N N   . HIS A 1 84  ? 3.303   19.094  -4.554  1.00 21.17 ? 64  HIS A N   1 
ATOM   532  C CA  . HIS A 1 84  ? 2.513   18.441  -5.578  1.00 20.84 ? 64  HIS A CA  1 
ATOM   533  C C   . HIS A 1 84  ? 2.543   16.934  -5.372  1.00 20.20 ? 64  HIS A C   1 
ATOM   534  O O   . HIS A 1 84  ? 3.606   16.359  -5.144  1.00 20.32 ? 64  HIS A O   1 
ATOM   535  C CB  . HIS A 1 84  ? 3.028   18.811  -6.972  1.00 21.07 ? 64  HIS A CB  1 
ATOM   536  C CG  . HIS A 1 84  ? 2.950   20.277  -7.264  1.00 22.00 ? 64  HIS A CG  1 
ATOM   537  N ND1 . HIS A 1 84  ? 4.027   21.126  -7.121  1.00 22.69 ? 64  HIS A ND1 1 
ATOM   538  C CD2 . HIS A 1 84  ? 1.911   21.050  -7.654  1.00 22.71 ? 64  HIS A CD2 1 
ATOM   539  C CE1 . HIS A 1 84  ? 3.659   22.356  -7.429  1.00 22.49 ? 64  HIS A CE1 1 
ATOM   540  N NE2 . HIS A 1 84  ? 2.380   22.338  -7.758  1.00 23.26 ? 64  HIS A NE2 1 
ATOM   541  N N   . PRO A 1 85  ? 1.369   16.286  -5.432  1.00 19.82 ? 65  PRO A N   1 
ATOM   542  C CA  . PRO A 1 85  ? 1.384   14.825  -5.416  1.00 19.46 ? 65  PRO A CA  1 
ATOM   543  C C   . PRO A 1 85  ? 1.910   14.311  -6.751  1.00 19.15 ? 65  PRO A C   1 
ATOM   544  O O   . PRO A 1 85  ? 2.272   15.118  -7.622  1.00 18.95 ? 65  PRO A O   1 
ATOM   545  C CB  . PRO A 1 85  ? -0.097  14.444  -5.246  1.00 19.30 ? 65  PRO A CB  1 
ATOM   546  C CG  . PRO A 1 85  ? -0.862  15.726  -5.121  1.00 19.69 ? 65  PRO A CG  1 
ATOM   547  C CD  . PRO A 1 85  ? 0.013   16.829  -5.623  1.00 19.84 ? 65  PRO A CD  1 
ATOM   548  N N   . LEU A 1 86  ? 1.948   12.991  -6.905  1.00 18.94 ? 66  LEU A N   1 
ATOM   549  C CA  . LEU A 1 86  ? 2.319   12.363  -8.173  1.00 18.92 ? 66  LEU A CA  1 
ATOM   550  C C   . LEU A 1 86  ? 1.570   12.960  -9.351  1.00 18.84 ? 66  LEU A C   1 
ATOM   551  O O   . LEU A 1 86  ? 0.358   13.159  -9.296  1.00 18.90 ? 66  LEU A O   1 
ATOM   552  C CB  . LEU A 1 86  ? 2.063   10.859  -8.134  1.00 18.88 ? 66  LEU A CB  1 
ATOM   553  C CG  . LEU A 1 86  ? 2.936   10.011  -7.217  1.00 19.63 ? 66  LEU A CG  1 
ATOM   554  C CD1 . LEU A 1 86  ? 2.398   8.597   -7.227  1.00 19.78 ? 66  LEU A CD1 1 
ATOM   555  C CD2 . LEU A 1 86  ? 4.396   10.043  -7.653  1.00 19.80 ? 66  LEU A CD2 1 
ATOM   556  N N   . VAL A 1 87  ? 2.311   13.226  -10.419 1.00 18.56 ? 67  VAL A N   1 
ATOM   557  C CA  . VAL A 1 87  ? 1.770   13.880  -11.599 1.00 18.57 ? 67  VAL A CA  1 
ATOM   558  C C   . VAL A 1 87  ? 1.383   12.839  -12.658 1.00 18.25 ? 67  VAL A C   1 
ATOM   559  O O   . VAL A 1 87  ? 0.346   12.968  -13.313 1.00 18.30 ? 67  VAL A O   1 
ATOM   560  C CB  . VAL A 1 87  ? 2.786   14.932  -12.149 1.00 18.66 ? 67  VAL A CB  1 
ATOM   561  C CG1 . VAL A 1 87  ? 2.294   15.552  -13.406 1.00 19.71 ? 67  VAL A CG1 1 
ATOM   562  C CG2 . VAL A 1 87  ? 3.027   16.035  -11.124 1.00 18.66 ? 67  VAL A CG2 1 
ATOM   563  N N   . THR A 1 88  ? 2.208   11.797  -12.789 1.00 17.83 ? 68  THR A N   1 
ATOM   564  C CA  . THR A 1 88  ? 2.062   10.783  -13.840 1.00 17.67 ? 68  THR A CA  1 
ATOM   565  C C   . THR A 1 88  ? 2.288   9.369   -13.299 1.00 17.51 ? 68  THR A C   1 
ATOM   566  O O   . THR A 1 88  ? 2.875   9.200   -12.232 1.00 17.35 ? 68  THR A O   1 
ATOM   567  C CB  . THR A 1 88  ? 3.088   11.007  -14.975 1.00 17.51 ? 68  THR A CB  1 
ATOM   568  O OG1 . THR A 1 88  ? 4.417   10.850  -14.456 1.00 17.89 ? 68  THR A OG1 1 
ATOM   569  C CG2 . THR A 1 88  ? 2.936   12.398  -15.592 1.00 17.01 ? 68  THR A CG2 1 
ATOM   570  N N   . LEU A 1 89  ? 1.837   8.361   -14.047 1.00 17.30 ? 69  LEU A N   1 
ATOM   571  C CA  . LEU A 1 89  ? 2.167   6.969   -13.752 1.00 17.01 ? 69  LEU A CA  1 
ATOM   572  C C   . LEU A 1 89  ? 3.670   6.732   -13.893 1.00 16.90 ? 69  LEU A C   1 
ATOM   573  O O   . LEU A 1 89  ? 4.252   5.954   -13.136 1.00 16.49 ? 69  LEU A O   1 
ATOM   574  C CB  . LEU A 1 89  ? 1.402   6.010   -14.672 1.00 17.25 ? 69  LEU A CB  1 
ATOM   575  C CG  . LEU A 1 89  ? -0.131  5.984   -14.659 1.00 17.66 ? 69  LEU A CG  1 
ATOM   576  C CD1 . LEU A 1 89  ? -0.628  4.867   -15.563 1.00 18.42 ? 69  LEU A CD1 1 
ATOM   577  C CD2 . LEU A 1 89  ? -0.693  5.815   -13.252 1.00 17.87 ? 69  LEU A CD2 1 
ATOM   578  N N   . SER A 1 90  ? 4.292   7.399   -14.869 1.00 16.66 ? 70  SER A N   1 
ATOM   579  C CA  . SER A 1 90  ? 5.752   7.364   -15.002 1.00 16.79 ? 70  SER A CA  1 
ATOM   580  C C   . SER A 1 90  ? 6.438   7.791   -13.709 1.00 16.25 ? 70  SER A C   1 
ATOM   581  O O   . SER A 1 90  ? 7.429   7.189   -13.299 1.00 16.07 ? 70  SER A O   1 
ATOM   582  C CB  . SER A 1 90  ? 6.223   8.234   -16.172 1.00 16.54 ? 70  SER A CB  1 
ATOM   583  O OG  . SER A 1 90  ? 6.020   7.546   -17.396 1.00 18.53 ? 70  SER A OG  1 
ATOM   584  N N   . GLU A 1 91  ? 5.898   8.818   -13.058 1.00 16.32 ? 71  GLU A N   1 
ATOM   585  C CA  . GLU A 1 91  ? 6.457   9.260   -11.787 1.00 16.23 ? 71  GLU A CA  1 
ATOM   586  C C   . GLU A 1 91  ? 6.233   8.239   -10.671 1.00 16.07 ? 71  GLU A C   1 
ATOM   587  O O   . GLU A 1 91  ? 7.099   8.057   -9.811  1.00 15.84 ? 71  GLU A O   1 
ATOM   588  C CB  . GLU A 1 91  ? 5.943   10.641  -11.382 1.00 16.20 ? 71  GLU A CB  1 
ATOM   589  C CG  . GLU A 1 91  ? 6.779   11.248  -10.261 1.00 17.43 ? 71  GLU A CG  1 
ATOM   590  C CD  . GLU A 1 91  ? 6.327   12.623  -9.830  1.00 18.84 ? 71  GLU A CD  1 
ATOM   591  O OE1 . GLU A 1 91  ? 7.180   13.357  -9.306  1.00 21.00 ? 71  GLU A OE1 1 
ATOM   592  O OE2 . GLU A 1 91  ? 5.138   12.972  -10.002 1.00 19.66 ? 71  GLU A OE2 1 
ATOM   593  N N   . ALA A 1 92  ? 5.077   7.576   -10.681 1.00 16.05 ? 72  ALA A N   1 
ATOM   594  C CA  . ALA A 1 92  ? 4.813   6.513   -9.706  1.00 16.01 ? 72  ALA A CA  1 
ATOM   595  C C   . ALA A 1 92  ? 5.824   5.369   -9.843  1.00 16.01 ? 72  ALA A C   1 
ATOM   596  O O   . ALA A 1 92  ? 6.367   4.884   -8.850  1.00 15.96 ? 72  ALA A O   1 
ATOM   597  C CB  . ALA A 1 92  ? 3.391   5.990   -9.851  1.00 16.25 ? 72  ALA A CB  1 
ATOM   598  N N   . ILE A 1 93  ? 6.087   4.956   -11.078 1.00 16.16 ? 73  ILE A N   1 
ATOM   599  C CA  . ILE A 1 93  ? 7.055   3.889   -11.343 1.00 16.48 ? 73  ILE A CA  1 
ATOM   600  C C   . ILE A 1 93  ? 8.461   4.299   -10.904 1.00 16.37 ? 73  ILE A C   1 
ATOM   601  O O   . ILE A 1 93  ? 9.205   3.486   -10.358 1.00 16.60 ? 73  ILE A O   1 
ATOM   602  C CB  . ILE A 1 93  ? 7.031   3.477   -12.826 1.00 16.50 ? 73  ILE A CB  1 
ATOM   603  C CG1 . ILE A 1 93  ? 5.665   2.879   -13.152 1.00 17.65 ? 73  ILE A CG1 1 
ATOM   604  C CG2 . ILE A 1 93  ? 8.141   2.472   -13.144 1.00 16.62 ? 73  ILE A CG2 1 
ATOM   605  C CD1 . ILE A 1 93  ? 5.381   2.772   -14.610 1.00 18.53 ? 73  ILE A CD1 1 
ATOM   606  N N   . LYS A 1 94  ? 8.808   5.565   -11.129 1.00 16.24 ? 74  LYS A N   1 
ATOM   607  C CA  . LYS A 1 94  ? 10.101  6.101   -10.699 1.00 16.35 ? 74  LYS A CA  1 
ATOM   608  C C   . LYS A 1 94  ? 10.284  6.000   -9.184  1.00 16.35 ? 74  LYS A C   1 
ATOM   609  O O   . LYS A 1 94  ? 11.282  5.464   -8.711  1.00 16.46 ? 74  LYS A O   1 
ATOM   610  C CB  . LYS A 1 94  ? 10.276  7.553   -11.166 1.00 15.86 ? 74  LYS A CB  1 
ATOM   611  C CG  . LYS A 1 94  ? 11.655  8.132   -10.859 1.00 16.31 ? 74  LYS A CG  1 
ATOM   612  C CD  . LYS A 1 94  ? 11.737  9.620   -11.210 1.00 16.14 ? 74  LYS A CD  1 
ATOM   613  C CE  . LYS A 1 94  ? 13.166  10.148  -11.069 1.00 16.43 ? 74  LYS A CE  1 
ATOM   614  N NZ  . LYS A 1 94  ? 14.091  9.498   -12.049 1.00 16.13 ? 74  LYS A NZ  1 
ATOM   615  N N   . LEU A 1 95  ? 9.302   6.494   -8.437  1.00 16.37 ? 75  LEU A N   1 
ATOM   616  C CA  . LEU A 1 95  ? 9.426   6.619   -6.987  1.00 16.63 ? 75  LEU A CA  1 
ATOM   617  C C   . LEU A 1 95  ? 9.167   5.340   -6.190  1.00 16.52 ? 75  LEU A C   1 
ATOM   618  O O   . LEU A 1 95  ? 9.639   5.214   -5.056  1.00 16.41 ? 75  LEU A O   1 
ATOM   619  C CB  . LEU A 1 95  ? 8.527   7.754   -6.480  1.00 16.62 ? 75  LEU A CB  1 
ATOM   620  C CG  . LEU A 1 95  ? 9.109   9.171   -6.343  1.00 18.00 ? 75  LEU A CG  1 
ATOM   621  C CD1 . LEU A 1 95  ? 10.205  9.500   -7.362  1.00 18.72 ? 75  LEU A CD1 1 
ATOM   622  C CD2 . LEU A 1 95  ? 7.998   10.212  -6.397  1.00 18.12 ? 75  LEU A CD2 1 
ATOM   623  N N   . THR A 1 96  ? 8.420   4.400   -6.765  1.00 16.37 ? 76  THR A N   1 
ATOM   624  C CA  . THR A 1 96  ? 8.014   3.203   -6.023  1.00 16.32 ? 76  THR A CA  1 
ATOM   625  C C   . THR A 1 96  ? 9.179   2.337   -5.528  1.00 16.67 ? 76  THR A C   1 
ATOM   626  O O   . THR A 1 96  ? 10.219  2.237   -6.180  1.00 16.32 ? 76  THR A O   1 
ATOM   627  C CB  . THR A 1 96  ? 7.014   2.321   -6.811  1.00 16.30 ? 76  THR A CB  1 
ATOM   628  O OG1 . THR A 1 96  ? 6.487   1.308   -5.945  1.00 16.11 ? 76  THR A OG1 1 
ATOM   629  C CG2 . THR A 1 96  ? 7.678   1.661   -8.023  1.00 16.00 ? 76  THR A CG2 1 
ATOM   630  N N   . ARG A 1 97  ? 8.984   1.730   -4.360  1.00 17.05 ? 77  ARG A N   1 
ATOM   631  C CA  . ARG A 1 97  ? 9.911   0.742   -3.818  1.00 17.91 ? 77  ARG A CA  1 
ATOM   632  C C   . ARG A 1 97  ? 9.365   -0.653  -4.087  1.00 18.38 ? 77  ARG A C   1 
ATOM   633  O O   . ARG A 1 97  ? 9.986   -1.647  -3.721  1.00 18.28 ? 77  ARG A O   1 
ATOM   634  C CB  . ARG A 1 97  ? 10.103  0.933   -2.304  1.00 17.70 ? 77  ARG A CB  1 
ATOM   635  C CG  . ARG A 1 97  ? 11.012  2.091   -1.891  1.00 18.15 ? 77  ARG A CG  1 
ATOM   636  C CD  . ARG A 1 97  ? 10.351  3.460   -2.071  1.00 19.20 ? 77  ARG A CD  1 
ATOM   637  N NE  . ARG A 1 97  ? 9.057   3.558   -1.389  1.00 20.00 ? 77  ARG A NE  1 
ATOM   638  C CZ  . ARG A 1 97  ? 8.885   4.027   -0.157  1.00 20.32 ? 77  ARG A CZ  1 
ATOM   639  N NH1 . ARG A 1 97  ? 9.924   4.453   0.554   1.00 20.64 ? 77  ARG A NH1 1 
ATOM   640  N NH2 . ARG A 1 97  ? 7.667   4.078   0.368   1.00 19.80 ? 77  ARG A NH2 1 
ATOM   641  N N   . VAL A 1 98  ? 8.198   -0.720  -4.727  1.00 19.19 ? 78  VAL A N   1 
ATOM   642  C CA  . VAL A 1 98  ? 7.537   -1.995  -4.987  1.00 20.23 ? 78  VAL A CA  1 
ATOM   643  C C   . VAL A 1 98  ? 7.884   -2.510  -6.382  1.00 21.34 ? 78  VAL A C   1 
ATOM   644  O O   . VAL A 1 98  ? 7.784   -1.776  -7.364  1.00 21.24 ? 78  VAL A O   1 
ATOM   645  C CB  . VAL A 1 98  ? 5.992   -1.891  -4.822  1.00 20.05 ? 78  VAL A CB  1 
ATOM   646  C CG1 . VAL A 1 98  ? 5.323   -3.240  -5.076  1.00 19.48 ? 78  VAL A CG1 1 
ATOM   647  C CG2 . VAL A 1 98  ? 5.627   -1.372  -3.433  1.00 19.97 ? 78  VAL A CG2 1 
ATOM   648  N N   . LYS A 1 99  ? 8.296   -3.773  -6.463  1.00 22.87 ? 79  LYS A N   1 
ATOM   649  C CA  . LYS A 1 99  ? 8.517   -4.411  -7.755  1.00 24.54 ? 79  LYS A CA  1 
ATOM   650  C C   . LYS A 1 99  ? 7.175   -4.709  -8.426  1.00 25.33 ? 79  LYS A C   1 
ATOM   651  O O   . LYS A 1 99  ? 6.282   -5.295  -7.818  1.00 25.26 ? 79  LYS A O   1 
ATOM   652  C CB  . LYS A 1 99  ? 9.345   -5.695  -7.618  1.00 24.69 ? 79  LYS A CB  1 
ATOM   653  C CG  . LYS A 1 99  ? 9.745   -6.287  -8.970  1.00 26.16 ? 79  LYS A CG  1 
ATOM   654  C CD  . LYS A 1 99  ? 10.487  -7.613  -8.866  1.00 28.42 ? 79  LYS A CD  1 
ATOM   655  C CE  . LYS A 1 99  ? 10.750  -8.158  -10.268 1.00 29.87 ? 79  LYS A CE  1 
ATOM   656  N NZ  . LYS A 1 99  ? 11.261  -9.558  -10.259 1.00 31.99 ? 79  LYS A NZ  1 
ATOM   657  N N   . GLU A 1 100 ? 7.040   -4.290  -9.680  1.00 26.60 ? 80  GLU A N   1 
ATOM   658  C CA  . GLU A 1 100 ? 5.849   -4.607  -10.456 1.00 28.00 ? 80  GLU A CA  1 
ATOM   659  C C   . GLU A 1 100 ? 5.854   -6.077  -10.869 1.00 29.28 ? 80  GLU A C   1 
ATOM   660  O O   . GLU A 1 100 ? 6.899   -6.632  -11.211 1.00 29.72 ? 80  GLU A O   1 
ATOM   661  C CB  . GLU A 1 100 ? 5.727   -3.684  -11.671 1.00 27.88 ? 80  GLU A CB  1 
ATOM   662  C CG  . GLU A 1 100 ? 5.346   -2.256  -11.293 1.00 27.08 ? 80  GLU A CG  1 
ATOM   663  C CD  . GLU A 1 100 ? 4.500   -1.563  -12.353 1.00 26.91 ? 80  GLU A CD  1 
ATOM   664  O OE1 . GLU A 1 100 ? 5.070   -1.160  -13.395 1.00 25.02 ? 80  GLU A OE1 1 
ATOM   665  O OE2 . GLU A 1 100 ? 3.271   -1.401  -12.127 1.00 25.39 ? 80  GLU A OE2 1 
ATOM   666  N N   . GLU A 1 101 ? 4.685   -6.705  -10.818 1.00 30.67 ? 81  GLU A N   1 
ATOM   667  C CA  . GLU A 1 101 ? 4.561   -8.123  -11.121 1.00 31.90 ? 81  GLU A CA  1 
ATOM   668  C C   . GLU A 1 101 ? 4.144   -8.354  -12.575 1.00 32.53 ? 81  GLU A C   1 
ATOM   669  O O   . GLU A 1 101 ? 3.048   -7.964  -12.971 1.00 32.76 ? 81  GLU A O   1 
ATOM   670  C CB  . GLU A 1 101 ? 3.555   -8.774  -10.162 1.00 32.09 ? 81  GLU A CB  1 
ATOM   671  C CG  . GLU A 1 101 ? 3.459   -10.285 -10.285 1.00 33.11 ? 81  GLU A CG  1 
ATOM   672  C CD  . GLU A 1 101 ? 4.821   -10.940 -10.288 1.00 34.41 ? 81  GLU A CD  1 
ATOM   673  O OE1 . GLU A 1 101 ? 5.505   -10.905 -9.243  1.00 35.79 ? 81  GLU A OE1 1 
ATOM   674  O OE2 . GLU A 1 101 ? 5.216   -11.472 -11.342 1.00 35.31 ? 81  GLU A OE2 1 
ATOM   675  N N   . THR A 1 102 ? 5.013   -8.996  -13.356 1.00 33.27 ? 82  THR A N   1 
ATOM   676  C CA  . THR A 1 102 ? 4.708   -9.300  -14.760 1.00 34.10 ? 82  THR A CA  1 
ATOM   677  C C   . THR A 1 102 ? 4.078   -10.683 -14.989 1.00 34.75 ? 82  THR A C   1 
ATOM   678  O O   . THR A 1 102 ? 3.496   -10.924 -16.051 1.00 34.92 ? 82  THR A O   1 
ATOM   679  C CB  . THR A 1 102 ? 5.930   -9.126  -15.683 1.00 34.12 ? 82  THR A CB  1 
ATOM   680  O OG1 . THR A 1 102 ? 7.018   -9.927  -15.198 1.00 34.45 ? 82  THR A OG1 1 
ATOM   681  C CG2 . THR A 1 102 ? 6.357   -7.657  -15.750 1.00 33.93 ? 82  THR A CG2 1 
ATOM   682  N N   . LYS A 1 103 ? 4.180   -11.580 -14.006 1.00 35.54 ? 83  LYS A N   1 
ATOM   683  C CA  . LYS A 1 103 ? 3.542   -12.900 -14.111 1.00 36.31 ? 83  LYS A CA  1 
ATOM   684  C C   . LYS A 1 103 ? 2.019   -12.779 -14.152 1.00 36.60 ? 83  LYS A C   1 
ATOM   685  O O   . LYS A 1 103 ? 1.447   -11.799 -13.662 1.00 36.52 ? 83  LYS A O   1 
ATOM   686  C CB  . LYS A 1 103 ? 3.954   -13.829 -12.961 1.00 36.52 ? 83  LYS A CB  1 
ATOM   687  C CG  . LYS A 1 103 ? 5.419   -14.276 -12.972 1.00 37.62 ? 83  LYS A CG  1 
ATOM   688  C CD  . LYS A 1 103 ? 5.681   -15.463 -12.027 1.00 39.45 ? 83  LYS A CD  1 
ATOM   689  C CE  . LYS A 1 103 ? 5.096   -15.270 -10.619 1.00 40.56 ? 83  LYS A CE  1 
ATOM   690  N NZ  . LYS A 1 103 ? 5.651   -14.084 -9.897  1.00 41.85 ? 83  LYS A NZ  1 
ATOM   691  N N   . THR A 1 104 ? 1.377   -13.780 -14.748 1.00 36.94 ? 84  THR A N   1 
ATOM   692  C CA  . THR A 1 104 ? -0.081  -13.834 -14.841 1.00 37.47 ? 84  THR A CA  1 
ATOM   693  C C   . THR A 1 104 ? -0.639  -15.155 -14.309 1.00 37.83 ? 84  THR A C   1 
ATOM   694  O O   . THR A 1 104 ? -1.837  -15.419 -14.420 1.00 37.83 ? 84  THR A O   1 
ATOM   695  C CB  . THR A 1 104 ? -0.576  -13.631 -16.285 1.00 37.34 ? 84  THR A CB  1 
ATOM   696  O OG1 . THR A 1 104 ? 0.116   -14.525 -17.164 1.00 37.73 ? 84  THR A OG1 1 
ATOM   697  C CG2 . THR A 1 104 ? -0.350  -12.205 -16.741 1.00 37.43 ? 84  THR A CG2 1 
ATOM   698  N N   . SER A 1 105 ? 0.236   -15.984 -13.747 1.00 38.41 ? 85  SER A N   1 
ATOM   699  C CA  . SER A 1 105 ? -0.184  -17.230 -13.112 1.00 38.98 ? 85  SER A CA  1 
ATOM   700  C C   . SER A 1 105 ? 0.525   -17.424 -11.775 1.00 39.29 ? 85  SER A C   1 
ATOM   701  O O   . SER A 1 105 ? 1.755   -17.386 -11.690 1.00 39.54 ? 85  SER A O   1 
ATOM   702  C CB  . SER A 1 105 ? 0.027   -18.437 -14.037 1.00 38.89 ? 85  SER A CB  1 
ATOM   703  O OG  . SER A 1 105 ? 1.385   -18.837 -14.062 1.00 38.78 ? 85  SER A OG  1 
ATOM   704  N N   . PHE A 1 106 ? -0.279  -17.608 -10.735 1.00 39.74 ? 86  PHE A N   1 
ATOM   705  C CA  . PHE A 1 106 ? 0.197   -17.755 -9.366  1.00 40.07 ? 86  PHE A CA  1 
ATOM   706  C C   . PHE A 1 106 ? -0.689  -18.796 -8.711  1.00 40.23 ? 86  PHE A C   1 
ATOM   707  O O   . PHE A 1 106 ? -1.757  -19.114 -9.237  1.00 40.45 ? 86  PHE A O   1 
ATOM   708  C CB  . PHE A 1 106 ? 0.033   -16.443 -8.582  1.00 40.03 ? 86  PHE A CB  1 
ATOM   709  C CG  . PHE A 1 106 ? 0.067   -15.203 -9.431  1.00 40.02 ? 86  PHE A CG  1 
ATOM   710  C CD1 . PHE A 1 106 ? -1.078  -14.765 -10.096 1.00 40.00 ? 86  PHE A CD1 1 
ATOM   711  C CD2 . PHE A 1 106 ? 1.237   -14.465 -9.551  1.00 39.99 ? 86  PHE A CD2 1 
ATOM   712  C CE1 . PHE A 1 106 ? -1.049  -13.620 -10.881 1.00 39.76 ? 86  PHE A CE1 1 
ATOM   713  C CE2 . PHE A 1 106 ? 1.275   -13.315 -10.334 1.00 39.93 ? 86  PHE A CE2 1 
ATOM   714  C CZ  . PHE A 1 106 ? 0.130   -12.894 -10.999 1.00 39.94 ? 86  PHE A CZ  1 
ATOM   715  N N   . HIS A 1 107 ? -0.276  -19.326 -7.564  1.00 40.15 ? 87  HIS A N   1 
ATOM   716  C CA  . HIS A 1 107 ? -1.276  -19.969 -6.725  1.00 40.05 ? 87  HIS A CA  1 
ATOM   717  C C   . HIS A 1 107 ? -1.692  -19.046 -5.594  1.00 39.35 ? 87  HIS A C   1 
ATOM   718  O O   . HIS A 1 107 ? -0.905  -18.206 -5.149  1.00 39.48 ? 87  HIS A O   1 
ATOM   719  C CB  . HIS A 1 107 ? -0.869  -21.363 -6.241  1.00 40.50 ? 87  HIS A CB  1 
ATOM   720  C CG  . HIS A 1 107 ? -1.996  -22.352 -6.305  1.00 41.98 ? 87  HIS A CG  1 
ATOM   721  N ND1 . HIS A 1 107 ? -2.692  -22.601 -7.469  1.00 43.10 ? 87  HIS A ND1 1 
ATOM   722  C CD2 . HIS A 1 107 ? -2.564  -23.131 -5.353  1.00 43.22 ? 87  HIS A CD2 1 
ATOM   723  C CE1 . HIS A 1 107 ? -3.635  -23.497 -7.234  1.00 43.77 ? 87  HIS A CE1 1 
ATOM   724  N NE2 . HIS A 1 107 ? -3.578  -23.836 -5.959  1.00 43.90 ? 87  HIS A NE2 1 
ATOM   725  N N   . SER A 1 108 ? -2.944  -19.184 -5.164  1.00 38.30 ? 88  SER A N   1 
ATOM   726  C CA  . SER A 1 108 ? -3.558  -18.293 -4.176  1.00 37.24 ? 88  SER A CA  1 
ATOM   727  C C   . SER A 1 108 ? -2.713  -18.066 -2.919  1.00 36.17 ? 88  SER A C   1 
ATOM   728  O O   . SER A 1 108 ? -2.744  -16.977 -2.337  1.00 35.98 ? 88  SER A O   1 
ATOM   729  C CB  . SER A 1 108 ? -4.940  -18.819 -3.790  1.00 37.51 ? 88  SER A CB  1 
ATOM   730  O OG  . SER A 1 108 ? -5.726  -19.071 -4.947  1.00 38.63 ? 88  SER A OG  1 
ATOM   731  N N   . LYS A 1 109 ? -1.972  -19.096 -2.506  1.00 34.75 ? 89  LYS A N   1 
ATOM   732  C CA  . LYS A 1 109 ? -1.090  -19.002 -1.344  1.00 33.45 ? 89  LYS A CA  1 
ATOM   733  C C   . LYS A 1 109 ? 0.016   -17.971 -1.581  1.00 32.25 ? 89  LYS A C   1 
ATOM   734  O O   . LYS A 1 109 ? 0.305   -17.154 -0.705  1.00 31.84 ? 89  LYS A O   1 
ATOM   735  C CB  . LYS A 1 109 ? -0.498  -20.374 -0.983  1.00 33.62 ? 89  LYS A CB  1 
ATOM   736  C CG  . LYS A 1 109 ? 0.131   -20.430 0.415   1.00 34.50 ? 89  LYS A CG  1 
ATOM   737  C CD  . LYS A 1 109 ? 0.711   -21.808 0.761   1.00 36.15 ? 89  LYS A CD  1 
ATOM   738  C CE  . LYS A 1 109 ? 2.074   -22.037 0.103   1.00 37.37 ? 89  LYS A CE  1 
ATOM   739  N NZ  . LYS A 1 109 ? 2.858   -23.136 0.755   1.00 38.33 ? 89  LYS A NZ  1 
ATOM   740  N N   . ASP A 1 110 ? 0.611   -18.008 -2.774  1.00 30.89 ? 90  ASP A N   1 
ATOM   741  C CA  . ASP A 1 110 ? 1.659   -17.061 -3.153  1.00 29.69 ? 90  ASP A CA  1 
ATOM   742  C C   . ASP A 1 110 ? 1.151   -15.630 -3.267  1.00 28.40 ? 90  ASP A C   1 
ATOM   743  O O   . ASP A 1 110 ? 1.906   -14.691 -3.023  1.00 27.96 ? 90  ASP A O   1 
ATOM   744  C CB  . ASP A 1 110 ? 2.333   -17.478 -4.460  1.00 29.93 ? 90  ASP A CB  1 
ATOM   745  C CG  . ASP A 1 110 ? 3.222   -18.694 -4.296  1.00 31.01 ? 90  ASP A CG  1 
ATOM   746  O OD1 . ASP A 1 110 ? 3.885   -18.828 -3.242  1.00 32.31 ? 90  ASP A OD1 1 
ATOM   747  O OD2 . ASP A 1 110 ? 3.255   -19.522 -5.226  1.00 32.20 ? 90  ASP A OD2 1 
ATOM   748  N N   . ILE A 1 111 ? -0.118  -15.472 -3.646  1.00 26.90 ? 91  ILE A N   1 
ATOM   749  C CA  . ILE A 1 111 ? -0.752  -14.155 -3.687  1.00 25.56 ? 91  ILE A CA  1 
ATOM   750  C C   . ILE A 1 111 ? -0.772  -13.545 -2.285  1.00 24.90 ? 91  ILE A C   1 
ATOM   751  O O   . ILE A 1 111 ? -0.332  -12.412 -2.094  1.00 24.57 ? 91  ILE A O   1 
ATOM   752  C CB  . ILE A 1 111 ? -2.181  -14.211 -4.281  1.00 25.46 ? 91  ILE A CB  1 
ATOM   753  C CG1 . ILE A 1 111 ? -2.120  -14.555 -5.771  1.00 25.29 ? 91  ILE A CG1 1 
ATOM   754  C CG2 . ILE A 1 111 ? -2.916  -12.888 -4.070  1.00 24.92 ? 91  ILE A CG2 1 
ATOM   755  C CD1 . ILE A 1 111 ? -3.439  -14.996 -6.359  1.00 25.94 ? 91  ILE A CD1 1 
ATOM   756  N N   . PHE A 1 112 ? -1.259  -14.307 -1.308  1.00 24.12 ? 92  PHE A N   1 
ATOM   757  C CA  . PHE A 1 112 ? -1.315  -13.821 0.070   1.00 23.76 ? 92  PHE A CA  1 
ATOM   758  C C   . PHE A 1 112 ? 0.067   -13.607 0.685   1.00 23.07 ? 92  PHE A C   1 
ATOM   759  O O   . PHE A 1 112 ? 0.253   -12.657 1.447   1.00 22.55 ? 92  PHE A O   1 
ATOM   760  C CB  . PHE A 1 112 ? -2.189  -14.716 0.955   1.00 23.94 ? 92  PHE A CB  1 
ATOM   761  C CG  . PHE A 1 112 ? -3.670  -14.525 0.732   1.00 25.22 ? 92  PHE A CG  1 
ATOM   762  C CD1 . PHE A 1 112 ? -4.526  -15.622 0.679   1.00 26.67 ? 92  PHE A CD1 1 
ATOM   763  C CD2 . PHE A 1 112 ? -4.206  -13.250 0.557   1.00 25.98 ? 92  PHE A CD2 1 
ATOM   764  C CE1 . PHE A 1 112 ? -5.901  -15.452 0.467   1.00 27.30 ? 92  PHE A CE1 1 
ATOM   765  C CE2 . PHE A 1 112 ? -5.581  -13.066 0.340   1.00 26.73 ? 92  PHE A CE2 1 
ATOM   766  C CZ  . PHE A 1 112 ? -6.427  -14.167 0.295   1.00 26.76 ? 92  PHE A CZ  1 
ATOM   767  N N   . LYS A 1 113 ? 1.024   -14.474 0.347   1.00 22.35 ? 93  LYS A N   1 
ATOM   768  C CA  . LYS A 1 113 ? 2.415   -14.300 0.782   1.00 22.26 ? 93  LYS A CA  1 
ATOM   769  C C   . LYS A 1 113 ? 2.989   -12.981 0.280   1.00 21.87 ? 93  LYS A C   1 
ATOM   770  O O   . LYS A 1 113 ? 3.613   -12.241 1.044   1.00 21.62 ? 93  LYS A O   1 
ATOM   771  C CB  . LYS A 1 113 ? 3.300   -15.462 0.321   1.00 22.23 ? 93  LYS A CB  1 
ATOM   772  C CG  . LYS A 1 113 ? 3.106   -16.742 1.111   1.00 23.13 ? 93  LYS A CG  1 
ATOM   773  C CD  . LYS A 1 113 ? 4.023   -17.857 0.615   1.00 24.31 ? 93  LYS A CD  1 
ATOM   774  C CE  . LYS A 1 113 ? 3.790   -19.122 1.418   1.00 26.56 ? 93  LYS A CE  1 
ATOM   775  N NZ  . LYS A 1 113 ? 4.788   -20.184 1.108   1.00 28.72 ? 93  LYS A NZ  1 
ATOM   776  N N   . GLU A 1 114 ? 2.764   -12.699 -1.005  1.00 21.64 ? 94  GLU A N   1 
ATOM   777  C CA  . GLU A 1 114 ? 3.219   -11.463 -1.636  1.00 21.71 ? 94  GLU A CA  1 
ATOM   778  C C   . GLU A 1 114 ? 2.603   -10.226 -0.993  1.00 20.92 ? 94  GLU A C   1 
ATOM   779  O O   . GLU A 1 114 ? 3.319   -9.288  -0.643  1.00 20.82 ? 94  GLU A O   1 
ATOM   780  C CB  . GLU A 1 114 ? 2.902   -11.468 -3.134  1.00 21.93 ? 94  GLU A CB  1 
ATOM   781  C CG  . GLU A 1 114 ? 3.841   -12.314 -3.975  1.00 24.62 ? 94  GLU A CG  1 
ATOM   782  C CD  . GLU A 1 114 ? 5.143   -11.611 -4.310  1.00 28.04 ? 94  GLU A CD  1 
ATOM   783  O OE1 . GLU A 1 114 ? 6.127   -12.320 -4.605  1.00 30.15 ? 94  GLU A OE1 1 
ATOM   784  O OE2 . GLU A 1 114 ? 5.193   -10.360 -4.288  1.00 29.33 ? 94  GLU A OE2 1 
ATOM   785  N N   . ILE A 1 115 ? 1.279   -10.231 -0.848  1.00 20.42 ? 95  ILE A N   1 
ATOM   786  C CA  . ILE A 1 115 ? 0.557   -9.097  -0.272  1.00 19.95 ? 95  ILE A CA  1 
ATOM   787  C C   . ILE A 1 115 ? 1.023   -8.836  1.167   1.00 19.83 ? 95  ILE A C   1 
ATOM   788  O O   . ILE A 1 115 ? 1.206   -7.682  1.559   1.00 19.77 ? 95  ILE A O   1 
ATOM   789  C CB  . ILE A 1 115 ? -0.982  -9.279  -0.357  1.00 19.97 ? 95  ILE A CB  1 
ATOM   790  C CG1 . ILE A 1 115 ? -1.436  -9.296  -1.822  1.00 19.46 ? 95  ILE A CG1 1 
ATOM   791  C CG2 . ILE A 1 115 ? -1.711  -8.156  0.389   1.00 19.74 ? 95  ILE A CG2 1 
ATOM   792  C CD1 . ILE A 1 115 ? -2.886  -9.690  -2.026  1.00 18.17 ? 95  ILE A CD1 1 
ATOM   793  N N   . LEU A 1 116 ? 1.243   -9.910  1.931   1.00 19.53 ? 96  LEU A N   1 
ATOM   794  C CA  . LEU A 1 116 ? 1.749   -9.810  3.304   1.00 19.14 ? 96  LEU A CA  1 
ATOM   795  C C   . LEU A 1 116 ? 3.072   -9.045  3.336   1.00 19.16 ? 96  LEU A C   1 
ATOM   796  O O   . LEU A 1 116 ? 3.235   -8.113  4.123   1.00 19.16 ? 96  LEU A O   1 
ATOM   797  C CB  . LEU A 1 116 ? 1.949   -11.201 3.924   1.00 18.97 ? 96  LEU A CB  1 
ATOM   798  C CG  . LEU A 1 116 ? 1.750   -11.453 5.432   1.00 18.84 ? 96  LEU A CG  1 
ATOM   799  C CD1 . LEU A 1 116 ? 2.613   -12.627 5.899   1.00 18.59 ? 96  LEU A CD1 1 
ATOM   800  C CD2 . LEU A 1 116 ? 1.974   -10.241 6.333   1.00 17.04 ? 96  LEU A CD2 1 
ATOM   801  N N   . GLU A 1 117 ? 4.010   -9.441  2.477   1.00 19.21 ? 97  GLU A N   1 
ATOM   802  C CA  . GLU A 1 117 ? 5.316   -8.777  2.399   1.00 19.47 ? 97  GLU A CA  1 
ATOM   803  C C   . GLU A 1 117 ? 5.191   -7.300  2.032   1.00 19.02 ? 97  GLU A C   1 
ATOM   804  O O   . GLU A 1 117 ? 5.945   -6.470  2.534   1.00 18.65 ? 97  GLU A O   1 
ATOM   805  C CB  . GLU A 1 117 ? 6.255   -9.493  1.418   1.00 19.85 ? 97  GLU A CB  1 
ATOM   806  C CG  . GLU A 1 117 ? 6.693   -10.899 1.861   1.00 21.52 ? 97  GLU A CG  1 
ATOM   807  C CD  . GLU A 1 117 ? 7.156   -10.952 3.316   1.00 24.83 ? 97  GLU A CD  1 
ATOM   808  O OE1 . GLU A 1 117 ? 8.078   -10.182 3.684   1.00 25.59 ? 97  GLU A OE1 1 
ATOM   809  O OE2 . GLU A 1 117 ? 6.592   -11.763 4.090   1.00 25.26 ? 97  GLU A OE2 1 
ATOM   810  N N   . ASP A 1 118 ? 4.230   -6.983  1.166   1.00 18.64 ? 98  ASP A N   1 
ATOM   811  C CA  . ASP A 1 118 ? 3.966   -5.598  0.792   1.00 18.54 ? 98  ASP A CA  1 
ATOM   812  C C   . ASP A 1 118 ? 3.395   -4.811  1.970   1.00 18.37 ? 98  ASP A C   1 
ATOM   813  O O   . ASP A 1 118 ? 3.820   -3.685  2.220   1.00 18.29 ? 98  ASP A O   1 
ATOM   814  C CB  . ASP A 1 118 ? 3.029   -5.527  -0.423  1.00 18.47 ? 98  ASP A CB  1 
ATOM   815  C CG  . ASP A 1 118 ? 3.678   -6.058  -1.699  1.00 19.24 ? 98  ASP A CG  1 
ATOM   816  O OD1 . ASP A 1 118 ? 4.900   -5.875  -1.891  1.00 20.45 ? 98  ASP A OD1 1 
ATOM   817  O OD2 . ASP A 1 118 ? 2.961   -6.660  -2.520  1.00 20.03 ? 98  ASP A OD2 1 
ATOM   818  N N   . TYR A 1 119 ? 2.440   -5.405  2.690   1.00 18.33 ? 99  TYR A N   1 
ATOM   819  C CA  . TYR A 1 119 ? 1.897   -4.797  3.911   1.00 18.40 ? 99  TYR A CA  1 
ATOM   820  C C   . TYR A 1 119 ? 2.993   -4.504  4.935   1.00 18.30 ? 99  TYR A C   1 
ATOM   821  O O   . TYR A 1 119 ? 3.014   -3.429  5.540   1.00 18.33 ? 99  TYR A O   1 
ATOM   822  C CB  . TYR A 1 119 ? 0.828   -5.689  4.551   1.00 18.46 ? 99  TYR A CB  1 
ATOM   823  C CG  . TYR A 1 119 ? -0.544  -5.649  3.904   1.00 19.28 ? 99  TYR A CG  1 
ATOM   824  C CD1 . TYR A 1 119 ? -1.043  -4.480  3.329   1.00 20.33 ? 99  TYR A CD1 1 
ATOM   825  C CD2 . TYR A 1 119 ? -1.357  -6.779  3.900   1.00 20.12 ? 99  TYR A CD2 1 
ATOM   826  C CE1 . TYR A 1 119 ? -2.307  -4.448  2.748   1.00 20.89 ? 99  TYR A CE1 1 
ATOM   827  C CE2 . TYR A 1 119 ? -2.622  -6.755  3.323   1.00 20.76 ? 99  TYR A CE2 1 
ATOM   828  C CZ  . TYR A 1 119 ? -3.089  -5.590  2.751   1.00 20.84 ? 99  TYR A CZ  1 
ATOM   829  O OH  . TYR A 1 119 ? -4.343  -5.565  2.185   1.00 22.48 ? 99  TYR A OH  1 
ATOM   830  N N   . LYS A 1 120 ? 3.902   -5.465  5.115   1.00 18.24 ? 100 LYS A N   1 
ATOM   831  C CA  . LYS A 1 120 ? 5.044   -5.315  6.022   1.00 18.29 ? 100 LYS A CA  1 
ATOM   832  C C   . LYS A 1 120 ? 5.940   -4.140  5.622   1.00 17.97 ? 100 LYS A C   1 
ATOM   833  O O   . LYS A 1 120 ? 6.392   -3.375  6.482   1.00 17.77 ? 100 LYS A O   1 
ATOM   834  C CB  . LYS A 1 120 ? 5.861   -6.609  6.085   1.00 18.39 ? 100 LYS A CB  1 
ATOM   835  C CG  . LYS A 1 120 ? 5.218   -7.727  6.895   1.00 19.85 ? 100 LYS A CG  1 
ATOM   836  C CD  . LYS A 1 120 ? 6.090   -8.983  6.882   1.00 21.53 ? 100 LYS A CD  1 
ATOM   837  C CE  . LYS A 1 120 ? 5.554   -10.033 7.838   1.00 23.58 ? 100 LYS A CE  1 
ATOM   838  N NZ  . LYS A 1 120 ? 6.231   -11.361 7.663   1.00 24.60 ? 100 LYS A NZ  1 
ATOM   839  N N   . HIS A 1 121 ? 6.189   -4.007  4.319   1.00 17.85 ? 101 HIS A N   1 
ATOM   840  C CA  . HIS A 1 121 ? 6.900   -2.852  3.764   1.00 17.41 ? 101 HIS A CA  1 
ATOM   841  C C   . HIS A 1 121 ? 6.183   -1.550  4.124   1.00 17.38 ? 101 HIS A C   1 
ATOM   842  O O   . HIS A 1 121 ? 6.806   -0.617  4.626   1.00 17.19 ? 101 HIS A O   1 
ATOM   843  C CB  . HIS A 1 121 ? 7.066   -2.996  2.241   1.00 17.37 ? 101 HIS A CB  1 
ATOM   844  C CG  . HIS A 1 121 ? 7.298   -1.700  1.524   1.00 17.28 ? 101 HIS A CG  1 
ATOM   845  N ND1 . HIS A 1 121 ? 8.493   -1.013  1.590   1.00 17.02 ? 101 HIS A ND1 1 
ATOM   846  C CD2 . HIS A 1 121 ? 6.488   -0.966  0.723   1.00 17.37 ? 101 HIS A CD2 1 
ATOM   847  C CE1 . HIS A 1 121 ? 8.409   0.086   0.864   1.00 17.07 ? 101 HIS A CE1 1 
ATOM   848  N NE2 . HIS A 1 121 ? 7.202   0.138   0.324   1.00 17.34 ? 101 HIS A NE2 1 
ATOM   849  N N   . LEU A 1 122 ? 4.875   -1.505  3.880   1.00 17.56 ? 102 LEU A N   1 
ATOM   850  C CA  . LEU A 1 122 ? 4.066   -0.316  4.163   1.00 17.85 ? 102 LEU A CA  1 
ATOM   851  C C   . LEU A 1 122 ? 4.072   0.054   5.640   1.00 18.22 ? 102 LEU A C   1 
ATOM   852  O O   . LEU A 1 122 ? 4.184   1.233   5.985   1.00 18.44 ? 102 LEU A O   1 
ATOM   853  C CB  . LEU A 1 122 ? 2.626   -0.500  3.675   1.00 17.69 ? 102 LEU A CB  1 
ATOM   854  C CG  . LEU A 1 122 ? 2.371   -0.514  2.165   1.00 17.49 ? 102 LEU A CG  1 
ATOM   855  C CD1 . LEU A 1 122 ? 0.909   -0.769  1.902   1.00 16.69 ? 102 LEU A CD1 1 
ATOM   856  C CD2 . LEU A 1 122 ? 2.819   0.793   1.508   1.00 16.60 ? 102 LEU A CD2 1 
ATOM   857  N N   . GLU A 1 123 ? 3.958   -0.954  6.504   1.00 18.65 ? 103 GLU A N   1 
ATOM   858  C CA  . GLU A 1 123 ? 3.987   -0.737  7.945   1.00 19.09 ? 103 GLU A CA  1 
ATOM   859  C C   . GLU A 1 123 ? 5.285   -0.056  8.366   1.00 19.45 ? 103 GLU A C   1 
ATOM   860  O O   . GLU A 1 123 ? 5.259   0.889   9.154   1.00 19.23 ? 103 GLU A O   1 
ATOM   861  C CB  . GLU A 1 123 ? 3.798   -2.056  8.701   1.00 19.10 ? 103 GLU A CB  1 
ATOM   862  C CG  . GLU A 1 123 ? 3.863   -1.910  10.223  1.00 20.07 ? 103 GLU A CG  1 
ATOM   863  C CD  . GLU A 1 123 ? 3.869   -3.243  10.962  1.00 20.95 ? 103 GLU A CD  1 
ATOM   864  O OE1 . GLU A 1 123 ? 4.306   -4.260  10.387  1.00 20.62 ? 103 GLU A OE1 1 
ATOM   865  O OE2 . GLU A 1 123 ? 3.448   -3.264  12.139  1.00 22.50 ? 103 GLU A OE2 1 
ATOM   866  N N   . LYS A 1 124 ? 6.414   -0.534  7.837   1.00 19.88 ? 104 LYS A N   1 
ATOM   867  C CA  . LYS A 1 124 ? 7.718   0.072   8.118   1.00 20.38 ? 104 LYS A CA  1 
ATOM   868  C C   . LYS A 1 124 ? 7.747   1.539   7.694   1.00 20.10 ? 104 LYS A C   1 
ATOM   869  O O   . LYS A 1 124 ? 8.270   2.392   8.418   1.00 19.91 ? 104 LYS A O   1 
ATOM   870  C CB  . LYS A 1 124 ? 8.848   -0.675  7.405   1.00 20.61 ? 104 LYS A CB  1 
ATOM   871  C CG  . LYS A 1 124 ? 9.158   -2.055  7.951   1.00 23.16 ? 104 LYS A CG  1 
ATOM   872  C CD  . LYS A 1 124 ? 10.435  -2.609  7.311   1.00 26.29 ? 104 LYS A CD  1 
ATOM   873  C CE  . LYS A 1 124 ? 10.452  -4.132  7.299   1.00 28.00 ? 104 LYS A CE  1 
ATOM   874  N NZ  . LYS A 1 124 ? 10.469  -4.720  8.668   1.00 30.41 ? 104 LYS A NZ  1 
ATOM   875  N N   . GLU A 1 125 ? 7.183   1.822   6.523   1.00 20.05 ? 105 GLU A N   1 
ATOM   876  C CA  . GLU A 1 125 ? 7.169   3.181   5.978   1.00 20.18 ? 105 GLU A CA  1 
ATOM   877  C C   . GLU A 1 125 ? 6.238   4.118   6.739   1.00 19.83 ? 105 GLU A C   1 
ATOM   878  O O   . GLU A 1 125 ? 6.596   5.270   6.994   1.00 19.85 ? 105 GLU A O   1 
ATOM   879  C CB  . GLU A 1 125 ? 6.819   3.169   4.489   1.00 20.45 ? 105 GLU A CB  1 
ATOM   880  C CG  . GLU A 1 125 ? 7.901   2.552   3.615   1.00 21.84 ? 105 GLU A CG  1 
ATOM   881  C CD  . GLU A 1 125 ? 9.174   3.369   3.619   1.00 23.55 ? 105 GLU A CD  1 
ATOM   882  O OE1 . GLU A 1 125 ? 10.246  2.791   3.872   1.00 24.88 ? 105 GLU A OE1 1 
ATOM   883  O OE2 . GLU A 1 125 ? 9.101   4.594   3.384   1.00 24.28 ? 105 GLU A OE2 1 
ATOM   884  N N   . PHE A 1 126 ? 5.048   3.631   7.093   1.00 19.49 ? 106 PHE A N   1 
ATOM   885  C CA  . PHE A 1 126 ? 4.105   4.434   7.874   1.00 19.41 ? 106 PHE A CA  1 
ATOM   886  C C   . PHE A 1 126 ? 4.605   4.686   9.303   1.00 19.49 ? 106 PHE A C   1 
ATOM   887  O O   . PHE A 1 126 ? 4.289   5.718   9.895   1.00 19.18 ? 106 PHE A O   1 
ATOM   888  C CB  . PHE A 1 126 ? 2.693   3.826   7.864   1.00 19.26 ? 106 PHE A CB  1 
ATOM   889  C CG  . PHE A 1 126 ? 1.874   4.202   6.650   1.00 18.49 ? 106 PHE A CG  1 
ATOM   890  C CD1 . PHE A 1 126 ? 1.187   5.413   6.605   1.00 18.07 ? 106 PHE A CD1 1 
ATOM   891  C CD2 . PHE A 1 126 ? 1.784   3.343   5.561   1.00 18.12 ? 106 PHE A CD2 1 
ATOM   892  C CE1 . PHE A 1 126 ? 0.432   5.768   5.491   1.00 17.58 ? 106 PHE A CE1 1 
ATOM   893  C CE2 . PHE A 1 126 ? 1.028   3.683   4.437   1.00 17.92 ? 106 PHE A CE2 1 
ATOM   894  C CZ  . PHE A 1 126 ? 0.351   4.900   4.400   1.00 17.48 ? 106 PHE A CZ  1 
ATOM   895  N N   . LYS A 1 127 ? 5.391   3.750   9.841   1.00 19.69 ? 107 LYS A N   1 
ATOM   896  C CA  . LYS A 1 127 ? 6.094   3.958   11.111  1.00 20.36 ? 107 LYS A CA  1 
ATOM   897  C C   . LYS A 1 127 ? 7.064   5.127   10.977  1.00 20.34 ? 107 LYS A C   1 
ATOM   898  O O   . LYS A 1 127 ? 7.089   6.028   11.820  1.00 20.03 ? 107 LYS A O   1 
ATOM   899  C CB  . LYS A 1 127 ? 6.865   2.704   11.535  1.00 20.43 ? 107 LYS A CB  1 
ATOM   900  C CG  . LYS A 1 127 ? 6.053   1.681   12.316  1.00 22.02 ? 107 LYS A CG  1 
ATOM   901  C CD  . LYS A 1 127 ? 6.899   0.460   12.658  1.00 24.31 ? 107 LYS A CD  1 
ATOM   902  C CE  . LYS A 1 127 ? 6.149   -0.506  13.564  1.00 25.69 ? 107 LYS A CE  1 
ATOM   903  N NZ  . LYS A 1 127 ? 6.867   -1.808  13.710  1.00 26.62 ? 107 LYS A NZ  1 
ATOM   904  N N   . GLU A 1 128 ? 7.855   5.100   9.907   1.00 20.56 ? 108 GLU A N   1 
ATOM   905  C CA  . GLU A 1 128 ? 8.809   6.163   9.623   1.00 21.24 ? 108 GLU A CA  1 
ATOM   906  C C   . GLU A 1 128 ? 8.092   7.492   9.368   1.00 20.84 ? 108 GLU A C   1 
ATOM   907  O O   . GLU A 1 128 ? 8.547   8.543   9.829   1.00 20.85 ? 108 GLU A O   1 
ATOM   908  C CB  . GLU A 1 128 ? 9.706   5.787   8.439   1.00 21.70 ? 108 GLU A CB  1 
ATOM   909  C CG  . GLU A 1 128 ? 10.960  6.651   8.310   1.00 24.54 ? 108 GLU A CG  1 
ATOM   910  C CD  . GLU A 1 128 ? 11.759  6.714   9.603   1.00 28.27 ? 108 GLU A CD  1 
ATOM   911  O OE1 . GLU A 1 128 ? 12.180  5.646   10.099  1.00 30.68 ? 108 GLU A OE1 1 
ATOM   912  O OE2 . GLU A 1 128 ? 11.963  7.833   10.126  1.00 30.44 ? 108 GLU A OE2 1 
ATOM   913  N N   . LEU A 1 129 ? 6.968   7.429   8.654   1.00 20.11 ? 109 LEU A N   1 
ATOM   914  C CA  . LEU A 1 129 ? 6.122   8.597   8.403   1.00 19.75 ? 109 LEU A CA  1 
ATOM   915  C C   . LEU A 1 129 ? 5.707   9.249   9.721   1.00 19.49 ? 109 LEU A C   1 
ATOM   916  O O   . LEU A 1 129 ? 5.872   10.454  9.897   1.00 19.21 ? 109 LEU A O   1 
ATOM   917  C CB  . LEU A 1 129 ? 4.863   8.189   7.636   1.00 19.52 ? 109 LEU A CB  1 
ATOM   918  C CG  . LEU A 1 129 ? 4.229   9.085   6.563   1.00 20.11 ? 109 LEU A CG  1 
ATOM   919  C CD1 . LEU A 1 129 ? 2.702   8.979   6.619   1.00 19.28 ? 109 LEU A CD1 1 
ATOM   920  C CD2 . LEU A 1 129 ? 4.677   10.547  6.613   1.00 18.64 ? 109 LEU A CD2 1 
ATOM   921  N N   . SER A 1 130 ? 5.159   8.441   10.629  1.00 19.11 ? 110 SER A N   1 
ATOM   922  C CA  . SER A 1 130 ? 4.686   8.922   11.923  1.00 19.22 ? 110 SER A CA  1 
ATOM   923  C C   . SER A 1 130 ? 5.803   9.589   12.728  1.00 19.42 ? 110 SER A C   1 
ATOM   924  O O   . SER A 1 130 ? 5.618   10.686  13.255  1.00 19.15 ? 110 SER A O   1 
ATOM   925  C CB  . SER A 1 130 ? 4.077   7.771   12.726  1.00 19.29 ? 110 SER A CB  1 
ATOM   926  O OG  . SER A 1 130 ? 3.579   8.235   13.968  1.00 18.83 ? 110 SER A OG  1 
ATOM   927  N N   . ASN A 1 131 ? 6.954   8.918   12.809  1.00 19.75 ? 111 ASN A N   1 
ATOM   928  C CA  . ASN A 1 131 ? 8.114   9.417   13.553  1.00 20.26 ? 111 ASN A CA  1 
ATOM   929  C C   . ASN A 1 131 ? 8.675   10.706  12.979  1.00 20.59 ? 111 ASN A C   1 
ATOM   930  O O   . ASN A 1 131 ? 8.978   11.642  13.721  1.00 20.88 ? 111 ASN A O   1 
ATOM   931  C CB  . ASN A 1 131 ? 9.219   8.361   13.610  1.00 20.15 ? 111 ASN A CB  1 
ATOM   932  C CG  . ASN A 1 131 ? 8.875   7.202   14.524  1.00 20.65 ? 111 ASN A CG  1 
ATOM   933  O OD1 . ASN A 1 131 ? 8.179   7.368   15.523  1.00 21.38 ? 111 ASN A OD1 1 
ATOM   934  N ND2 . ASN A 1 131 ? 9.371   6.020   14.189  1.00 20.76 ? 111 ASN A ND2 1 
ATOM   935  N N   . THR A 1 132 ? 8.813   10.739  11.656  1.00 21.02 ? 112 THR A N   1 
ATOM   936  C CA  . THR A 1 132 ? 9.329   11.902  10.946  1.00 21.49 ? 112 THR A CA  1 
ATOM   937  C C   . THR A 1 132 ? 8.380   13.094  11.083  1.00 21.72 ? 112 THR A C   1 
ATOM   938  O O   . THR A 1 132 ? 8.817   14.200  11.406  1.00 21.59 ? 112 THR A O   1 
ATOM   939  C CB  . THR A 1 132 ? 9.598   11.568  9.463   1.00 21.51 ? 112 THR A CB  1 
ATOM   940  O OG1 . THR A 1 132 ? 10.602  10.551  9.396   1.00 21.79 ? 112 THR A OG1 1 
ATOM   941  C CG2 . THR A 1 132 ? 10.078  12.798  8.685   1.00 21.33 ? 112 THR A CG2 1 
ATOM   942  N N   . ALA A 1 133 ? 7.086   12.859  10.870  1.00 21.98 ? 113 ALA A N   1 
ATOM   943  C CA  . ALA A 1 133 ? 6.089   13.917  11.003  1.00 22.57 ? 113 ALA A CA  1 
ATOM   944  C C   . ALA A 1 133 ? 6.024   14.467  12.429  1.00 23.16 ? 113 ALA A C   1 
ATOM   945  O O   . ALA A 1 133 ? 5.818   15.668  12.619  1.00 22.99 ? 113 ALA A O   1 
ATOM   946  C CB  . ALA A 1 133 ? 4.723   13.438  10.553  1.00 22.31 ? 113 ALA A CB  1 
ATOM   947  N N   . GLU A 1 134 ? 6.203   13.595  13.422  1.00 24.16 ? 114 GLU A N   1 
ATOM   948  C CA  . GLU A 1 134 ? 6.189   14.023  14.819  1.00 25.52 ? 114 GLU A CA  1 
ATOM   949  C C   . GLU A 1 134 ? 7.340   14.984  15.113  1.00 26.00 ? 114 GLU A C   1 
ATOM   950  O O   . GLU A 1 134 ? 7.142   16.008  15.767  1.00 26.25 ? 114 GLU A O   1 
ATOM   951  C CB  . GLU A 1 134 ? 6.227   12.827  15.776  1.00 25.65 ? 114 GLU A CB  1 
ATOM   952  C CG  . GLU A 1 134 ? 5.939   13.208  17.230  1.00 27.37 ? 114 GLU A CG  1 
ATOM   953  C CD  . GLU A 1 134 ? 6.262   12.097  18.212  1.00 30.11 ? 114 GLU A CD  1 
ATOM   954  O OE1 . GLU A 1 134 ? 6.617   12.411  19.372  1.00 31.85 ? 114 GLU A OE1 1 
ATOM   955  O OE2 . GLU A 1 134 ? 6.169   10.911  17.832  1.00 31.04 ? 114 GLU A OE2 1 
ATOM   956  N N   . LYS A 1 135 ? 8.526   14.648  14.610  1.00 26.85 ? 115 LYS A N   1 
ATOM   957  C CA  . LYS A 1 135 ? 9.726   15.481  14.753  1.00 27.88 ? 115 LYS A CA  1 
ATOM   958  C C   . LYS A 1 135 ? 9.562   16.876  14.153  1.00 27.86 ? 115 LYS A C   1 
ATOM   959  O O   . LYS A 1 135 ? 10.152  17.833  14.646  1.00 28.21 ? 115 LYS A O   1 
ATOM   960  C CB  . LYS A 1 135 ? 10.935  14.791  14.113  1.00 28.21 ? 115 LYS A CB  1 
ATOM   961  C CG  . LYS A 1 135 ? 12.036  14.380  15.079  1.00 30.44 ? 115 LYS A CG  1 
ATOM   962  C CD  . LYS A 1 135 ? 13.108  15.466  15.167  1.00 33.12 ? 115 LYS A CD  1 
ATOM   963  C CE  . LYS A 1 135 ? 14.456  14.909  15.627  1.00 34.54 ? 115 LYS A CE  1 
ATOM   964  N NZ  . LYS A 1 135 ? 14.557  14.796  17.117  1.00 36.08 ? 115 LYS A NZ  1 
ATOM   965  N N   . GLU A 1 136 ? 8.766   16.983  13.090  1.00 27.80 ? 116 GLU A N   1 
ATOM   966  C CA  . GLU A 1 136 ? 8.487   18.272  12.455  1.00 27.65 ? 116 GLU A CA  1 
ATOM   967  C C   . GLU A 1 136 ? 7.285   19.001  13.065  1.00 26.85 ? 116 GLU A C   1 
ATOM   968  O O   . GLU A 1 136 ? 6.942   20.099  12.628  1.00 27.03 ? 116 GLU A O   1 
ATOM   969  C CB  . GLU A 1 136 ? 8.250   18.086  10.957  1.00 27.95 ? 116 GLU A CB  1 
ATOM   970  C CG  . GLU A 1 136 ? 9.482   17.682  10.157  1.00 30.34 ? 116 GLU A CG  1 
ATOM   971  C CD  . GLU A 1 136 ? 9.119   17.136  8.791   1.00 33.60 ? 116 GLU A CD  1 
ATOM   972  O OE1 . GLU A 1 136 ? 10.034  16.886  7.971   1.00 34.47 ? 116 GLU A OE1 1 
ATOM   973  O OE2 . GLU A 1 136 ? 7.908   16.954  8.539   1.00 35.20 ? 116 GLU A OE2 1 
ATOM   974  N N   . GLY A 1 137 ? 6.644   18.392  14.062  1.00 25.89 ? 117 GLY A N   1 
ATOM   975  C CA  . GLY A 1 137 ? 5.438   18.962  14.673  1.00 24.46 ? 117 GLY A CA  1 
ATOM   976  C C   . GLY A 1 137 ? 4.214   18.918  13.763  1.00 23.61 ? 117 GLY A C   1 
ATOM   977  O O   . GLY A 1 137 ? 3.249   19.661  13.964  1.00 23.61 ? 117 GLY A O   1 
ATOM   978  N N   . ASP A 1 138 ? 4.257   18.045  12.759  1.00 22.35 ? 118 ASP A N   1 
ATOM   979  C CA  . ASP A 1 138 ? 3.147   17.861  11.827  1.00 21.18 ? 118 ASP A CA  1 
ATOM   980  C C   . ASP A 1 138 ? 2.118   16.901  12.436  1.00 20.42 ? 118 ASP A C   1 
ATOM   981  O O   . ASP A 1 138 ? 2.098   15.710  12.119  1.00 19.97 ? 118 ASP A O   1 
ATOM   982  C CB  . ASP A 1 138 ? 3.691   17.328  10.498  1.00 21.14 ? 118 ASP A CB  1 
ATOM   983  C CG  . ASP A 1 138 ? 2.635   17.229  9.405   1.00 20.75 ? 118 ASP A CG  1 
ATOM   984  O OD1 . ASP A 1 138 ? 1.446   17.538  9.637   1.00 20.78 ? 118 ASP A OD1 1 
ATOM   985  O OD2 . ASP A 1 138 ? 3.011   16.827  8.286   1.00 19.66 ? 118 ASP A OD2 1 
ATOM   986  N N   . LYS A 1 139 ? 1.263   17.443  13.301  1.00 19.54 ? 119 LYS A N   1 
ATOM   987  C CA  . LYS A 1 139 ? 0.278   16.665  14.066  1.00 18.94 ? 119 LYS A CA  1 
ATOM   988  C C   . LYS A 1 139 ? -0.735  15.903  13.199  1.00 18.20 ? 119 LYS A C   1 
ATOM   989  O O   . LYS A 1 139 ? -1.129  14.782  13.534  1.00 17.94 ? 119 LYS A O   1 
ATOM   990  C CB  . LYS A 1 139 ? -0.464  17.580  15.051  1.00 19.15 ? 119 LYS A CB  1 
ATOM   991  C CG  . LYS A 1 139 ? 0.436   18.235  16.105  1.00 20.55 ? 119 LYS A CG  1 
ATOM   992  C CD  . LYS A 1 139 ? -0.183  19.530  16.634  1.00 22.61 ? 119 LYS A CD  1 
ATOM   993  C CE  . LYS A 1 139 ? 0.784   20.296  17.536  1.00 23.22 ? 119 LYS A CE  1 
ATOM   994  N NZ  . LYS A 1 139 ? 1.028   19.599  18.843  1.00 24.19 ? 119 LYS A NZ  1 
ATOM   995  N N   . VAL A 1 140 ? -1.154  16.514  12.094  1.00 17.23 ? 120 VAL A N   1 
ATOM   996  C CA  . VAL A 1 140 ? -2.163  15.913  11.220  1.00 16.54 ? 120 VAL A CA  1 
ATOM   997  C C   . VAL A 1 140 ? -1.623  14.680  10.490  1.00 16.32 ? 120 VAL A C   1 
ATOM   998  O O   . VAL A 1 140 ? -2.311  13.660  10.413  1.00 16.21 ? 120 VAL A O   1 
ATOM   999  C CB  . VAL A 1 140 ? -2.736  16.938  10.217  1.00 16.45 ? 120 VAL A CB  1 
ATOM   1000 C CG1 . VAL A 1 140 ? -3.738  16.280  9.273   1.00 15.71 ? 120 VAL A CG1 1 
ATOM   1001 C CG2 . VAL A 1 140 ? -3.389  18.093  10.966  1.00 16.21 ? 120 VAL A CG2 1 
ATOM   1002 N N   . THR A 1 141 ? -0.401  14.771  9.965   1.00 16.10 ? 121 THR A N   1 
ATOM   1003 C CA  . THR A 1 141 ? 0.219   13.617  9.302   1.00 15.93 ? 121 THR A CA  1 
ATOM   1004 C C   . THR A 1 141 ? 0.460   12.469  10.287  1.00 15.81 ? 121 THR A C   1 
ATOM   1005 O O   . THR A 1 141 ? 0.284   11.304  9.927   1.00 15.84 ? 121 THR A O   1 
ATOM   1006 C CB  . THR A 1 141 ? 1.521   13.989  8.556   1.00 15.86 ? 121 THR A CB  1 
ATOM   1007 O OG1 . THR A 1 141 ? 1.238   14.991  7.575   1.00 15.41 ? 121 THR A OG1 1 
ATOM   1008 C CG2 . THR A 1 141 ? 2.105   12.768  7.838   1.00 15.97 ? 121 THR A CG2 1 
ATOM   1009 N N   . VAL A 1 142 ? 0.848   12.799  11.519  1.00 15.55 ? 122 VAL A N   1 
ATOM   1010 C CA  . VAL A 1 142 ? 1.005   11.791  12.576  1.00 15.76 ? 122 VAL A CA  1 
ATOM   1011 C C   . VAL A 1 142 ? -0.294  11.004  12.777  1.00 15.43 ? 122 VAL A C   1 
ATOM   1012 O O   . VAL A 1 142 ? -0.277  9.773   12.764  1.00 15.73 ? 122 VAL A O   1 
ATOM   1013 C CB  . VAL A 1 142 ? 1.459   12.405  13.929  1.00 15.64 ? 122 VAL A CB  1 
ATOM   1014 C CG1 . VAL A 1 142 ? 1.530   11.326  15.026  1.00 15.60 ? 122 VAL A CG1 1 
ATOM   1015 C CG2 . VAL A 1 142 ? 2.815   13.087  13.787  1.00 16.36 ? 122 VAL A CG2 1 
ATOM   1016 N N   . THR A 1 143 ? -1.405  11.721  12.958  1.00 15.31 ? 123 THR A N   1 
ATOM   1017 C CA  . THR A 1 143 ? -2.724  11.107  13.110  1.00 15.20 ? 123 THR A CA  1 
ATOM   1018 C C   . THR A 1 143 ? -3.029  10.199  11.922  1.00 15.15 ? 123 THR A C   1 
ATOM   1019 O O   . THR A 1 143 ? -3.411  9.040   12.107  1.00 14.91 ? 123 THR A O   1 
ATOM   1020 C CB  . THR A 1 143 ? -3.846  12.172  13.231  1.00 15.34 ? 123 THR A CB  1 
ATOM   1021 O OG1 . THR A 1 143 ? -3.561  13.048  14.325  1.00 15.30 ? 123 THR A OG1 1 
ATOM   1022 C CG2 . THR A 1 143 ? -5.218  11.514  13.452  1.00 14.46 ? 123 THR A CG2 1 
ATOM   1023 N N   . TYR A 1 144 ? -2.860  10.733  10.709  1.00 14.96 ? 124 TYR A N   1 
ATOM   1024 C CA  . TYR A 1 144 ? -3.090  9.956   9.497   1.00 14.86 ? 124 TYR A CA  1 
ATOM   1025 C C   . TYR A 1 144 ? -2.227  8.687   9.478   1.00 14.91 ? 124 TYR A C   1 
ATOM   1026 O O   . TYR A 1 144 ? -2.730  7.596   9.202   1.00 14.83 ? 124 TYR A O   1 
ATOM   1027 C CB  . TYR A 1 144 ? -2.845  10.792  8.230   1.00 14.76 ? 124 TYR A CB  1 
ATOM   1028 C CG  . TYR A 1 144 ? -2.775  9.930   6.987   1.00 14.82 ? 124 TYR A CG  1 
ATOM   1029 C CD1 . TYR A 1 144 ? -3.923  9.341   6.462   1.00 14.78 ? 124 TYR A CD1 1 
ATOM   1030 C CD2 . TYR A 1 144 ? -1.559  9.673   6.361   1.00 15.36 ? 124 TYR A CD2 1 
ATOM   1031 C CE1 . TYR A 1 144 ? -3.867  8.537   5.332   1.00 15.13 ? 124 TYR A CE1 1 
ATOM   1032 C CE2 . TYR A 1 144 ? -1.488  8.872   5.236   1.00 15.34 ? 124 TYR A CE2 1 
ATOM   1033 C CZ  . TYR A 1 144 ? -2.643  8.305   4.728   1.00 15.80 ? 124 TYR A CZ  1 
ATOM   1034 O OH  . TYR A 1 144 ? -2.568  7.501   3.616   1.00 17.95 ? 124 TYR A OH  1 
ATOM   1035 N N   . ALA A 1 145 ? -0.934  8.839   9.769   1.00 15.11 ? 125 ALA A N   1 
ATOM   1036 C CA  . ALA A 1 145 ? 0.005   7.712   9.746   1.00 15.52 ? 125 ALA A CA  1 
ATOM   1037 C C   . ALA A 1 145 ? -0.373  6.639   10.762  1.00 15.70 ? 125 ALA A C   1 
ATOM   1038 O O   . ALA A 1 145 ? -0.348  5.444   10.458  1.00 15.80 ? 125 ALA A O   1 
ATOM   1039 C CB  . ALA A 1 145 ? 1.441   8.190   9.985   1.00 15.37 ? 125 ALA A CB  1 
ATOM   1040 N N   . ASP A 1 146 ? -0.731  7.072   11.967  1.00 15.84 ? 126 ASP A N   1 
ATOM   1041 C CA  . ASP A 1 146 ? -1.071  6.140   13.030  1.00 16.15 ? 126 ASP A CA  1 
ATOM   1042 C C   . ASP A 1 146 ? -2.370  5.393   12.717  1.00 16.31 ? 126 ASP A C   1 
ATOM   1043 O O   . ASP A 1 146 ? -2.493  4.207   13.024  1.00 16.28 ? 126 ASP A O   1 
ATOM   1044 C CB  . ASP A 1 146 ? -1.127  6.856   14.382  1.00 16.01 ? 126 ASP A CB  1 
ATOM   1045 C CG  . ASP A 1 146 ? 0.243   7.347   14.841  1.00 16.36 ? 126 ASP A CG  1 
ATOM   1046 O OD1 . ASP A 1 146 ? 1.259   7.018   14.184  1.00 16.30 ? 126 ASP A OD1 1 
ATOM   1047 O OD2 . ASP A 1 146 ? 0.309   8.060   15.865  1.00 15.50 ? 126 ASP A OD2 1 
ATOM   1048 N N   . ASP A 1 147 ? -3.319  6.082   12.083  1.00 16.51 ? 127 ASP A N   1 
ATOM   1049 C CA  . ASP A 1 147 ? -4.565  5.457   11.654  1.00 16.94 ? 127 ASP A CA  1 
ATOM   1050 C C   . ASP A 1 147 ? -4.308  4.386   10.591  1.00 16.89 ? 127 ASP A C   1 
ATOM   1051 O O   . ASP A 1 147 ? -4.923  3.318   10.622  1.00 16.75 ? 127 ASP A O   1 
ATOM   1052 C CB  . ASP A 1 147 ? -5.560  6.506   11.138  1.00 17.20 ? 127 ASP A CB  1 
ATOM   1053 C CG  . ASP A 1 147 ? -6.155  7.363   12.259  1.00 19.14 ? 127 ASP A CG  1 
ATOM   1054 O OD1 . ASP A 1 147 ? -6.030  6.989   13.449  1.00 21.59 ? 127 ASP A OD1 1 
ATOM   1055 O OD2 . ASP A 1 147 ? -6.754  8.417   11.949  1.00 21.30 ? 127 ASP A OD2 1 
ATOM   1056 N N   . GLN A 1 148 ? -3.393  4.668   9.664   1.00 16.81 ? 128 GLN A N   1 
ATOM   1057 C CA  . GLN A 1 148 ? -3.043  3.701   8.626   1.00 17.18 ? 128 GLN A CA  1 
ATOM   1058 C C   . GLN A 1 148 ? -2.337  2.495   9.220   1.00 17.02 ? 128 GLN A C   1 
ATOM   1059 O O   . GLN A 1 148 ? -2.590  1.369   8.810   1.00 17.10 ? 128 GLN A O   1 
ATOM   1060 C CB  . GLN A 1 148 ? -2.200  4.339   7.527   1.00 17.12 ? 128 GLN A CB  1 
ATOM   1061 C CG  . GLN A 1 148 ? -2.981  5.309   6.650   1.00 18.58 ? 128 GLN A CG  1 
ATOM   1062 C CD  . GLN A 1 148 ? -4.210  4.673   6.015   1.00 20.30 ? 128 GLN A CD  1 
ATOM   1063 O OE1 . GLN A 1 148 ? -4.102  3.824   5.126   1.00 22.03 ? 128 GLN A OE1 1 
ATOM   1064 N NE2 . GLN A 1 148 ? -5.383  5.087   6.464   1.00 20.74 ? 128 GLN A NE2 1 
ATOM   1065 N N   . LEU A 1 149 ? -1.473  2.746   10.203  1.00 17.07 ? 129 LEU A N   1 
ATOM   1066 C CA  . LEU A 1 149 ? -0.791  1.685   10.942  1.00 16.97 ? 129 LEU A CA  1 
ATOM   1067 C C   . LEU A 1 149 ? -1.758  0.682   11.562  1.00 16.75 ? 129 LEU A C   1 
ATOM   1068 O O   . LEU A 1 149 ? -1.515  -0.529  11.509  1.00 16.59 ? 129 LEU A O   1 
ATOM   1069 C CB  . LEU A 1 149 ? 0.097   2.283   12.032  1.00 17.04 ? 129 LEU A CB  1 
ATOM   1070 C CG  . LEU A 1 149 ? 1.628   2.270   11.948  1.00 18.54 ? 129 LEU A CG  1 
ATOM   1071 C CD1 . LEU A 1 149 ? 2.201   1.742   10.629  1.00 17.97 ? 129 LEU A CD1 1 
ATOM   1072 C CD2 . LEU A 1 149 ? 2.187   3.657   12.298  1.00 18.49 ? 129 LEU A CD2 1 
ATOM   1073 N N   . ALA A 1 150 ? -2.846  1.185   12.147  1.00 16.22 ? 130 ALA A N   1 
ATOM   1074 C CA  . ALA A 1 150 ? -3.891  0.322   12.718  1.00 16.18 ? 130 ALA A CA  1 
ATOM   1075 C C   . ALA A 1 150 ? -4.509  -0.601  11.665  1.00 16.16 ? 130 ALA A C   1 
ATOM   1076 O O   . ALA A 1 150 ? -4.729  -1.792  11.916  1.00 15.93 ? 130 ALA A O   1 
ATOM   1077 C CB  . ALA A 1 150 ? -4.970  1.158   13.397  1.00 16.16 ? 130 ALA A CB  1 
ATOM   1078 N N   . LYS A 1 151 ? -4.784  -0.047  10.487  1.00 16.16 ? 131 LYS A N   1 
ATOM   1079 C CA  . LYS A 1 151 ? -5.361  -0.821  9.395   1.00 16.44 ? 131 LYS A CA  1 
ATOM   1080 C C   . LYS A 1 151 ? -4.380  -1.890  8.927   1.00 16.16 ? 131 LYS A C   1 
ATOM   1081 O O   . LYS A 1 151 ? -4.753  -3.046  8.750   1.00 15.99 ? 131 LYS A O   1 
ATOM   1082 C CB  . LYS A 1 151 ? -5.738  0.090   8.223   1.00 16.63 ? 131 LYS A CB  1 
ATOM   1083 C CG  . LYS A 1 151 ? -6.860  1.067   8.520   1.00 18.12 ? 131 LYS A CG  1 
ATOM   1084 C CD  . LYS A 1 151 ? -7.275  1.782   7.243   1.00 20.63 ? 131 LYS A CD  1 
ATOM   1085 C CE  . LYS A 1 151 ? -8.052  3.046   7.545   1.00 22.96 ? 131 LYS A CE  1 
ATOM   1086 N NZ  . LYS A 1 151 ? -9.400  2.726   8.086   1.00 25.43 ? 131 LYS A NZ  1 
ATOM   1087 N N   . LEU A 1 152 ? -3.124  -1.487  8.741   1.00 16.05 ? 132 LEU A N   1 
ATOM   1088 C CA  . LEU A 1 152 ? -2.068  -2.393  8.294   1.00 15.80 ? 132 LEU A CA  1 
ATOM   1089 C C   . LEU A 1 152 ? -1.811  -3.522  9.293   1.00 15.87 ? 132 LEU A C   1 
ATOM   1090 O O   . LEU A 1 152 ? -1.657  -4.678  8.896   1.00 15.81 ? 132 LEU A O   1 
ATOM   1091 C CB  . LEU A 1 152 ? -0.775  -1.614  8.025   1.00 15.68 ? 132 LEU A CB  1 
ATOM   1092 C CG  . LEU A 1 152 ? -0.754  -0.722  6.785   1.00 15.06 ? 132 LEU A CG  1 
ATOM   1093 C CD1 . LEU A 1 152 ? 0.403   0.260   6.865   1.00 13.94 ? 132 LEU A CD1 1 
ATOM   1094 C CD2 . LEU A 1 152 ? -0.663  -1.574  5.529   1.00 13.74 ? 132 LEU A CD2 1 
ATOM   1095 N N   . GLN A 1 153 ? -1.773  -3.191  10.583  1.00 15.71 ? 133 GLN A N   1 
ATOM   1096 C CA  . GLN A 1 153 ? -1.565  -4.205  11.629  1.00 15.99 ? 133 GLN A CA  1 
ATOM   1097 C C   . GLN A 1 153 ? -2.654  -5.282  11.610  1.00 15.92 ? 133 GLN A C   1 
ATOM   1098 O O   . GLN A 1 153 ? -2.369  -6.464  11.818  1.00 16.08 ? 133 GLN A O   1 
ATOM   1099 C CB  . GLN A 1 153 ? -1.479  -3.563  13.016  1.00 16.08 ? 133 GLN A CB  1 
ATOM   1100 C CG  . GLN A 1 153 ? -0.129  -2.930  13.343  1.00 17.03 ? 133 GLN A CG  1 
ATOM   1101 C CD  . GLN A 1 153 ? -0.061  -2.406  14.770  1.00 18.15 ? 133 GLN A CD  1 
ATOM   1102 O OE1 . GLN A 1 153 ? -0.955  -2.659  15.586  1.00 21.43 ? 133 GLN A OE1 1 
ATOM   1103 N NE2 . GLN A 1 153 ? 0.991   -1.666  15.074  1.00 17.97 ? 133 GLN A NE2 1 
ATOM   1104 N N   . LYS A 1 154 ? -3.896  -4.871  11.359  1.00 15.94 ? 134 LYS A N   1 
ATOM   1105 C CA  . LYS A 1 154 ? -5.004  -5.819  11.233  1.00 16.02 ? 134 LYS A CA  1 
ATOM   1106 C C   . LYS A 1 154 ? -4.856  -6.714  10.002  1.00 16.11 ? 134 LYS A C   1 
ATOM   1107 O O   . LYS A 1 154 ? -5.042  -7.930  10.088  1.00 16.04 ? 134 LYS A O   1 
ATOM   1108 C CB  . LYS A 1 154 ? -6.355  -5.102  11.193  1.00 15.93 ? 134 LYS A CB  1 
ATOM   1109 C CG  . LYS A 1 154 ? -7.528  -6.065  11.018  1.00 16.25 ? 134 LYS A CG  1 
ATOM   1110 C CD  . LYS A 1 154 ? -8.868  -5.346  10.981  1.00 17.14 ? 134 LYS A CD  1 
ATOM   1111 C CE  . LYS A 1 154 ? -9.996  -6.351  10.769  1.00 17.64 ? 134 LYS A CE  1 
ATOM   1112 N NZ  . LYS A 1 154 ? -11.331 -5.694  10.834  1.00 19.23 ? 134 LYS A NZ  1 
ATOM   1113 N N   . SER A 1 155 ? -4.533  -6.103  8.863   1.00 16.06 ? 135 SER A N   1 
ATOM   1114 C CA  . SER A 1 155 ? -4.361  -6.841  7.615   1.00 16.33 ? 135 SER A CA  1 
ATOM   1115 C C   . SER A 1 155 ? -3.234  -7.865  7.726   1.00 16.30 ? 135 SER A C   1 
ATOM   1116 O O   . SER A 1 155 ? -3.386  -9.010  7.292   1.00 16.24 ? 135 SER A O   1 
ATOM   1117 C CB  . SER A 1 155 ? -4.090  -5.881  6.455   1.00 16.44 ? 135 SER A CB  1 
ATOM   1118 O OG  . SER A 1 155 ? -5.210  -5.039  6.224   1.00 17.06 ? 135 SER A OG  1 
ATOM   1119 N N   . ILE A 1 156 ? -2.118  -7.439  8.318   1.00 16.20 ? 136 ILE A N   1 
ATOM   1120 C CA  . ILE A 1 156 ? -0.948  -8.293  8.526   1.00 16.42 ? 136 ILE A CA  1 
ATOM   1121 C C   . ILE A 1 156 ? -1.287  -9.479  9.438   1.00 16.80 ? 136 ILE A C   1 
ATOM   1122 O O   . ILE A 1 156 ? -0.973  -10.628 9.110   1.00 16.92 ? 136 ILE A O   1 
ATOM   1123 C CB  . ILE A 1 156 ? 0.264   -7.470  9.071   1.00 16.20 ? 136 ILE A CB  1 
ATOM   1124 C CG1 . ILE A 1 156 ? 0.830   -6.564  7.971   1.00 15.89 ? 136 ILE A CG1 1 
ATOM   1125 C CG2 . ILE A 1 156 ? 1.357   -8.390  9.629   1.00 16.44 ? 136 ILE A CG2 1 
ATOM   1126 C CD1 . ILE A 1 156 ? 1.696   -5.409  8.477   1.00 16.25 ? 136 ILE A CD1 1 
ATOM   1127 N N   . TRP A 1 157 ? -1.946  -9.201  10.563  1.00 17.16 ? 137 TRP A N   1 
ATOM   1128 C CA  . TRP A 1 157 ? -2.326  -10.247 11.504  1.00 17.41 ? 137 TRP A CA  1 
ATOM   1129 C C   . TRP A 1 157 ? -3.178  -11.330 10.840  1.00 17.73 ? 137 TRP A C   1 
ATOM   1130 O O   . TRP A 1 157 ? -2.959  -12.524 11.054  1.00 17.69 ? 137 TRP A O   1 
ATOM   1131 C CB  . TRP A 1 157 ? -3.064  -9.669  12.721  1.00 17.53 ? 137 TRP A CB  1 
ATOM   1132 C CG  . TRP A 1 157 ? -3.441  -10.748 13.673  1.00 18.12 ? 137 TRP A CG  1 
ATOM   1133 C CD1 . TRP A 1 157 ? -2.629  -11.344 14.589  1.00 19.07 ? 137 TRP A CD1 1 
ATOM   1134 C CD2 . TRP A 1 157 ? -4.710  -11.407 13.770  1.00 18.29 ? 137 TRP A CD2 1 
ATOM   1135 N NE1 . TRP A 1 157 ? -3.316  -12.323 15.265  1.00 19.21 ? 137 TRP A NE1 1 
ATOM   1136 C CE2 . TRP A 1 157 ? -4.594  -12.388 14.780  1.00 18.95 ? 137 TRP A CE2 1 
ATOM   1137 C CE3 . TRP A 1 157 ? -5.936  -11.257 13.111  1.00 18.73 ? 137 TRP A CE3 1 
ATOM   1138 C CZ2 . TRP A 1 157 ? -5.660  -13.213 15.155  1.00 18.66 ? 137 TRP A CZ2 1 
ATOM   1139 C CZ3 . TRP A 1 157 ? -7.000  -12.085 13.478  1.00 19.79 ? 137 TRP A CZ3 1 
ATOM   1140 C CH2 . TRP A 1 157 ? -6.850  -13.052 14.492  1.00 19.64 ? 137 TRP A CH2 1 
ATOM   1141 N N   . MET A 1 158 ? -4.142  -10.905 10.033  1.00 18.15 ? 138 MET A N   1 
ATOM   1142 C CA  . MET A 1 158 ? -5.059  -11.832 9.382   1.00 19.02 ? 138 MET A CA  1 
ATOM   1143 C C   . MET A 1 158 ? -4.382  -12.682 8.315   1.00 19.07 ? 138 MET A C   1 
ATOM   1144 O O   . MET A 1 158 ? -4.648  -13.881 8.212   1.00 18.41 ? 138 MET A O   1 
ATOM   1145 C CB  . MET A 1 158 ? -6.256  -11.085 8.807   1.00 19.28 ? 138 MET A CB  1 
ATOM   1146 C CG  . MET A 1 158 ? -7.152  -10.505 9.890   1.00 20.87 ? 138 MET A CG  1 
ATOM   1147 S SD  . MET A 1 158 ? -8.649  -9.783  9.238   1.00 24.95 ? 138 MET A SD  1 
ATOM   1148 C CE  . MET A 1 158 ? -9.717  -11.208 9.118   1.00 24.61 ? 138 MET A CE  1 
ATOM   1149 N N   . LEU A 1 159 ? -3.499  -12.064 7.535   1.00 19.49 ? 139 LEU A N   1 
ATOM   1150 C CA  . LEU A 1 159 ? -2.725  -12.807 6.543   1.00 20.22 ? 139 LEU A CA  1 
ATOM   1151 C C   . LEU A 1 159 ? -1.743  -13.779 7.208   1.00 20.46 ? 139 LEU A C   1 
ATOM   1152 O O   . LEU A 1 159 ? -1.570  -14.907 6.742   1.00 20.41 ? 139 LEU A O   1 
ATOM   1153 C CB  . LEU A 1 159 ? -2.024  -11.861 5.561   1.00 20.21 ? 139 LEU A CB  1 
ATOM   1154 C CG  . LEU A 1 159 ? -2.712  -11.608 4.210   1.00 21.61 ? 139 LEU A CG  1 
ATOM   1155 C CD1 . LEU A 1 159 ? -4.224  -11.452 4.313   1.00 22.76 ? 139 LEU A CD1 1 
ATOM   1156 C CD2 . LEU A 1 159 ? -2.110  -10.412 3.491   1.00 21.49 ? 139 LEU A CD2 1 
ATOM   1157 N N   . GLN A 1 160 ? -1.126  -13.357 8.310   1.00 20.93 ? 140 GLN A N   1 
ATOM   1158 C CA  . GLN A 1 160 ? -0.236  -14.245 9.070   1.00 21.63 ? 140 GLN A CA  1 
ATOM   1159 C C   . GLN A 1 160 ? -0.974  -15.462 9.643   1.00 21.87 ? 140 GLN A C   1 
ATOM   1160 O O   . GLN A 1 160 ? -0.450  -16.583 9.610   1.00 21.46 ? 140 GLN A O   1 
ATOM   1161 C CB  . GLN A 1 160 ? 0.500   -13.486 10.173  1.00 21.77 ? 140 GLN A CB  1 
ATOM   1162 C CG  . GLN A 1 160 ? 1.642   -12.624 9.655   1.00 22.60 ? 140 GLN A CG  1 
ATOM   1163 C CD  . GLN A 1 160 ? 2.311   -11.803 10.741  1.00 24.30 ? 140 GLN A CD  1 
ATOM   1164 O OE1 . GLN A 1 160 ? 3.463   -11.399 10.601  1.00 26.23 ? 140 GLN A OE1 1 
ATOM   1165 N NE2 . GLN A 1 160 ? 1.591   -11.545 11.825  1.00 24.47 ? 140 GLN A NE2 1 
ATOM   1166 N N   . ALA A 1 161 ? -2.188  -15.240 10.148  1.00 22.13 ? 141 ALA A N   1 
ATOM   1167 C CA  . ALA A 1 161 ? -3.018  -16.329 10.661  1.00 22.74 ? 141 ALA A CA  1 
ATOM   1168 C C   . ALA A 1 161 ? -3.394  -17.292 9.533   1.00 23.31 ? 141 ALA A C   1 
ATOM   1169 O O   . ALA A 1 161 ? -3.263  -18.513 9.678   1.00 23.17 ? 141 ALA A O   1 
ATOM   1170 C CB  . ALA A 1 161 ? -4.262  -15.781 11.345  1.00 22.41 ? 141 ALA A CB  1 
ATOM   1171 N N   . HIS A 1 162 ? -3.837  -16.730 8.409   1.00 24.01 ? 142 HIS A N   1 
ATOM   1172 C CA  . HIS A 1 162 ? -4.182  -17.503 7.216   1.00 25.01 ? 142 HIS A CA  1 
ATOM   1173 C C   . HIS A 1 162 ? -3.033  -18.404 6.750   1.00 25.34 ? 142 HIS A C   1 
ATOM   1174 O O   . HIS A 1 162 ? -3.253  -19.542 6.329   1.00 25.31 ? 142 HIS A O   1 
ATOM   1175 C CB  . HIS A 1 162 ? -4.605  -16.560 6.088   1.00 25.23 ? 142 HIS A CB  1 
ATOM   1176 C CG  . HIS A 1 162 ? -4.789  -17.238 4.764   1.00 26.72 ? 142 HIS A CG  1 
ATOM   1177 N ND1 . HIS A 1 162 ? -5.981  -17.811 4.379   1.00 28.11 ? 142 HIS A ND1 1 
ATOM   1178 C CD2 . HIS A 1 162 ? -3.932  -17.428 3.733   1.00 27.83 ? 142 HIS A CD2 1 
ATOM   1179 C CE1 . HIS A 1 162 ? -5.853  -18.323 3.168   1.00 28.28 ? 142 HIS A CE1 1 
ATOM   1180 N NE2 . HIS A 1 162 ? -4.618  -18.107 2.755   1.00 28.55 ? 142 HIS A NE2 1 
ATOM   1181 N N   . LEU A 1 163 ? -1.813  -17.886 6.837   1.00 25.77 ? 143 LEU A N   1 
ATOM   1182 C CA  . LEU A 1 163 ? -0.634  -18.579 6.327   1.00 26.33 ? 143 LEU A CA  1 
ATOM   1183 C C   . LEU A 1 163 ? 0.068   -19.454 7.369   1.00 26.76 ? 143 LEU A C   1 
ATOM   1184 O O   . LEU A 1 163 ? 1.040   -20.135 7.047   1.00 26.83 ? 143 LEU A O   1 
ATOM   1185 C CB  . LEU A 1 163 ? 0.350   -17.571 5.717   1.00 26.00 ? 143 LEU A CB  1 
ATOM   1186 C CG  . LEU A 1 163 ? -0.119  -16.841 4.452   1.00 26.01 ? 143 LEU A CG  1 
ATOM   1187 C CD1 . LEU A 1 163 ? 0.676   -15.557 4.240   1.00 25.74 ? 143 LEU A CD1 1 
ATOM   1188 C CD2 . LEU A 1 163 ? -0.048  -17.743 3.220   1.00 25.86 ? 143 LEU A CD2 1 
ATOM   1189 N N   . ALA A 1 164 ? -0.423  -19.434 8.607   1.00 27.34 ? 144 ALA A N   1 
ATOM   1190 C CA  . ALA A 1 164 ? 0.198   -20.197 9.695   1.00 28.06 ? 144 ALA A CA  1 
ATOM   1191 C C   . ALA A 1 164 ? -0.140  -21.687 9.633   1.00 28.52 ? 144 ALA A C   1 
ATOM   1192 O O   . ALA A 1 164 ? 0.511   -22.496 10.299  1.00 29.07 ? 144 ALA A O   1 
ATOM   1193 C CB  . ALA A 1 164 ? -0.189  -19.615 11.056  1.00 27.98 ? 144 ALA A CB  1 
ATOM   1194 O OXT . ALA A 1 164 ? -1.055  -22.121 8.925   1.00 28.52 ? 144 ALA A OXT 1 
HETATM 1195 S S   . SO4 B 2 .   ? 7.111   19.537  -5.087  1.00 48.46 ? 201 SO4 A S   1 
HETATM 1196 O O1  . SO4 B 2 .   ? 7.888   19.425  -6.315  1.00 48.74 ? 201 SO4 A O1  1 
HETATM 1197 O O2  . SO4 B 2 .   ? 6.397   18.283  -4.855  1.00 48.96 ? 201 SO4 A O2  1 
HETATM 1198 O O3  . SO4 B 2 .   ? 8.010   19.796  -3.968  1.00 48.88 ? 201 SO4 A O3  1 
HETATM 1199 O O4  . SO4 B 2 .   ? 6.168   20.642  -5.224  1.00 48.37 ? 201 SO4 A O4  1 
HETATM 1200 S S   . SO4 C 2 .   ? 8.788   3.711   -17.970 0.25 53.76 ? 202 SO4 A S   1 
HETATM 1201 O O1  . SO4 C 2 .   ? 9.041   4.319   -19.274 0.25 53.30 ? 202 SO4 A O1  1 
HETATM 1202 O O2  . SO4 C 2 .   ? 10.018  3.111   -17.458 0.25 53.30 ? 202 SO4 A O2  1 
HETATM 1203 O O3  . SO4 C 2 .   ? 8.328   4.739   -17.037 0.25 53.31 ? 202 SO4 A O3  1 
HETATM 1204 O O4  . SO4 C 2 .   ? 7.765   2.677   -18.109 0.25 53.31 ? 202 SO4 A O4  1 
HETATM 1205 O O   . HOH D 3 .   ? -14.158 -7.693  -10.174 1.00 25.41 ? 301 HOH A O   1 
HETATM 1206 O O   . HOH D 3 .   ? -15.584 -9.949  -11.026 1.00 25.11 ? 302 HOH A O   1 
HETATM 1207 O O   . HOH D 3 .   ? -14.315 -5.263  -11.504 1.00 33.30 ? 303 HOH A O   1 
HETATM 1208 O O   . HOH D 3 .   ? -17.655 -10.041 -9.316  1.00 36.09 ? 304 HOH A O   1 
HETATM 1209 O O   . HOH D 3 .   ? -8.772  17.856  0.602   1.00 21.28 ? 305 HOH A O   1 
HETATM 1210 O O   . HOH D 3 .   ? 8.637   21.680  2.640   1.00 34.74 ? 306 HOH A O   1 
HETATM 1211 O O   . HOH D 3 .   ? -0.943  -17.022 -17.382 1.00 39.48 ? 307 HOH A O   1 
HETATM 1212 O O   . HOH D 3 .   ? -8.917  -5.649  3.168   1.00 38.91 ? 308 HOH A O   1 
HETATM 1213 O O   . HOH D 3 .   ? 7.773   17.651  4.619   1.00 24.69 ? 309 HOH A O   1 
HETATM 1214 O O   . HOH D 3 .   ? 5.561   17.712  7.817   1.00 26.29 ? 310 HOH A O   1 
HETATM 1215 O O   . HOH D 3 .   ? 4.967   15.325  -8.412  1.00 17.62 ? 311 HOH A O   1 
HETATM 1216 O O   . HOH D 3 .   ? -1.801  12.470  -7.473  1.00 21.44 ? 312 HOH A O   1 
HETATM 1217 O O   . HOH D 3 .   ? -11.469 -4.842  -11.713 1.00 25.20 ? 313 HOH A O   1 
HETATM 1218 O O   . HOH D 3 .   ? -3.398  -9.429  -16.089 1.00 27.75 ? 314 HOH A O   1 
HETATM 1219 O O   . HOH D 3 .   ? -8.197  -16.073 -13.387 1.00 26.68 ? 315 HOH A O   1 
HETATM 1220 O O   . HOH D 3 .   ? -15.583 -14.091 -5.934  1.00 37.70 ? 316 HOH A O   1 
HETATM 1221 O O   . HOH D 3 .   ? -6.748  19.414  1.188   1.00 20.40 ? 317 HOH A O   1 
HETATM 1222 O O   . HOH D 3 .   ? -11.919 -1.956  0.236   1.00 35.08 ? 318 HOH A O   1 
HETATM 1223 O O   . HOH D 3 .   ? -7.632  6.486   -6.155  1.00 30.33 ? 319 HOH A O   1 
HETATM 1224 O O   . HOH D 3 .   ? -11.081 15.022  2.702   1.00 30.75 ? 320 HOH A O   1 
HETATM 1225 O O   . HOH D 3 .   ? -5.608  12.341  3.773   1.00 23.48 ? 321 HOH A O   1 
HETATM 1226 O O   . HOH D 3 .   ? -7.138  10.994  5.409   1.00 21.89 ? 322 HOH A O   1 
HETATM 1227 O O   . HOH D 3 .   ? -0.316  16.212  5.692   1.00 20.75 ? 323 HOH A O   1 
HETATM 1228 O O   . HOH D 3 .   ? -0.340  18.263  7.496   1.00 17.91 ? 324 HOH A O   1 
HETATM 1229 O O   . HOH D 3 .   ? -7.275  17.401  6.272   1.00 17.91 ? 325 HOH A O   1 
HETATM 1230 O O   . HOH D 3 .   ? -0.212  22.581  -3.414  1.00 31.58 ? 326 HOH A O   1 
HETATM 1231 O O   . HOH D 3 .   ? -0.704  13.160  -15.875 1.00 24.77 ? 327 HOH A O   1 
HETATM 1232 O O   . HOH D 3 .   ? 2.233   -3.208  -10.168 1.00 19.58 ? 328 HOH A O   1 
HETATM 1233 O O   . HOH D 3 .   ? 6.691   12.016  -15.278 1.00 24.73 ? 329 HOH A O   1 
HETATM 1234 O O   . HOH D 3 .   ? 10.143  12.751  -9.826  1.00 32.13 ? 330 HOH A O   1 
HETATM 1235 O O   . HOH D 3 .   ? 10.111  1.101   -10.607 1.00 19.09 ? 331 HOH A O   1 
HETATM 1236 O O   . HOH D 3 .   ? 12.369  4.333   -4.994  1.00 25.90 ? 332 HOH A O   1 
HETATM 1237 O O   . HOH D 3 .   ? 13.425  1.894   -4.991  1.00 36.77 ? 333 HOH A O   1 
HETATM 1238 O O   . HOH D 3 .   ? 9.323   -1.228  -9.473  1.00 23.85 ? 334 HOH A O   1 
HETATM 1239 O O   . HOH D 3 .   ? 11.572  -1.115  -8.173  1.00 39.81 ? 335 HOH A O   1 
HETATM 1240 O O   . HOH D 3 .   ? 7.355   -1.427  -13.705 1.00 39.15 ? 336 HOH A O   1 
HETATM 1241 O O   . HOH D 3 .   ? 3.299   -16.007 -15.760 1.00 29.54 ? 337 HOH A O   1 
HETATM 1242 O O   . HOH D 3 .   ? 4.783   -13.327 3.106   1.00 24.91 ? 338 HOH A O   1 
HETATM 1243 O O   . HOH D 3 .   ? 9.197   -5.252  -0.022  1.00 45.47 ? 339 HOH A O   1 
HETATM 1244 O O   . HOH D 3 .   ? 7.939   -5.535  -4.226  1.00 28.47 ? 340 HOH A O   1 
HETATM 1245 O O   . HOH D 3 .   ? 2.803   -0.989  13.383  1.00 37.82 ? 341 HOH A O   1 
HETATM 1246 O O   . HOH D 3 .   ? 6.725   -4.156  9.133   1.00 23.07 ? 342 HOH A O   1 
HETATM 1247 O O   . HOH D 3 .   ? 4.866   9.659   15.982  1.00 24.82 ? 343 HOH A O   1 
HETATM 1248 O O   . HOH D 3 .   ? 9.371   11.038  16.475  1.00 38.06 ? 344 HOH A O   1 
HETATM 1249 O O   . HOH D 3 .   ? -0.212  19.197  11.023  1.00 18.98 ? 345 HOH A O   1 
HETATM 1250 O O   . HOH D 3 .   ? -0.034  21.009  12.891  1.00 29.18 ? 346 HOH A O   1 
HETATM 1251 O O   . HOH D 3 .   ? -5.078  15.066  13.030  1.00 20.94 ? 347 HOH A O   1 
HETATM 1252 O O   . HOH D 3 .   ? -6.159  13.464  10.776  1.00 23.52 ? 348 HOH A O   1 
HETATM 1253 O O   . HOH D 3 .   ? -6.267  11.856  8.665   1.00 33.15 ? 349 HOH A O   1 
HETATM 1254 O O   . HOH D 3 .   ? -6.833  13.438  6.676   1.00 25.54 ? 350 HOH A O   1 
HETATM 1255 O O   . HOH D 3 .   ? -6.891  9.253   9.491   1.00 21.22 ? 351 HOH A O   1 
HETATM 1256 O O   . HOH D 3 .   ? -7.009  6.951   7.837   1.00 38.35 ? 352 HOH A O   1 
HETATM 1257 O O   . HOH D 3 .   ? -4.587  6.042   3.363   1.00 25.18 ? 353 HOH A O   1 
HETATM 1258 O O   . HOH D 3 .   ? -1.608  9.641   16.373  1.00 28.54 ? 354 HOH A O   1 
HETATM 1259 O O   . HOH D 3 .   ? -0.517  7.121   18.409  1.00 29.94 ? 355 HOH A O   1 
HETATM 1260 O O   . HOH D 3 .   ? 2.028   7.440   19.666  1.00 21.29 ? 356 HOH A O   1 
HETATM 1261 O O   . HOH D 3 .   ? 2.444   8.857   17.364  1.00 23.09 ? 357 HOH A O   1 
HETATM 1262 O O   . HOH D 3 .   ? -4.429  8.272   15.041  1.00 40.22 ? 358 HOH A O   1 
HETATM 1263 O O   . HOH D 3 .   ? -7.285  -3.403  7.919   1.00 23.93 ? 359 HOH A O   1 
HETATM 1264 O O   . HOH D 3 .   ? -9.012  -1.930  9.826   1.00 40.72 ? 360 HOH A O   1 
HETATM 1265 O O   . HOH D 3 .   ? -1.730  22.422  5.995   1.00 27.66 ? 361 HOH A O   1 
HETATM 1266 O O   . HOH D 3 .   ? -0.200  -7.206  13.166  1.00 23.42 ? 362 HOH A O   1 
HETATM 1267 O O   . HOH D 3 .   ? 0.816   -9.547  13.622  1.00 31.40 ? 363 HOH A O   1 
HETATM 1268 O O   . HOH D 3 .   ? -1.670  -13.972 12.932  1.00 18.67 ? 364 HOH A O   1 
HETATM 1269 O O   . HOH D 3 .   ? 5.144   -13.484 9.076   1.00 47.50 ? 365 HOH A O   1 
HETATM 1270 O O   . HOH D 3 .   ? 3.664   -15.293 7.694   1.00 40.10 ? 366 HOH A O   1 
HETATM 1271 O O   . HOH D 3 .   ? 2.072   -17.043 9.358   1.00 25.90 ? 367 HOH A O   1 
HETATM 1272 O O   . HOH D 3 .   ? -3.767  -19.742 0.526   1.00 34.09 ? 368 HOH A O   1 
HETATM 1273 O O   . HOH D 3 .   ? -2.003  -21.922 6.115   1.00 37.77 ? 369 HOH A O   1 
HETATM 1274 O O   . HOH D 3 .   ? -6.906  2.778   2.336   1.00 30.32 ? 370 HOH A O   1 
HETATM 1275 O O   . HOH D 3 .   ? -4.715  0.015   4.319   1.00 50.27 ? 371 HOH A O   1 
HETATM 1276 O O   . HOH D 3 .   ? -4.900  -2.442  5.330   1.00 30.37 ? 372 HOH A O   1 
HETATM 1277 O O   . HOH D 3 .   ? -9.897  7.914   0.506   1.00 34.79 ? 373 HOH A O   1 
HETATM 1278 O O   . HOH D 3 .   ? -8.566  11.749  0.476   1.00 39.87 ? 374 HOH A O   1 
HETATM 1279 O O   . HOH D 3 .   ? 0.635   20.869  7.860   1.00 36.36 ? 375 HOH A O   1 
HETATM 1280 O O   . HOH D 3 .   ? 5.723   20.402  8.365   1.00 39.41 ? 376 HOH A O   1 
HETATM 1281 O O   . HOH D 3 .   ? 5.968   17.555  -9.562  1.00 38.00 ? 377 HOH A O   1 
HETATM 1282 O O   . HOH D 3 .   ? 8.767   10.727  -13.693 1.00 22.78 ? 378 HOH A O   1 
HETATM 1283 O O   . HOH D 3 .   ? 10.355  9.066   -15.068 1.00 18.20 ? 379 HOH A O   1 
HETATM 1284 O O   . HOH D 3 .   ? 9.364   6.592   -14.928 1.00 19.89 ? 380 HOH A O   1 
HETATM 1285 O O   . HOH D 3 .   ? 11.016  5.009   -13.674 0.50 36.90 ? 381 HOH A O   1 
HETATM 1286 O O   . HOH D 3 .   ? 12.825  4.576   -0.073  1.00 34.76 ? 382 HOH A O   1 
HETATM 1287 O O   . HOH D 3 .   ? 9.224   -3.351  -11.094 1.00 28.62 ? 383 HOH A O   1 
HETATM 1288 O O   . HOH D 3 .   ? 10.940  -4.777  -12.603 1.00 40.60 ? 384 HOH A O   1 
HETATM 1289 O O   . HOH D 3 .   ? 2.512   -18.855 -7.578  1.00 53.98 ? 385 HOH A O   1 
HETATM 1290 O O   . HOH D 3 .   ? 5.739   -8.672  -2.038  1.00 41.81 ? 386 HOH A O   1 
HETATM 1291 O O   . HOH D 3 .   ? -5.090  -3.209  1.349   1.00 32.79 ? 387 HOH A O   1 
HETATM 1292 O O   . HOH D 3 .   ? 7.487   -4.341  -1.395  1.00 42.71 ? 388 HOH A O   1 
HETATM 1293 O O   . HOH D 3 .   ? 7.841   -2.352  11.015  1.00 33.87 ? 389 HOH A O   1 
HETATM 1294 O O   . HOH D 3 .   ? 10.005  1.884   10.386  1.00 34.05 ? 390 HOH A O   1 
HETATM 1295 O O   . HOH D 3 .   ? 1.534   11.165  18.478  1.00 34.32 ? 391 HOH A O   1 
HETATM 1296 O O   . HOH D 3 .   ? -7.193  4.425   14.117  1.00 29.02 ? 392 HOH A O   1 
HETATM 1297 O O   . HOH D 3 .   ? -7.513  3.474   11.645  1.00 28.47 ? 393 HOH A O   1 
HETATM 1298 O O   . HOH D 3 .   ? -6.257  -6.315  4.036   1.00 33.38 ? 394 HOH A O   1 
HETATM 1299 O O   . HOH D 3 .   ? -8.351  -5.662  7.218   1.00 38.19 ? 395 HOH A O   1 
HETATM 1300 O O   . HOH D 3 .   ? -5.816  -9.069  5.472   1.00 42.87 ? 396 HOH A O   1 
HETATM 1301 O O   . HOH D 3 .   ? 0.682   -13.063 13.827  1.00 34.18 ? 397 HOH A O   1 
HETATM 1302 O O   . HOH D 3 .   ? 9.856   -1.419  -14.167 1.00 31.55 ? 398 HOH A O   1 
HETATM 1303 O O   . HOH D 3 .   ? 7.155   14.492  -13.625 1.00 42.74 ? 399 HOH A O   1 
HETATM 1304 O O   . HOH D 3 .   ? 10.440  12.748  -12.501 1.00 31.75 ? 400 HOH A O   1 
HETATM 1305 O O   . HOH D 3 .   ? 12.798  -0.546  -5.862  1.00 34.83 ? 401 HOH A O   1 
HETATM 1306 O O   . HOH D 3 .   ? 13.681  5.161   -2.647  1.00 42.50 ? 402 HOH A O   1 
HETATM 1307 O O   . HOH D 3 .   ? -9.975  -7.931  2.073   1.00 53.09 ? 403 HOH A O   1 
HETATM 1308 O O   . HOH D 3 .   ? -7.609  8.172   5.575   1.00 26.74 ? 404 HOH A O   1 
HETATM 1309 O O   . HOH D 3 .   ? -8.207  4.991   3.210   1.00 31.33 ? 405 HOH A O   1 
HETATM 1310 O O   . HOH D 3 .   ? -9.099  -17.200 -15.636 1.00 33.85 ? 406 HOH A O   1 
HETATM 1311 O O   . HOH D 3 .   ? -7.336  -14.425 -16.421 1.00 40.48 ? 407 HOH A O   1 
HETATM 1312 O O   . HOH D 3 .   ? 4.515   -15.797 5.161   1.00 44.68 ? 408 HOH A O   1 
HETATM 1313 O O   . HOH D 3 .   ? 6.349   -6.830  -5.889  1.00 28.88 ? 409 HOH A O   1 
HETATM 1314 O O   . HOH D 3 .   ? 8.190   -6.623  9.263   1.00 43.31 ? 410 HOH A O   1 
HETATM 1315 O O   . HOH D 3 .   ? 4.574   -6.984  11.282  1.00 42.63 ? 411 HOH A O   1 
HETATM 1316 O O   . HOH D 3 .   ? -1.359  11.702  17.679  1.00 35.67 ? 412 HOH A O   1 
HETATM 1317 O O   . HOH D 3 .   ? -5.966  10.032  17.048  0.33 36.37 ? 413 HOH A O   1 
HETATM 1318 O O   . HOH D 3 .   ? -10.763 7.624   -1.967  1.00 42.79 ? 414 HOH A O   1 
HETATM 1319 O O   . HOH D 3 .   ? -7.911  -2.028  5.781   1.00 36.71 ? 415 HOH A O   1 
HETATM 1320 O O   . HOH D 3 .   ? 11.868  9.223   1.264   1.00 31.58 ? 416 HOH A O   1 
HETATM 1321 O O   . HOH D 3 .   ? -10.384 2.209   2.024   1.00 48.51 ? 417 HOH A O   1 
HETATM 1322 O O   . HOH D 3 .   ? -2.961  -17.885 -11.613 1.00 44.25 ? 418 HOH A O   1 
HETATM 1323 O O   . HOH D 3 .   ? -3.944  -18.429 -8.435  1.00 35.16 ? 419 HOH A O   1 
HETATM 1324 O O   . HOH D 3 .   ? 7.831   6.361   1.797   1.00 45.39 ? 420 HOH A O   1 
HETATM 1325 O O   . HOH D 3 .   ? 2.198   22.068  14.751  1.00 48.70 ? 421 HOH A O   1 
HETATM 1326 O O   . HOH D 3 .   ? -7.911  -8.277  6.761   1.00 47.45 ? 422 HOH A O   1 
# 
loop_
_pdbx_poly_seq_scheme.asym_id 
_pdbx_poly_seq_scheme.entity_id 
_pdbx_poly_seq_scheme.seq_id 
_pdbx_poly_seq_scheme.mon_id 
_pdbx_poly_seq_scheme.ndb_seq_num 
_pdbx_poly_seq_scheme.pdb_seq_num 
_pdbx_poly_seq_scheme.auth_seq_num 
_pdbx_poly_seq_scheme.pdb_mon_id 
_pdbx_poly_seq_scheme.auth_mon_id 
_pdbx_poly_seq_scheme.pdb_strand_id 
_pdbx_poly_seq_scheme.pdb_ins_code 
_pdbx_poly_seq_scheme.hetero 
A 1 1   MET 1   -19 ?   ?   ?   A . n 
A 1 2   GLY 2   -18 ?   ?   ?   A . n 
A 1 3   SER 3   -17 ?   ?   ?   A . n 
A 1 4   SER 4   -16 ?   ?   ?   A . n 
A 1 5   HIS 5   -15 ?   ?   ?   A . n 
A 1 6   HIS 6   -14 ?   ?   ?   A . n 
A 1 7   HIS 7   -13 ?   ?   ?   A . n 
A 1 8   HIS 8   -12 ?   ?   ?   A . n 
A 1 9   HIS 9   -11 ?   ?   ?   A . n 
A 1 10  HIS 10  -10 ?   ?   ?   A . n 
A 1 11  SER 11  -9  ?   ?   ?   A . n 
A 1 12  SER 12  -8  ?   ?   ?   A . n 
A 1 13  GLY 13  -7  ?   ?   ?   A . n 
A 1 14  LEU 14  -6  ?   ?   ?   A . n 
A 1 15  VAL 15  -5  ?   ?   ?   A . n 
A 1 16  PRO 16  -4  ?   ?   ?   A . n 
A 1 17  ARG 17  -3  ?   ?   ?   A . n 
A 1 18  GLY 18  -2  ?   ?   ?   A . n 
A 1 19  SER 19  -1  ?   ?   ?   A . n 
A 1 20  HIS 20  0   ?   ?   ?   A . n 
A 1 21  MET 21  1   1   MET MET A . n 
A 1 22  LYS 22  2   2   LYS LYS A . n 
A 1 23  THR 23  3   3   THR THR A . n 
A 1 24  PHE 24  4   4   PHE PHE A . n 
A 1 25  GLU 25  5   5   GLU GLU A . n 
A 1 26  ILE 26  6   6   ILE ILE A . n 
A 1 27  LEU 27  7   7   LEU LEU A . n 
A 1 28  LYS 28  8   8   LYS LYS A . n 
A 1 29  HIS 29  9   9   HIS HIS A . n 
A 1 30  LEU 30  10  10  LEU LEU A . n 
A 1 31  GLN 31  11  11  GLN GLN A . n 
A 1 32  ALA 32  12  12  ALA ALA A . n 
A 1 33  ASP 33  13  13  ASP ASP A . n 
A 1 34  ALA 34  14  14  ALA ALA A . n 
A 1 35  ILE 35  15  15  ILE ILE A . n 
A 1 36  VAL 36  16  16  VAL VAL A . n 
A 1 37  LEU 37  17  17  LEU LEU A . n 
A 1 38  PHE 38  18  18  PHE PHE A . n 
A 1 39  MET 39  19  19  MET MET A . n 
A 1 40  LYS 40  20  20  LYS LYS A . n 
A 1 41  VAL 41  21  21  VAL VAL A . n 
A 1 42  HIS 42  22  22  HIS HIS A . n 
A 1 43  ASN 43  23  23  ASN ASN A . n 
A 1 44  PHE 44  24  24  PHE PHE A . n 
A 1 45  HIS 45  25  25  HIS HIS A . n 
A 1 46  TRP 46  26  26  TRP TRP A . n 
A 1 47  ASN 47  27  27  ASN ASN A . n 
A 1 48  VAL 48  28  28  VAL VAL A . n 
A 1 49  LYS 49  29  29  LYS LYS A . n 
A 1 50  GLY 50  30  30  GLY GLY A . n 
A 1 51  THR 51  31  31  THR THR A . n 
A 1 52  ASP 52  32  32  ASP ASP A . n 
A 1 53  PHE 53  33  33  PHE PHE A . n 
A 1 54  PHE 54  34  34  PHE PHE A . n 
A 1 55  ASN 55  35  35  ASN ASN A . n 
A 1 56  VAL 56  36  36  VAL VAL A . n 
A 1 57  HIS 57  37  37  HIS HIS A . n 
A 1 58  LYS 58  38  38  LYS LYS A . n 
A 1 59  ALA 59  39  39  ALA ALA A . n 
A 1 60  THR 60  40  40  THR THR A . n 
A 1 61  GLU 61  41  41  GLU GLU A . n 
A 1 62  GLU 62  42  42  GLU GLU A . n 
A 1 63  ILE 63  43  43  ILE ILE A . n 
A 1 64  TYR 64  44  44  TYR TYR A . n 
A 1 65  GLU 65  45  45  GLU GLU A . n 
A 1 66  GLU 66  46  46  GLU GLU A . n 
A 1 67  PHE 67  47  47  PHE PHE A . n 
A 1 68  ALA 68  48  48  ALA ALA A . n 
A 1 69  ASP 69  49  49  ASP ASP A . n 
A 1 70  MET 70  50  50  MET MET A . n 
A 1 71  PHE 71  51  51  PHE PHE A . n 
A 1 72  ASP 72  52  52  ASP ASP A . n 
A 1 73  ASP 73  53  53  ASP ASP A . n 
A 1 74  LEU 74  54  54  LEU LEU A . n 
A 1 75  ALA 75  55  55  ALA ALA A . n 
A 1 76  GLU 76  56  56  GLU GLU A . n 
A 1 77  ARG 77  57  57  ARG ARG A . n 
A 1 78  ILE 78  58  58  ILE ILE A . n 
A 1 79  VAL 79  59  59  VAL VAL A . n 
A 1 80  GLN 80  60  60  GLN GLN A . n 
A 1 81  LEU 81  61  61  LEU LEU A . n 
A 1 82  GLY 82  62  62  GLY GLY A . n 
A 1 83  HIS 83  63  63  HIS HIS A . n 
A 1 84  HIS 84  64  64  HIS HIS A . n 
A 1 85  PRO 85  65  65  PRO PRO A . n 
A 1 86  LEU 86  66  66  LEU LEU A . n 
A 1 87  VAL 87  67  67  VAL VAL A . n 
A 1 88  THR 88  68  68  THR THR A . n 
A 1 89  LEU 89  69  69  LEU LEU A . n 
A 1 90  SER 90  70  70  SER SER A . n 
A 1 91  GLU 91  71  71  GLU GLU A . n 
A 1 92  ALA 92  72  72  ALA ALA A . n 
A 1 93  ILE 93  73  73  ILE ILE A . n 
A 1 94  LYS 94  74  74  LYS LYS A . n 
A 1 95  LEU 95  75  75  LEU LEU A . n 
A 1 96  THR 96  76  76  THR THR A . n 
A 1 97  ARG 97  77  77  ARG ARG A . n 
A 1 98  VAL 98  78  78  VAL VAL A . n 
A 1 99  LYS 99  79  79  LYS LYS A . n 
A 1 100 GLU 100 80  80  GLU GLU A . n 
A 1 101 GLU 101 81  81  GLU GLU A . n 
A 1 102 THR 102 82  82  THR THR A . n 
A 1 103 LYS 103 83  83  LYS LYS A . n 
A 1 104 THR 104 84  84  THR THR A . n 
A 1 105 SER 105 85  85  SER SER A . n 
A 1 106 PHE 106 86  86  PHE PHE A . n 
A 1 107 HIS 107 87  87  HIS HIS A . n 
A 1 108 SER 108 88  88  SER SER A . n 
A 1 109 LYS 109 89  89  LYS LYS A . n 
A 1 110 ASP 110 90  90  ASP ASP A . n 
A 1 111 ILE 111 91  91  ILE ILE A . n 
A 1 112 PHE 112 92  92  PHE PHE A . n 
A 1 113 LYS 113 93  93  LYS LYS A . n 
A 1 114 GLU 114 94  94  GLU GLU A . n 
A 1 115 ILE 115 95  95  ILE ILE A . n 
A 1 116 LEU 116 96  96  LEU LEU A . n 
A 1 117 GLU 117 97  97  GLU GLU A . n 
A 1 118 ASP 118 98  98  ASP ASP A . n 
A 1 119 TYR 119 99  99  TYR TYR A . n 
A 1 120 LYS 120 100 100 LYS LYS A . n 
A 1 121 HIS 121 101 101 HIS HIS A . n 
A 1 122 LEU 122 102 102 LEU LEU A . n 
A 1 123 GLU 123 103 103 GLU GLU A . n 
A 1 124 LYS 124 104 104 LYS LYS A . n 
A 1 125 GLU 125 105 105 GLU GLU A . n 
A 1 126 PHE 126 106 106 PHE PHE A . n 
A 1 127 LYS 127 107 107 LYS LYS A . n 
A 1 128 GLU 128 108 108 GLU GLU A . n 
A 1 129 LEU 129 109 109 LEU LEU A . n 
A 1 130 SER 130 110 110 SER SER A . n 
A 1 131 ASN 131 111 111 ASN ASN A . n 
A 1 132 THR 132 112 112 THR THR A . n 
A 1 133 ALA 133 113 113 ALA ALA A . n 
A 1 134 GLU 134 114 114 GLU GLU A . n 
A 1 135 LYS 135 115 115 LYS LYS A . n 
A 1 136 GLU 136 116 116 GLU GLU A . n 
A 1 137 GLY 137 117 117 GLY GLY A . n 
A 1 138 ASP 138 118 118 ASP ASP A . n 
A 1 139 LYS 139 119 119 LYS LYS A . n 
A 1 140 VAL 140 120 120 VAL VAL A . n 
A 1 141 THR 141 121 121 THR THR A . n 
A 1 142 VAL 142 122 122 VAL VAL A . n 
A 1 143 THR 143 123 123 THR THR A . n 
A 1 144 TYR 144 124 124 TYR TYR A . n 
A 1 145 ALA 145 125 125 ALA ALA A . n 
A 1 146 ASP 146 126 126 ASP ASP A . n 
A 1 147 ASP 147 127 127 ASP ASP A . n 
A 1 148 GLN 148 128 128 GLN GLN A . n 
A 1 149 LEU 149 129 129 LEU LEU A . n 
A 1 150 ALA 150 130 130 ALA ALA A . n 
A 1 151 LYS 151 131 131 LYS LYS A . n 
A 1 152 LEU 152 132 132 LEU LEU A . n 
A 1 153 GLN 153 133 133 GLN GLN A . n 
A 1 154 LYS 154 134 134 LYS LYS A . n 
A 1 155 SER 155 135 135 SER SER A . n 
A 1 156 ILE 156 136 136 ILE ILE A . n 
A 1 157 TRP 157 137 137 TRP TRP A . n 
A 1 158 MET 158 138 138 MET MET A . n 
A 1 159 LEU 159 139 139 LEU LEU A . n 
A 1 160 GLN 160 140 140 GLN GLN A . n 
A 1 161 ALA 161 141 141 ALA ALA A . n 
A 1 162 HIS 162 142 142 HIS HIS A . n 
A 1 163 LEU 163 143 143 LEU LEU A . n 
A 1 164 ALA 164 144 144 ALA ALA A . n 
# 
loop_
_pdbx_nonpoly_scheme.asym_id 
_pdbx_nonpoly_scheme.entity_id 
_pdbx_nonpoly_scheme.mon_id 
_pdbx_nonpoly_scheme.ndb_seq_num 
_pdbx_nonpoly_scheme.pdb_seq_num 
_pdbx_nonpoly_scheme.auth_seq_num 
_pdbx_nonpoly_scheme.pdb_mon_id 
_pdbx_nonpoly_scheme.auth_mon_id 
_pdbx_nonpoly_scheme.pdb_strand_id 
_pdbx_nonpoly_scheme.pdb_ins_code 
B 2 SO4 1   201 201 SO4 SO4 A . 
C 2 SO4 1   202 202 SO4 SO4 A . 
D 3 HOH 1   301 301 HOH HOH A . 
D 3 HOH 2   302 302 HOH HOH A . 
D 3 HOH 3   303 303 HOH HOH A . 
D 3 HOH 4   304 304 HOH HOH A . 
D 3 HOH 5   305 305 HOH HOH A . 
D 3 HOH 6   306 306 HOH HOH A . 
D 3 HOH 7   307 307 HOH HOH A . 
D 3 HOH 8   308 308 HOH HOH A . 
D 3 HOH 9   309 309 HOH HOH A . 
D 3 HOH 10  310 310 HOH HOH A . 
D 3 HOH 11  311 311 HOH HOH A . 
D 3 HOH 12  312 312 HOH HOH A . 
D 3 HOH 13  313 313 HOH HOH A . 
D 3 HOH 14  314 314 HOH HOH A . 
D 3 HOH 15  315 315 HOH HOH A . 
D 3 HOH 16  316 316 HOH HOH A . 
D 3 HOH 17  317 317 HOH HOH A . 
D 3 HOH 18  318 318 HOH HOH A . 
D 3 HOH 19  319 319 HOH HOH A . 
D 3 HOH 20  320 320 HOH HOH A . 
D 3 HOH 21  321 321 HOH HOH A . 
D 3 HOH 22  322 322 HOH HOH A . 
D 3 HOH 23  323 323 HOH HOH A . 
D 3 HOH 24  324 324 HOH HOH A . 
D 3 HOH 25  325 325 HOH HOH A . 
D 3 HOH 26  326 326 HOH HOH A . 
D 3 HOH 27  327 327 HOH HOH A . 
D 3 HOH 28  328 328 HOH HOH A . 
D 3 HOH 29  329 329 HOH HOH A . 
D 3 HOH 30  330 330 HOH HOH A . 
D 3 HOH 31  331 331 HOH HOH A . 
D 3 HOH 32  332 332 HOH HOH A . 
D 3 HOH 33  333 333 HOH HOH A . 
D 3 HOH 34  334 334 HOH HOH A . 
D 3 HOH 35  335 335 HOH HOH A . 
D 3 HOH 36  336 336 HOH HOH A . 
D 3 HOH 37  337 337 HOH HOH A . 
D 3 HOH 38  338 338 HOH HOH A . 
D 3 HOH 39  339 339 HOH HOH A . 
D 3 HOH 40  340 340 HOH HOH A . 
D 3 HOH 41  341 341 HOH HOH A . 
D 3 HOH 42  342 342 HOH HOH A . 
D 3 HOH 43  343 343 HOH HOH A . 
D 3 HOH 44  344 344 HOH HOH A . 
D 3 HOH 45  345 345 HOH HOH A . 
D 3 HOH 46  346 346 HOH HOH A . 
D 3 HOH 47  347 347 HOH HOH A . 
D 3 HOH 48  348 348 HOH HOH A . 
D 3 HOH 49  349 349 HOH HOH A . 
D 3 HOH 50  350 350 HOH HOH A . 
D 3 HOH 51  351 351 HOH HOH A . 
D 3 HOH 52  352 352 HOH HOH A . 
D 3 HOH 53  353 353 HOH HOH A . 
D 3 HOH 54  354 354 HOH HOH A . 
D 3 HOH 55  355 355 HOH HOH A . 
D 3 HOH 56  356 356 HOH HOH A . 
D 3 HOH 57  357 357 HOH HOH A . 
D 3 HOH 58  358 358 HOH HOH A . 
D 3 HOH 59  359 359 HOH HOH A . 
D 3 HOH 60  360 360 HOH HOH A . 
D 3 HOH 61  361 361 HOH HOH A . 
D 3 HOH 62  362 362 HOH HOH A . 
D 3 HOH 63  363 363 HOH HOH A . 
D 3 HOH 64  364 364 HOH HOH A . 
D 3 HOH 65  365 365 HOH HOH A . 
D 3 HOH 66  366 366 HOH HOH A . 
D 3 HOH 67  367 367 HOH HOH A . 
D 3 HOH 68  368 368 HOH HOH A . 
D 3 HOH 69  369 369 HOH HOH A . 
D 3 HOH 70  370 370 HOH HOH A . 
D 3 HOH 71  371 371 HOH HOH A . 
D 3 HOH 72  372 372 HOH HOH A . 
D 3 HOH 73  373 373 HOH HOH A . 
D 3 HOH 74  374 374 HOH HOH A . 
D 3 HOH 75  375 375 HOH HOH A . 
D 3 HOH 76  376 376 HOH HOH A . 
D 3 HOH 77  377 377 HOH HOH A . 
D 3 HOH 78  378 378 HOH HOH A . 
D 3 HOH 79  379 379 HOH HOH A . 
D 3 HOH 80  380 380 HOH HOH A . 
D 3 HOH 81  381 381 HOH HOH A . 
D 3 HOH 82  382 382 HOH HOH A . 
D 3 HOH 83  383 383 HOH HOH A . 
D 3 HOH 84  384 384 HOH HOH A . 
D 3 HOH 85  385 385 HOH HOH A . 
D 3 HOH 86  386 386 HOH HOH A . 
D 3 HOH 87  387 387 HOH HOH A . 
D 3 HOH 88  388 388 HOH HOH A . 
D 3 HOH 89  389 389 HOH HOH A . 
D 3 HOH 90  390 390 HOH HOH A . 
D 3 HOH 91  391 391 HOH HOH A . 
D 3 HOH 92  392 392 HOH HOH A . 
D 3 HOH 93  393 393 HOH HOH A . 
D 3 HOH 94  394 394 HOH HOH A . 
D 3 HOH 95  395 395 HOH HOH A . 
D 3 HOH 96  396 396 HOH HOH A . 
D 3 HOH 97  397 397 HOH HOH A . 
D 3 HOH 98  398 398 HOH HOH A . 
D 3 HOH 99  399 399 HOH HOH A . 
D 3 HOH 100 400 400 HOH HOH A . 
D 3 HOH 101 401 401 HOH HOH A . 
D 3 HOH 102 402 402 HOH HOH A . 
D 3 HOH 103 403 403 HOH HOH A . 
D 3 HOH 104 404 404 HOH HOH A . 
D 3 HOH 105 405 405 HOH HOH A . 
D 3 HOH 106 406 406 HOH HOH A . 
D 3 HOH 107 407 407 HOH HOH A . 
D 3 HOH 108 408 408 HOH HOH A . 
D 3 HOH 109 409 409 HOH HOH A . 
D 3 HOH 110 410 410 HOH HOH A . 
D 3 HOH 111 411 411 HOH HOH A . 
D 3 HOH 112 412 412 HOH HOH A . 
D 3 HOH 113 413 413 HOH HOH A . 
D 3 HOH 114 414 414 HOH HOH A . 
D 3 HOH 115 415 415 HOH HOH A . 
D 3 HOH 116 416 416 HOH HOH A . 
D 3 HOH 117 417 417 HOH HOH A . 
D 3 HOH 118 418 418 HOH HOH A . 
D 3 HOH 119 419 419 HOH HOH A . 
D 3 HOH 120 420 420 HOH HOH A . 
D 3 HOH 121 421 421 HOH HOH A . 
D 3 HOH 122 422 422 HOH HOH A . 
# 
_pdbx_struct_assembly.id                   1 
_pdbx_struct_assembly.details              author_and_software_defined_assembly 
_pdbx_struct_assembly.method_details       PISA 
_pdbx_struct_assembly.oligomeric_details   dodecameric 
_pdbx_struct_assembly.oligomeric_count     12 
# 
_pdbx_struct_assembly_gen.assembly_id       1 
_pdbx_struct_assembly_gen.oper_expression   1,2,3,4,5,6,7,8,9,10,11,12 
_pdbx_struct_assembly_gen.asym_id_list      A,B,C,D 
# 
loop_
_pdbx_struct_assembly_prop.biol_id 
_pdbx_struct_assembly_prop.type 
_pdbx_struct_assembly_prop.value 
_pdbx_struct_assembly_prop.details 
1 'ABSA (A^2)' 36370 ? 
1 MORE         -533  ? 
1 'SSA (A^2)'  68440 ? 
# 
loop_
_pdbx_struct_oper_list.id 
_pdbx_struct_oper_list.type 
_pdbx_struct_oper_list.name 
_pdbx_struct_oper_list.symmetry_operation 
_pdbx_struct_oper_list.matrix[1][1] 
_pdbx_struct_oper_list.matrix[1][2] 
_pdbx_struct_oper_list.matrix[1][3] 
_pdbx_struct_oper_list.vector[1] 
_pdbx_struct_oper_list.matrix[2][1] 
_pdbx_struct_oper_list.matrix[2][2] 
_pdbx_struct_oper_list.matrix[2][3] 
_pdbx_struct_oper_list.vector[2] 
_pdbx_struct_oper_list.matrix[3][1] 
_pdbx_struct_oper_list.matrix[3][2] 
_pdbx_struct_oper_list.matrix[3][3] 
_pdbx_struct_oper_list.vector[3] 
1  'identity operation'         1_555  x,y,z           1.0000000000  0.0000000000  0.0000000000  0.0000000000   0.0000000000  1.0000000000  0.0000000000  0.0000000000   0.0000000000  0.0000000000  1.0000000000  0.0000000000   
2  'crystal symmetry operation' 5_555  z,x,y           0.6622921164  0.6493862419  0.3737200308  -14.8914305387 -0.0840478736 -0.4312549173 0.8983068247  -1.4560120972  0.7445166939  -0.6263519020 -0.2310371991 31.6923271752  
3  'crystal symmetry operation' 9_555  y,z,x           0.6622921164  -0.0840478736 0.7445166939  -13.8553643232 0.6493862419  -0.4312549173 -0.6263519020 28.8929271424  0.3737200308  0.8983068247  -0.2310371991 14.1952779863  
4  'crystal symmetry operation' 28_555 x,-y+1/2,-z+1/2 -0.6634295531 -0.4096936617 0.6261088816  -55.5074136274 -0.4096936617 -0.5012963913 -0.7621371475 -4.8805420685  0.6261088816  -0.7621371475 0.1647259445  26.6449308555  
5  'crystal symmetry operation' 30_555 z,-x+1/2,-y+1/2 0.0611982328  -0.6463041069 -0.7606219677 -25.1886320694 -0.7966278159 0.4275031584  -0.4273466655 -22.2036235844 0.6013641985  0.6320854775  -0.4887013913 23.6515033686  
6  'crystal symmetry operation' 35_555 y,-z+1/2,-x+1/2 -0.4714441596 0.7948801308  -0.3819764156 -49.2648149598 -0.8816977801 -0.4340125860 0.1850462096  -24.5067559092 -0.0186930167 0.4240267125  0.9054567456  -1.7120783071  
7  'crystal symmetry operation' 51_555 -x+1/2,y,-z+1/2 -0.8917821129 0.4030683180  0.2055738167  -64.0733171809 0.4030683180  0.5012681668  0.7656801918  11.7152782110  0.2055738167  0.7656801918  -0.6094860538 10.7592569686  
8  'crystal symmetry operation' 56_555 -z+1/2,x,-y+1/2 -0.4714441596 -0.8816977801 -0.0186930167 -44.8651654791 0.7948801308  -0.4340125860 0.4240267125  29.2493489856  -0.3819764156 0.1850462096  0.9054567456  -12.7329022928 
9  'crystal symmetry operation' 58_555 -y+1/2,z,-x+1/2 -0.2520461896 0.0857955588  -0.9639044768 -37.1533500902 0.8786156452  0.4377643449  -0.1907797851 31.4827676104  0.4055949536  -0.8949868717 -0.1857181553 21.3818748741  
10 'crystal symmetry operation' 74_555 -x+1/2,-y+1/2,z 0.5552116661  0.0066253437  -0.8316826983 -11.0624903229 0.0066253437  -0.9999717754 -0.0035430442 7.2970337574   -0.8316826983 -0.0035430442 -0.5552398906 -20.6282620566 
11 'crystal symmetry operation' 79_555 -z+1/2,-x+1/2,y -0.2520461896 0.8786156452  0.4055949536  -45.6979930441 0.0857955588  0.4377643449  -0.8949868717 8.5420565959   -0.9639044768 -0.1907797851 -0.1857181553 -25.8350024835 
12 'crystal symmetry operation' 84_555 -y+1/2,-z+1/2,x 0.0611982328  -0.7966278159 0.6013641985  -30.3696917581 -0.6463041069 0.4275031584  0.6320854775  -21.7371689438 -0.7606219677 -0.4273466655 -0.4887013913 -17.0891487859  
# 
loop_
_pdbx_struct_special_symmetry.id 
_pdbx_struct_special_symmetry.PDB_model_num 
_pdbx_struct_special_symmetry.auth_asym_id 
_pdbx_struct_special_symmetry.auth_comp_id 
_pdbx_struct_special_symmetry.auth_seq_id 
_pdbx_struct_special_symmetry.PDB_ins_code 
_pdbx_struct_special_symmetry.label_asym_id 
_pdbx_struct_special_symmetry.label_comp_id 
_pdbx_struct_special_symmetry.label_seq_id 
1 1 A SO4 202 ? C SO4 . 
2 1 A HOH 381 ? D HOH . 
3 1 A HOH 413 ? D HOH . 
# 
loop_
_pdbx_audit_revision_history.ordinal 
_pdbx_audit_revision_history.data_content_type 
_pdbx_audit_revision_history.major_revision 
_pdbx_audit_revision_history.minor_revision 
_pdbx_audit_revision_history.revision_date 
1 'Structure model' 1 0 2012-06-27 
2 'Structure model' 1 1 2023-11-08 
# 
_pdbx_audit_revision_details.ordinal             1 
_pdbx_audit_revision_details.revision_ordinal    1 
_pdbx_audit_revision_details.data_content_type   'Structure model' 
_pdbx_audit_revision_details.provider            repository 
_pdbx_audit_revision_details.type                'Initial release' 
_pdbx_audit_revision_details.description         ? 
_pdbx_audit_revision_details.details             ? 
# 
loop_
_pdbx_audit_revision_group.ordinal 
_pdbx_audit_revision_group.revision_ordinal 
_pdbx_audit_revision_group.data_content_type 
_pdbx_audit_revision_group.group 
1 2 'Structure model' 'Data collection'        
2 2 'Structure model' 'Database references'    
3 2 'Structure model' 'Derived calculations'   
4 2 'Structure model' 'Refinement description' 
# 
loop_
_pdbx_audit_revision_category.ordinal 
_pdbx_audit_revision_category.revision_ordinal 
_pdbx_audit_revision_category.data_content_type 
_pdbx_audit_revision_category.category 
1 2 'Structure model' chem_comp_atom                
2 2 'Structure model' chem_comp_bond                
3 2 'Structure model' database_2                    
4 2 'Structure model' pdbx_initial_refinement_model 
5 2 'Structure model' struct_ref_seq_dif            
6 2 'Structure model' struct_site                   
# 
loop_
_pdbx_audit_revision_item.ordinal 
_pdbx_audit_revision_item.revision_ordinal 
_pdbx_audit_revision_item.data_content_type 
_pdbx_audit_revision_item.item 
1 2 'Structure model' '_database_2.pdbx_DOI'                
2 2 'Structure model' '_database_2.pdbx_database_accession' 
3 2 'Structure model' '_struct_ref_seq_dif.details'         
4 2 'Structure model' '_struct_site.pdbx_auth_asym_id'      
5 2 'Structure model' '_struct_site.pdbx_auth_comp_id'      
6 2 'Structure model' '_struct_site.pdbx_auth_seq_id'       
# 
loop_
_software.pdbx_ordinal 
_software.name 
_software.version 
_software.date 
_software.type 
_software.contact_author 
_software.contact_author_email 
_software.classification 
_software.location 
_software.language 
_software.citation_id 
1 REFMAC      5.5.0088 ?                program 'Garib N. Murshudov' garib@ysbl.york.ac.uk    refinement        
http://www.ccp4.ac.uk/dist/html/refmac5.html Fortran_77 ? 
2 PDB_EXTRACT 3.11     'April 22, 2011' package PDB                  deposit@deposit.rcsb.org 'data extraction' 
http://sw-tools.pdb.org/apps/PDB_EXTRACT/    C++        ? 
3 HKL-2000    .        ?                ?       ?                    ?                        'data collection' ? ?          ? 
4 HKL-2000    .        ?                ?       ?                    ?                        'data reduction'  ? ?          ? 
5 HKL-2000    .        ?                ?       ?                    ?                        'data scaling'    ? ?          ? 
6 MOLREP      .        ?                ?       ?                    ?                        phasing           ? ?          ? 
# 
loop_
_pdbx_unobs_or_zero_occ_residues.id 
_pdbx_unobs_or_zero_occ_residues.PDB_model_num 
_pdbx_unobs_or_zero_occ_residues.polymer_flag 
_pdbx_unobs_or_zero_occ_residues.occupancy_flag 
_pdbx_unobs_or_zero_occ_residues.auth_asym_id 
_pdbx_unobs_or_zero_occ_residues.auth_comp_id 
_pdbx_unobs_or_zero_occ_residues.auth_seq_id 
_pdbx_unobs_or_zero_occ_residues.PDB_ins_code 
_pdbx_unobs_or_zero_occ_residues.label_asym_id 
_pdbx_unobs_or_zero_occ_residues.label_comp_id 
_pdbx_unobs_or_zero_occ_residues.label_seq_id 
1  1 Y 1 A MET -19 ? A MET 1  
2  1 Y 1 A GLY -18 ? A GLY 2  
3  1 Y 1 A SER -17 ? A SER 3  
4  1 Y 1 A SER -16 ? A SER 4  
5  1 Y 1 A HIS -15 ? A HIS 5  
6  1 Y 1 A HIS -14 ? A HIS 6  
7  1 Y 1 A HIS -13 ? A HIS 7  
8  1 Y 1 A HIS -12 ? A HIS 8  
9  1 Y 1 A HIS -11 ? A HIS 9  
10 1 Y 1 A HIS -10 ? A HIS 10 
11 1 Y 1 A SER -9  ? A SER 11 
12 1 Y 1 A SER -8  ? A SER 12 
13 1 Y 1 A GLY -7  ? A GLY 13 
14 1 Y 1 A LEU -6  ? A LEU 14 
15 1 Y 1 A VAL -5  ? A VAL 15 
16 1 Y 1 A PRO -4  ? A PRO 16 
17 1 Y 1 A ARG -3  ? A ARG 17 
18 1 Y 1 A GLY -2  ? A GLY 18 
19 1 Y 1 A SER -1  ? A SER 19 
20 1 Y 1 A HIS 0   ? A HIS 20 
# 
loop_
_chem_comp_atom.comp_id 
_chem_comp_atom.atom_id 
_chem_comp_atom.type_symbol 
_chem_comp_atom.pdbx_aromatic_flag 
_chem_comp_atom.pdbx_stereo_config 
_chem_comp_atom.pdbx_ordinal 
ALA N    N N N 1   
ALA CA   C N S 2   
ALA C    C N N 3   
ALA O    O N N 4   
ALA CB   C N N 5   
ALA OXT  O N N 6   
ALA H    H N N 7   
ALA H2   H N N 8   
ALA HA   H N N 9   
ALA HB1  H N N 10  
ALA HB2  H N N 11  
ALA HB3  H N N 12  
ALA HXT  H N N 13  
ARG N    N N N 14  
ARG CA   C N S 15  
ARG C    C N N 16  
ARG O    O N N 17  
ARG CB   C N N 18  
ARG CG   C N N 19  
ARG CD   C N N 20  
ARG NE   N N N 21  
ARG CZ   C N N 22  
ARG NH1  N N N 23  
ARG NH2  N N N 24  
ARG OXT  O N N 25  
ARG H    H N N 26  
ARG H2   H N N 27  
ARG HA   H N N 28  
ARG HB2  H N N 29  
ARG HB3  H N N 30  
ARG HG2  H N N 31  
ARG HG3  H N N 32  
ARG HD2  H N N 33  
ARG HD3  H N N 34  
ARG HE   H N N 35  
ARG HH11 H N N 36  
ARG HH12 H N N 37  
ARG HH21 H N N 38  
ARG HH22 H N N 39  
ARG HXT  H N N 40  
ASN N    N N N 41  
ASN CA   C N S 42  
ASN C    C N N 43  
ASN O    O N N 44  
ASN CB   C N N 45  
ASN CG   C N N 46  
ASN OD1  O N N 47  
ASN ND2  N N N 48  
ASN OXT  O N N 49  
ASN H    H N N 50  
ASN H2   H N N 51  
ASN HA   H N N 52  
ASN HB2  H N N 53  
ASN HB3  H N N 54  
ASN HD21 H N N 55  
ASN HD22 H N N 56  
ASN HXT  H N N 57  
ASP N    N N N 58  
ASP CA   C N S 59  
ASP C    C N N 60  
ASP O    O N N 61  
ASP CB   C N N 62  
ASP CG   C N N 63  
ASP OD1  O N N 64  
ASP OD2  O N N 65  
ASP OXT  O N N 66  
ASP H    H N N 67  
ASP H2   H N N 68  
ASP HA   H N N 69  
ASP HB2  H N N 70  
ASP HB3  H N N 71  
ASP HD2  H N N 72  
ASP HXT  H N N 73  
GLN N    N N N 74  
GLN CA   C N S 75  
GLN C    C N N 76  
GLN O    O N N 77  
GLN CB   C N N 78  
GLN CG   C N N 79  
GLN CD   C N N 80  
GLN OE1  O N N 81  
GLN NE2  N N N 82  
GLN OXT  O N N 83  
GLN H    H N N 84  
GLN H2   H N N 85  
GLN HA   H N N 86  
GLN HB2  H N N 87  
GLN HB3  H N N 88  
GLN HG2  H N N 89  
GLN HG3  H N N 90  
GLN HE21 H N N 91  
GLN HE22 H N N 92  
GLN HXT  H N N 93  
GLU N    N N N 94  
GLU CA   C N S 95  
GLU C    C N N 96  
GLU O    O N N 97  
GLU CB   C N N 98  
GLU CG   C N N 99  
GLU CD   C N N 100 
GLU OE1  O N N 101 
GLU OE2  O N N 102 
GLU OXT  O N N 103 
GLU H    H N N 104 
GLU H2   H N N 105 
GLU HA   H N N 106 
GLU HB2  H N N 107 
GLU HB3  H N N 108 
GLU HG2  H N N 109 
GLU HG3  H N N 110 
GLU HE2  H N N 111 
GLU HXT  H N N 112 
GLY N    N N N 113 
GLY CA   C N N 114 
GLY C    C N N 115 
GLY O    O N N 116 
GLY OXT  O N N 117 
GLY H    H N N 118 
GLY H2   H N N 119 
GLY HA2  H N N 120 
GLY HA3  H N N 121 
GLY HXT  H N N 122 
HIS N    N N N 123 
HIS CA   C N S 124 
HIS C    C N N 125 
HIS O    O N N 126 
HIS CB   C N N 127 
HIS CG   C Y N 128 
HIS ND1  N Y N 129 
HIS CD2  C Y N 130 
HIS CE1  C Y N 131 
HIS NE2  N Y N 132 
HIS OXT  O N N 133 
HIS H    H N N 134 
HIS H2   H N N 135 
HIS HA   H N N 136 
HIS HB2  H N N 137 
HIS HB3  H N N 138 
HIS HD1  H N N 139 
HIS HD2  H N N 140 
HIS HE1  H N N 141 
HIS HE2  H N N 142 
HIS HXT  H N N 143 
HOH O    O N N 144 
HOH H1   H N N 145 
HOH H2   H N N 146 
ILE N    N N N 147 
ILE CA   C N S 148 
ILE C    C N N 149 
ILE O    O N N 150 
ILE CB   C N S 151 
ILE CG1  C N N 152 
ILE CG2  C N N 153 
ILE CD1  C N N 154 
ILE OXT  O N N 155 
ILE H    H N N 156 
ILE H2   H N N 157 
ILE HA   H N N 158 
ILE HB   H N N 159 
ILE HG12 H N N 160 
ILE HG13 H N N 161 
ILE HG21 H N N 162 
ILE HG22 H N N 163 
ILE HG23 H N N 164 
ILE HD11 H N N 165 
ILE HD12 H N N 166 
ILE HD13 H N N 167 
ILE HXT  H N N 168 
LEU N    N N N 169 
LEU CA   C N S 170 
LEU C    C N N 171 
LEU O    O N N 172 
LEU CB   C N N 173 
LEU CG   C N N 174 
LEU CD1  C N N 175 
LEU CD2  C N N 176 
LEU OXT  O N N 177 
LEU H    H N N 178 
LEU H2   H N N 179 
LEU HA   H N N 180 
LEU HB2  H N N 181 
LEU HB3  H N N 182 
LEU HG   H N N 183 
LEU HD11 H N N 184 
LEU HD12 H N N 185 
LEU HD13 H N N 186 
LEU HD21 H N N 187 
LEU HD22 H N N 188 
LEU HD23 H N N 189 
LEU HXT  H N N 190 
LYS N    N N N 191 
LYS CA   C N S 192 
LYS C    C N N 193 
LYS O    O N N 194 
LYS CB   C N N 195 
LYS CG   C N N 196 
LYS CD   C N N 197 
LYS CE   C N N 198 
LYS NZ   N N N 199 
LYS OXT  O N N 200 
LYS H    H N N 201 
LYS H2   H N N 202 
LYS HA   H N N 203 
LYS HB2  H N N 204 
LYS HB3  H N N 205 
LYS HG2  H N N 206 
LYS HG3  H N N 207 
LYS HD2  H N N 208 
LYS HD3  H N N 209 
LYS HE2  H N N 210 
LYS HE3  H N N 211 
LYS HZ1  H N N 212 
LYS HZ2  H N N 213 
LYS HZ3  H N N 214 
LYS HXT  H N N 215 
MET N    N N N 216 
MET CA   C N S 217 
MET C    C N N 218 
MET O    O N N 219 
MET CB   C N N 220 
MET CG   C N N 221 
MET SD   S N N 222 
MET CE   C N N 223 
MET OXT  O N N 224 
MET H    H N N 225 
MET H2   H N N 226 
MET HA   H N N 227 
MET HB2  H N N 228 
MET HB3  H N N 229 
MET HG2  H N N 230 
MET HG3  H N N 231 
MET HE1  H N N 232 
MET HE2  H N N 233 
MET HE3  H N N 234 
MET HXT  H N N 235 
PHE N    N N N 236 
PHE CA   C N S 237 
PHE C    C N N 238 
PHE O    O N N 239 
PHE CB   C N N 240 
PHE CG   C Y N 241 
PHE CD1  C Y N 242 
PHE CD2  C Y N 243 
PHE CE1  C Y N 244 
PHE CE2  C Y N 245 
PHE CZ   C Y N 246 
PHE OXT  O N N 247 
PHE H    H N N 248 
PHE H2   H N N 249 
PHE HA   H N N 250 
PHE HB2  H N N 251 
PHE HB3  H N N 252 
PHE HD1  H N N 253 
PHE HD2  H N N 254 
PHE HE1  H N N 255 
PHE HE2  H N N 256 
PHE HZ   H N N 257 
PHE HXT  H N N 258 
PRO N    N N N 259 
PRO CA   C N S 260 
PRO C    C N N 261 
PRO O    O N N 262 
PRO CB   C N N 263 
PRO CG   C N N 264 
PRO CD   C N N 265 
PRO OXT  O N N 266 
PRO H    H N N 267 
PRO HA   H N N 268 
PRO HB2  H N N 269 
PRO HB3  H N N 270 
PRO HG2  H N N 271 
PRO HG3  H N N 272 
PRO HD2  H N N 273 
PRO HD3  H N N 274 
PRO HXT  H N N 275 
SER N    N N N 276 
SER CA   C N S 277 
SER C    C N N 278 
SER O    O N N 279 
SER CB   C N N 280 
SER OG   O N N 281 
SER OXT  O N N 282 
SER H    H N N 283 
SER H2   H N N 284 
SER HA   H N N 285 
SER HB2  H N N 286 
SER HB3  H N N 287 
SER HG   H N N 288 
SER HXT  H N N 289 
SO4 S    S N N 290 
SO4 O1   O N N 291 
SO4 O2   O N N 292 
SO4 O3   O N N 293 
SO4 O4   O N N 294 
THR N    N N N 295 
THR CA   C N S 296 
THR C    C N N 297 
THR O    O N N 298 
THR CB   C N R 299 
THR OG1  O N N 300 
THR CG2  C N N 301 
THR OXT  O N N 302 
THR H    H N N 303 
THR H2   H N N 304 
THR HA   H N N 305 
THR HB   H N N 306 
THR HG1  H N N 307 
THR HG21 H N N 308 
THR HG22 H N N 309 
THR HG23 H N N 310 
THR HXT  H N N 311 
TRP N    N N N 312 
TRP CA   C N S 313 
TRP C    C N N 314 
TRP O    O N N 315 
TRP CB   C N N 316 
TRP CG   C Y N 317 
TRP CD1  C Y N 318 
TRP CD2  C Y N 319 
TRP NE1  N Y N 320 
TRP CE2  C Y N 321 
TRP CE3  C Y N 322 
TRP CZ2  C Y N 323 
TRP CZ3  C Y N 324 
TRP CH2  C Y N 325 
TRP OXT  O N N 326 
TRP H    H N N 327 
TRP H2   H N N 328 
TRP HA   H N N 329 
TRP HB2  H N N 330 
TRP HB3  H N N 331 
TRP HD1  H N N 332 
TRP HE1  H N N 333 
TRP HE3  H N N 334 
TRP HZ2  H N N 335 
TRP HZ3  H N N 336 
TRP HH2  H N N 337 
TRP HXT  H N N 338 
TYR N    N N N 339 
TYR CA   C N S 340 
TYR C    C N N 341 
TYR O    O N N 342 
TYR CB   C N N 343 
TYR CG   C Y N 344 
TYR CD1  C Y N 345 
TYR CD2  C Y N 346 
TYR CE1  C Y N 347 
TYR CE2  C Y N 348 
TYR CZ   C Y N 349 
TYR OH   O N N 350 
TYR OXT  O N N 351 
TYR H    H N N 352 
TYR H2   H N N 353 
TYR HA   H N N 354 
TYR HB2  H N N 355 
TYR HB3  H N N 356 
TYR HD1  H N N 357 
TYR HD2  H N N 358 
TYR HE1  H N N 359 
TYR HE2  H N N 360 
TYR HH   H N N 361 
TYR HXT  H N N 362 
VAL N    N N N 363 
VAL CA   C N S 364 
VAL C    C N N 365 
VAL O    O N N 366 
VAL CB   C N N 367 
VAL CG1  C N N 368 
VAL CG2  C N N 369 
VAL OXT  O N N 370 
VAL H    H N N 371 
VAL H2   H N N 372 
VAL HA   H N N 373 
VAL HB   H N N 374 
VAL HG11 H N N 375 
VAL HG12 H N N 376 
VAL HG13 H N N 377 
VAL HG21 H N N 378 
VAL HG22 H N N 379 
VAL HG23 H N N 380 
VAL HXT  H N N 381 
# 
loop_
_chem_comp_bond.comp_id 
_chem_comp_bond.atom_id_1 
_chem_comp_bond.atom_id_2 
_chem_comp_bond.value_order 
_chem_comp_bond.pdbx_aromatic_flag 
_chem_comp_bond.pdbx_stereo_config 
_chem_comp_bond.pdbx_ordinal 
ALA N   CA   sing N N 1   
ALA N   H    sing N N 2   
ALA N   H2   sing N N 3   
ALA CA  C    sing N N 4   
ALA CA  CB   sing N N 5   
ALA CA  HA   sing N N 6   
ALA C   O    doub N N 7   
ALA C   OXT  sing N N 8   
ALA CB  HB1  sing N N 9   
ALA CB  HB2  sing N N 10  
ALA CB  HB3  sing N N 11  
ALA OXT HXT  sing N N 12  
ARG N   CA   sing N N 13  
ARG N   H    sing N N 14  
ARG N   H2   sing N N 15  
ARG CA  C    sing N N 16  
ARG CA  CB   sing N N 17  
ARG CA  HA   sing N N 18  
ARG C   O    doub N N 19  
ARG C   OXT  sing N N 20  
ARG CB  CG   sing N N 21  
ARG CB  HB2  sing N N 22  
ARG CB  HB3  sing N N 23  
ARG CG  CD   sing N N 24  
ARG CG  HG2  sing N N 25  
ARG CG  HG3  sing N N 26  
ARG CD  NE   sing N N 27  
ARG CD  HD2  sing N N 28  
ARG CD  HD3  sing N N 29  
ARG NE  CZ   sing N N 30  
ARG NE  HE   sing N N 31  
ARG CZ  NH1  sing N N 32  
ARG CZ  NH2  doub N N 33  
ARG NH1 HH11 sing N N 34  
ARG NH1 HH12 sing N N 35  
ARG NH2 HH21 sing N N 36  
ARG NH2 HH22 sing N N 37  
ARG OXT HXT  sing N N 38  
ASN N   CA   sing N N 39  
ASN N   H    sing N N 40  
ASN N   H2   sing N N 41  
ASN CA  C    sing N N 42  
ASN CA  CB   sing N N 43  
ASN CA  HA   sing N N 44  
ASN C   O    doub N N 45  
ASN C   OXT  sing N N 46  
ASN CB  CG   sing N N 47  
ASN CB  HB2  sing N N 48  
ASN CB  HB3  sing N N 49  
ASN CG  OD1  doub N N 50  
ASN CG  ND2  sing N N 51  
ASN ND2 HD21 sing N N 52  
ASN ND2 HD22 sing N N 53  
ASN OXT HXT  sing N N 54  
ASP N   CA   sing N N 55  
ASP N   H    sing N N 56  
ASP N   H2   sing N N 57  
ASP CA  C    sing N N 58  
ASP CA  CB   sing N N 59  
ASP CA  HA   sing N N 60  
ASP C   O    doub N N 61  
ASP C   OXT  sing N N 62  
ASP CB  CG   sing N N 63  
ASP CB  HB2  sing N N 64  
ASP CB  HB3  sing N N 65  
ASP CG  OD1  doub N N 66  
ASP CG  OD2  sing N N 67  
ASP OD2 HD2  sing N N 68  
ASP OXT HXT  sing N N 69  
GLN N   CA   sing N N 70  
GLN N   H    sing N N 71  
GLN N   H2   sing N N 72  
GLN CA  C    sing N N 73  
GLN CA  CB   sing N N 74  
GLN CA  HA   sing N N 75  
GLN C   O    doub N N 76  
GLN C   OXT  sing N N 77  
GLN CB  CG   sing N N 78  
GLN CB  HB2  sing N N 79  
GLN CB  HB3  sing N N 80  
GLN CG  CD   sing N N 81  
GLN CG  HG2  sing N N 82  
GLN CG  HG3  sing N N 83  
GLN CD  OE1  doub N N 84  
GLN CD  NE2  sing N N 85  
GLN NE2 HE21 sing N N 86  
GLN NE2 HE22 sing N N 87  
GLN OXT HXT  sing N N 88  
GLU N   CA   sing N N 89  
GLU N   H    sing N N 90  
GLU N   H2   sing N N 91  
GLU CA  C    sing N N 92  
GLU CA  CB   sing N N 93  
GLU CA  HA   sing N N 94  
GLU C   O    doub N N 95  
GLU C   OXT  sing N N 96  
GLU CB  CG   sing N N 97  
GLU CB  HB2  sing N N 98  
GLU CB  HB3  sing N N 99  
GLU CG  CD   sing N N 100 
GLU CG  HG2  sing N N 101 
GLU CG  HG3  sing N N 102 
GLU CD  OE1  doub N N 103 
GLU CD  OE2  sing N N 104 
GLU OE2 HE2  sing N N 105 
GLU OXT HXT  sing N N 106 
GLY N   CA   sing N N 107 
GLY N   H    sing N N 108 
GLY N   H2   sing N N 109 
GLY CA  C    sing N N 110 
GLY CA  HA2  sing N N 111 
GLY CA  HA3  sing N N 112 
GLY C   O    doub N N 113 
GLY C   OXT  sing N N 114 
GLY OXT HXT  sing N N 115 
HIS N   CA   sing N N 116 
HIS N   H    sing N N 117 
HIS N   H2   sing N N 118 
HIS CA  C    sing N N 119 
HIS CA  CB   sing N N 120 
HIS CA  HA   sing N N 121 
HIS C   O    doub N N 122 
HIS C   OXT  sing N N 123 
HIS CB  CG   sing N N 124 
HIS CB  HB2  sing N N 125 
HIS CB  HB3  sing N N 126 
HIS CG  ND1  sing Y N 127 
HIS CG  CD2  doub Y N 128 
HIS ND1 CE1  doub Y N 129 
HIS ND1 HD1  sing N N 130 
HIS CD2 NE2  sing Y N 131 
HIS CD2 HD2  sing N N 132 
HIS CE1 NE2  sing Y N 133 
HIS CE1 HE1  sing N N 134 
HIS NE2 HE2  sing N N 135 
HIS OXT HXT  sing N N 136 
HOH O   H1   sing N N 137 
HOH O   H2   sing N N 138 
ILE N   CA   sing N N 139 
ILE N   H    sing N N 140 
ILE N   H2   sing N N 141 
ILE CA  C    sing N N 142 
ILE CA  CB   sing N N 143 
ILE CA  HA   sing N N 144 
ILE C   O    doub N N 145 
ILE C   OXT  sing N N 146 
ILE CB  CG1  sing N N 147 
ILE CB  CG2  sing N N 148 
ILE CB  HB   sing N N 149 
ILE CG1 CD1  sing N N 150 
ILE CG1 HG12 sing N N 151 
ILE CG1 HG13 sing N N 152 
ILE CG2 HG21 sing N N 153 
ILE CG2 HG22 sing N N 154 
ILE CG2 HG23 sing N N 155 
ILE CD1 HD11 sing N N 156 
ILE CD1 HD12 sing N N 157 
ILE CD1 HD13 sing N N 158 
ILE OXT HXT  sing N N 159 
LEU N   CA   sing N N 160 
LEU N   H    sing N N 161 
LEU N   H2   sing N N 162 
LEU CA  C    sing N N 163 
LEU CA  CB   sing N N 164 
LEU CA  HA   sing N N 165 
LEU C   O    doub N N 166 
LEU C   OXT  sing N N 167 
LEU CB  CG   sing N N 168 
LEU CB  HB2  sing N N 169 
LEU CB  HB3  sing N N 170 
LEU CG  CD1  sing N N 171 
LEU CG  CD2  sing N N 172 
LEU CG  HG   sing N N 173 
LEU CD1 HD11 sing N N 174 
LEU CD1 HD12 sing N N 175 
LEU CD1 HD13 sing N N 176 
LEU CD2 HD21 sing N N 177 
LEU CD2 HD22 sing N N 178 
LEU CD2 HD23 sing N N 179 
LEU OXT HXT  sing N N 180 
LYS N   CA   sing N N 181 
LYS N   H    sing N N 182 
LYS N   H2   sing N N 183 
LYS CA  C    sing N N 184 
LYS CA  CB   sing N N 185 
LYS CA  HA   sing N N 186 
LYS C   O    doub N N 187 
LYS C   OXT  sing N N 188 
LYS CB  CG   sing N N 189 
LYS CB  HB2  sing N N 190 
LYS CB  HB3  sing N N 191 
LYS CG  CD   sing N N 192 
LYS CG  HG2  sing N N 193 
LYS CG  HG3  sing N N 194 
LYS CD  CE   sing N N 195 
LYS CD  HD2  sing N N 196 
LYS CD  HD3  sing N N 197 
LYS CE  NZ   sing N N 198 
LYS CE  HE2  sing N N 199 
LYS CE  HE3  sing N N 200 
LYS NZ  HZ1  sing N N 201 
LYS NZ  HZ2  sing N N 202 
LYS NZ  HZ3  sing N N 203 
LYS OXT HXT  sing N N 204 
MET N   CA   sing N N 205 
MET N   H    sing N N 206 
MET N   H2   sing N N 207 
MET CA  C    sing N N 208 
MET CA  CB   sing N N 209 
MET CA  HA   sing N N 210 
MET C   O    doub N N 211 
MET C   OXT  sing N N 212 
MET CB  CG   sing N N 213 
MET CB  HB2  sing N N 214 
MET CB  HB3  sing N N 215 
MET CG  SD   sing N N 216 
MET CG  HG2  sing N N 217 
MET CG  HG3  sing N N 218 
MET SD  CE   sing N N 219 
MET CE  HE1  sing N N 220 
MET CE  HE2  sing N N 221 
MET CE  HE3  sing N N 222 
MET OXT HXT  sing N N 223 
PHE N   CA   sing N N 224 
PHE N   H    sing N N 225 
PHE N   H2   sing N N 226 
PHE CA  C    sing N N 227 
PHE CA  CB   sing N N 228 
PHE CA  HA   sing N N 229 
PHE C   O    doub N N 230 
PHE C   OXT  sing N N 231 
PHE CB  CG   sing N N 232 
PHE CB  HB2  sing N N 233 
PHE CB  HB3  sing N N 234 
PHE CG  CD1  doub Y N 235 
PHE CG  CD2  sing Y N 236 
PHE CD1 CE1  sing Y N 237 
PHE CD1 HD1  sing N N 238 
PHE CD2 CE2  doub Y N 239 
PHE CD2 HD2  sing N N 240 
PHE CE1 CZ   doub Y N 241 
PHE CE1 HE1  sing N N 242 
PHE CE2 CZ   sing Y N 243 
PHE CE2 HE2  sing N N 244 
PHE CZ  HZ   sing N N 245 
PHE OXT HXT  sing N N 246 
PRO N   CA   sing N N 247 
PRO N   CD   sing N N 248 
PRO N   H    sing N N 249 
PRO CA  C    sing N N 250 
PRO CA  CB   sing N N 251 
PRO CA  HA   sing N N 252 
PRO C   O    doub N N 253 
PRO C   OXT  sing N N 254 
PRO CB  CG   sing N N 255 
PRO CB  HB2  sing N N 256 
PRO CB  HB3  sing N N 257 
PRO CG  CD   sing N N 258 
PRO CG  HG2  sing N N 259 
PRO CG  HG3  sing N N 260 
PRO CD  HD2  sing N N 261 
PRO CD  HD3  sing N N 262 
PRO OXT HXT  sing N N 263 
SER N   CA   sing N N 264 
SER N   H    sing N N 265 
SER N   H2   sing N N 266 
SER CA  C    sing N N 267 
SER CA  CB   sing N N 268 
SER CA  HA   sing N N 269 
SER C   O    doub N N 270 
SER C   OXT  sing N N 271 
SER CB  OG   sing N N 272 
SER CB  HB2  sing N N 273 
SER CB  HB3  sing N N 274 
SER OG  HG   sing N N 275 
SER OXT HXT  sing N N 276 
SO4 S   O1   doub N N 277 
SO4 S   O2   doub N N 278 
SO4 S   O3   sing N N 279 
SO4 S   O4   sing N N 280 
THR N   CA   sing N N 281 
THR N   H    sing N N 282 
THR N   H2   sing N N 283 
THR CA  C    sing N N 284 
THR CA  CB   sing N N 285 
THR CA  HA   sing N N 286 
THR C   O    doub N N 287 
THR C   OXT  sing N N 288 
THR CB  OG1  sing N N 289 
THR CB  CG2  sing N N 290 
THR CB  HB   sing N N 291 
THR OG1 HG1  sing N N 292 
THR CG2 HG21 sing N N 293 
THR CG2 HG22 sing N N 294 
THR CG2 HG23 sing N N 295 
THR OXT HXT  sing N N 296 
TRP N   CA   sing N N 297 
TRP N   H    sing N N 298 
TRP N   H2   sing N N 299 
TRP CA  C    sing N N 300 
TRP CA  CB   sing N N 301 
TRP CA  HA   sing N N 302 
TRP C   O    doub N N 303 
TRP C   OXT  sing N N 304 
TRP CB  CG   sing N N 305 
TRP CB  HB2  sing N N 306 
TRP CB  HB3  sing N N 307 
TRP CG  CD1  doub Y N 308 
TRP CG  CD2  sing Y N 309 
TRP CD1 NE1  sing Y N 310 
TRP CD1 HD1  sing N N 311 
TRP CD2 CE2  doub Y N 312 
TRP CD2 CE3  sing Y N 313 
TRP NE1 CE2  sing Y N 314 
TRP NE1 HE1  sing N N 315 
TRP CE2 CZ2  sing Y N 316 
TRP CE3 CZ3  doub Y N 317 
TRP CE3 HE3  sing N N 318 
TRP CZ2 CH2  doub Y N 319 
TRP CZ2 HZ2  sing N N 320 
TRP CZ3 CH2  sing Y N 321 
TRP CZ3 HZ3  sing N N 322 
TRP CH2 HH2  sing N N 323 
TRP OXT HXT  sing N N 324 
TYR N   CA   sing N N 325 
TYR N   H    sing N N 326 
TYR N   H2   sing N N 327 
TYR CA  C    sing N N 328 
TYR CA  CB   sing N N 329 
TYR CA  HA   sing N N 330 
TYR C   O    doub N N 331 
TYR C   OXT  sing N N 332 
TYR CB  CG   sing N N 333 
TYR CB  HB2  sing N N 334 
TYR CB  HB3  sing N N 335 
TYR CG  CD1  doub Y N 336 
TYR CG  CD2  sing Y N 337 
TYR CD1 CE1  sing Y N 338 
TYR CD1 HD1  sing N N 339 
TYR CD2 CE2  doub Y N 340 
TYR CD2 HD2  sing N N 341 
TYR CE1 CZ   doub Y N 342 
TYR CE1 HE1  sing N N 343 
TYR CE2 CZ   sing Y N 344 
TYR CE2 HE2  sing N N 345 
TYR CZ  OH   sing N N 346 
TYR OH  HH   sing N N 347 
TYR OXT HXT  sing N N 348 
VAL N   CA   sing N N 349 
VAL N   H    sing N N 350 
VAL N   H2   sing N N 351 
VAL CA  C    sing N N 352 
VAL CA  CB   sing N N 353 
VAL CA  HA   sing N N 354 
VAL C   O    doub N N 355 
VAL C   OXT  sing N N 356 
VAL CB  CG1  sing N N 357 
VAL CB  CG2  sing N N 358 
VAL CB  HB   sing N N 359 
VAL CG1 HG11 sing N N 360 
VAL CG1 HG12 sing N N 361 
VAL CG1 HG13 sing N N 362 
VAL CG2 HG21 sing N N 363 
VAL CG2 HG22 sing N N 364 
VAL CG2 HG23 sing N N 365 
VAL OXT HXT  sing N N 366 
# 
loop_
_pdbx_entity_nonpoly.entity_id 
_pdbx_entity_nonpoly.name 
_pdbx_entity_nonpoly.comp_id 
2 'SULFATE ION' SO4 
3 water         HOH 
# 
_pdbx_initial_refinement_model.id               1 
_pdbx_initial_refinement_model.entity_id_list   ? 
_pdbx_initial_refinement_model.type             'experimental model' 
_pdbx_initial_refinement_model.source_name      PDB 
_pdbx_initial_refinement_model.accession_code   3TA8 
_pdbx_initial_refinement_model.details          'PDB ENTRY 3TA8' 
# 
